data_5FOB
#
_entry.id   5FOB
#
_cell.length_a   68.891
_cell.length_b   83.311
_cell.length_c   127.377
_cell.angle_alpha   75.03
_cell.angle_beta   76.20
_cell.angle_gamma   68.50
#
_symmetry.space_group_name_H-M   'P 1'
#
loop_
_entity.id
_entity.type
_entity.pdbx_description
1 polymer 'COMPLEMENT C3 BETA CHAIN'
2 polymer "COMPLEMENT C3B ALPHA' CHAIN"
3 polymer 'SMALLPOX INHIBITOR OF COMPLEMENT SPICE, D15L'
4 branched beta-D-mannopyranose-(1-4)-2-acetamido-2-deoxy-beta-D-glucopyranose-(1-4)-[alpha-L-fucopyranose-(1-6)]2-acetamido-2-deoxy-beta-D-glucopyranose
5 branched 2-acetamido-2-deoxy-beta-D-glucopyranose-(1-4)-2-acetamido-2-deoxy-beta-D-glucopyranose
6 non-polymer 'CHLORIDE ION'
7 non-polymer GLYCEROL
8 non-polymer 'SODIUM ION'
9 non-polymer 'IODIDE ION'
10 water water
#
loop_
_entity_poly.entity_id
_entity_poly.type
_entity_poly.pdbx_seq_one_letter_code
_entity_poly.pdbx_strand_id
1 'polypeptide(L)'
;SPMYSIITPNILRLESEETMVLEAHDAQGDVPVTVTVHDFPGKKLVLSSEKTVLTPATNHMGNVTFTIPANREFKSEKGR
NKFVTVQATFGTQVVEKVVLVSLQSGYLFIQTDKTIYTPGSTVLYRIFTVNHKLLPVGRTVMVNIENPEGIPVKQDSLSS
QNQLGVLPLSWDIPELVNMGQWKIRAYYENSPQQVFSTEFEVKEYVLPSFEVIVEPTEKFYYIYNEKGLEVTITARFLYG
KKVEGTAFVIFGIQDGEQRISLPESLKRIPIEDGSGEVVLSRKVLLDGVQNPRAEDLVGKSLYVSATVILHSGSDMVQAE
RSGIPIVTSPYQIHFTKTPKYFKPGMPFDLMVFVTNPDGSPAYRVPVAVQGEDTVQSLTQGDGVAKLSINTHPSQKPLSI
TVRTKKQELSEAEQATRTMQALPYSTVGNSNNYLHLSVLRTELRPGETLNVNFLLRMDRAHEAKIRYYTYLIMNKGRLLK
AGRQVREPGQDLVVLPLSITTDFIPSFRLVAYYTLIGASGQREVVADSVWVDVKDSCVGSLVVKSGQSEDRQPVPGQQMT
LKIEGDHGARVVLVAVDKGVFVLNKKNKLTQSKIWDVVEKADIGCTPGSGKDYAGVFSDAGLTFTSSSGQQTAQRAELQC
PQPAA
;
A
2 'polypeptide(L)'
;SNLDEDIIAEENIVSRSEFPESWLWNVEDLKEPPKNGISTKLMNIFLKDSITTWEILAVSMSDKKGICVADPFEVTVMQD
FFIDLRLPYSVVRNEQVEIRAVLYNYRQNQELKVRVELLHNPAFCSLATTKRRHQQTVTIPPKSSLSVPYVIVPLKTGLQ
EVEVKAAVYHHFISDGVRKSLKVVPEGIRMNKTVAVRTLDPERLGREGVQKEDIPPADLSDQVPDTESETRILLQGTPVA
QMTEDAVDAERLKHLIVTPSGCGEENMIGMTPTVIAVHYLDETEQWEKFGLEKRQGALELIKKGYTQQLAFRQPSSAFAA
FVKRAPSTWLTAYVVKVFSLAVNLIAIDSQVLCGAVKWLILEKQKPDGVFQEDAPVIHQEMIGGLRNNNEKDMALTAFVL
ISLQEAKDICEEQVNSLPGSITKAGDFLEANYMNLQRSYTVAIAGYALAQMGRLKGPLLNKFLTTAKDKNRWEDPGKQLY
NVEATSYALLALLQLKDFDFVPPVVRWLNEQRYYGGGYGSTQATFMVFQALAQYQKDAPDHQELNLDVSLQLPSRSSKIT
HRIHWESASLLRSEETKENEGFTVTAEGKGQGTLSVVTMYHAKAKDQLTCNKFDLKVTIKPAPETEKRPQDAKNTMILEI
CTRYRGDQDATMSILDISMMTGFAPDTDDLKQLANGVDRYISKYELDKAFSDRNTLIIYLDKVSHSEDDCLAFKVHQYFN
VELIQPGAVKVYAYYNLEESCTRFYHPEKEDGKLNKLCRDELCRCAEENCFIQKSDDKVTLEERLDKACEPGVDYVYKTR
LVKVQLSNDFDEYIMAIEQTIKSGSDEVQVGQQRTFISPIKCREALKLEEKKHYLMWGLSSDFWGEKPNLSYIIGKDTWV
EHWPEEDECQDEENQKQCQDLGAFTESMVVFGCPN
;
B
3 'polypeptide(L)'
;SCCTIPSRPINMKFKNSVETDANANYNIGDTIEYLCLPGYRKQKMGPIYAKCTGTGWTLFNQCIKRRCPSPRDIDNGHLD
IGGVDFGSSITYSCNSGYYLIGEYKSYCKLGSTGSMVWNPKAPICESVKCQLPPSISNGRHNGYNDFYTDGSVVTYSCNS
GYSLIGNSGVLCSGGEWSNPPTCQIVKCPHPTILNGYLSSGFKRSYSYNDNVDFTCKYGYKLSGSSSSTCSPGNTWQPEL
PKCVR
;
C
#
loop_
_chem_comp.id
_chem_comp.type
_chem_comp.name
_chem_comp.formula
BMA D-saccharide, beta linking beta-D-mannopyranose 'C6 H12 O6'
CL non-polymer 'CHLORIDE ION' 'Cl -1'
FUC L-saccharide, alpha linking alpha-L-fucopyranose 'C6 H12 O5'
GOL non-polymer GLYCEROL 'C3 H8 O3'
IOD non-polymer 'IODIDE ION' 'I -1'
NA non-polymer 'SODIUM ION' 'Na 1'
NAG D-saccharide, beta linking 2-acetamido-2-deoxy-beta-D-glucopyranose 'C8 H15 N O6'
#
# COMPACT_ATOMS: atom_id res chain seq x y z
N SER A 1 26.85 35.57 -39.32
CA SER A 1 27.48 34.89 -38.20
C SER A 1 26.63 33.70 -37.73
N PRO A 2 27.15 32.49 -37.93
CA PRO A 2 26.45 31.25 -37.57
C PRO A 2 26.14 31.17 -36.08
N MET A 3 24.94 30.69 -35.73
CA MET A 3 24.61 30.55 -34.32
C MET A 3 24.26 29.11 -33.94
N TYR A 4 24.78 28.68 -32.80
CA TYR A 4 24.58 27.31 -32.35
C TYR A 4 23.63 27.27 -31.17
N SER A 5 22.65 26.38 -31.23
CA SER A 5 21.69 26.28 -30.14
C SER A 5 21.42 24.83 -29.70
N ILE A 6 21.07 24.67 -28.44
CA ILE A 6 20.71 23.37 -27.89
C ILE A 6 19.40 23.48 -27.12
N ILE A 7 18.56 22.46 -27.26
CA ILE A 7 17.28 22.42 -26.56
C ILE A 7 17.12 21.08 -25.83
N THR A 8 16.82 21.14 -24.54
CA THR A 8 16.58 19.92 -23.76
C THR A 8 15.32 20.11 -22.91
N PRO A 9 14.76 19.01 -22.37
CA PRO A 9 13.66 19.18 -21.43
C PRO A 9 14.05 20.00 -20.19
N ASN A 10 13.09 20.80 -19.71
CA ASN A 10 13.31 21.69 -18.57
C ASN A 10 13.78 20.92 -17.34
N ILE A 11 13.28 19.70 -17.20
CA ILE A 11 13.61 18.86 -16.06
C ILE A 11 14.14 17.50 -16.54
N LEU A 12 15.23 17.05 -15.92
CA LEU A 12 15.90 15.83 -16.35
C LEU A 12 15.74 14.70 -15.34
N ARG A 13 15.27 13.54 -15.81
CA ARG A 13 14.94 12.42 -14.93
C ARG A 13 16.02 11.34 -14.87
N LEU A 14 16.24 10.82 -13.66
CA LEU A 14 17.18 9.72 -13.46
C LEU A 14 16.64 8.46 -14.09
N GLU A 15 17.53 7.62 -14.62
CA GLU A 15 17.16 6.34 -15.22
C GLU A 15 16.15 6.46 -16.36
N SER A 16 16.08 7.63 -16.98
CA SER A 16 15.13 7.86 -18.05
C SER A 16 15.82 8.32 -19.34
N GLU A 17 15.32 7.84 -20.48
CA GLU A 17 15.88 8.25 -21.76
C GLU A 17 15.50 9.68 -22.06
N GLU A 18 16.51 10.52 -22.26
CA GLU A 18 16.30 11.91 -22.61
C GLU A 18 16.96 12.22 -23.94
N THR A 19 16.50 13.27 -24.59
CA THR A 19 17.02 13.68 -25.89
C THR A 19 17.45 15.15 -25.85
N MET A 20 18.58 15.43 -26.51
CA MET A 20 19.07 16.79 -26.65
C MET A 20 19.11 17.16 -28.13
N VAL A 21 18.49 18.28 -28.47
CA VAL A 21 18.43 18.71 -29.86
C VAL A 21 19.41 19.83 -30.18
N LEU A 22 20.27 19.59 -31.17
CA LEU A 22 21.31 20.52 -31.57
C LEU A 22 21.00 21.14 -32.93
N GLU A 23 21.13 22.46 -32.98
CA GLU A 23 20.86 23.22 -34.20
C GLU A 23 21.99 24.17 -34.56
N ALA A 24 22.30 24.26 -35.85
CA ALA A 24 23.22 25.26 -36.35
C ALA A 24 22.46 26.17 -37.30
N HIS A 25 22.69 27.48 -37.20
CA HIS A 25 22.02 28.44 -38.04
C HIS A 25 23.05 29.17 -38.88
N ASP A 26 22.81 29.24 -40.19
CA ASP A 26 23.70 29.89 -41.14
C ASP A 26 25.10 29.28 -41.14
N ALA A 27 25.17 27.96 -41.01
CA ALA A 27 26.44 27.26 -40.98
C ALA A 27 26.67 26.43 -42.25
N GLN A 28 27.90 26.45 -42.75
CA GLN A 28 28.24 25.73 -43.98
C GLN A 28 29.10 24.51 -43.68
N GLY A 29 28.86 23.43 -44.41
CA GLY A 29 29.62 22.21 -44.25
C GLY A 29 29.25 21.42 -43.01
N ASP A 30 29.88 20.26 -42.85
CA ASP A 30 29.68 19.41 -41.68
C ASP A 30 30.13 20.12 -40.42
N VAL A 31 29.38 19.93 -39.33
CA VAL A 31 29.74 20.50 -38.05
C VAL A 31 29.87 19.40 -37.00
N PRO A 32 31.07 19.25 -36.42
CA PRO A 32 31.30 18.22 -35.40
C PRO A 32 30.90 18.69 -34.01
N VAL A 33 30.00 17.96 -33.36
CA VAL A 33 29.59 18.30 -32.00
C VAL A 33 29.82 17.18 -30.99
N THR A 34 30.37 17.55 -29.85
CA THR A 34 30.52 16.63 -28.73
C THR A 34 29.72 17.11 -27.52
N VAL A 35 28.82 16.27 -27.04
CA VAL A 35 27.96 16.60 -25.93
C VAL A 35 28.26 15.76 -24.69
N THR A 36 28.48 16.41 -23.56
CA THR A 36 28.70 15.71 -22.30
C THR A 36 27.78 16.26 -21.21
N VAL A 37 27.41 15.39 -20.29
CA VAL A 37 26.62 15.80 -19.12
C VAL A 37 27.44 15.55 -17.86
N HIS A 38 27.50 16.56 -16.99
CA HIS A 38 28.28 16.48 -15.76
C HIS A 38 27.39 16.80 -14.58
N ASP A 39 27.80 16.39 -13.37
CA ASP A 39 27.08 16.78 -12.17
C ASP A 39 27.42 18.23 -11.81
N PHE A 40 26.44 18.96 -11.32
CA PHE A 40 26.65 20.34 -10.87
C PHE A 40 26.56 20.38 -9.36
N PRO A 41 27.46 21.14 -8.71
CA PRO A 41 28.54 21.93 -9.31
C PRO A 41 29.87 21.17 -9.28
N GLY A 42 29.88 20.00 -8.67
CA GLY A 42 31.10 19.27 -8.40
C GLY A 42 31.90 18.79 -9.60
N LYS A 43 31.25 18.69 -10.77
CA LYS A 43 31.84 18.14 -11.99
C LYS A 43 32.74 16.91 -11.74
N LYS A 44 32.39 16.13 -10.73
CA LYS A 44 33.21 15.04 -10.26
C LYS A 44 33.25 13.90 -11.28
N LEU A 45 32.09 13.60 -11.86
CA LEU A 45 31.98 12.47 -12.77
C LEU A 45 31.21 12.80 -14.06
N VAL A 46 31.58 12.13 -15.15
CA VAL A 46 30.82 12.24 -16.38
C VAL A 46 29.61 11.33 -16.33
N LEU A 47 28.43 11.92 -16.39
CA LEU A 47 27.20 11.15 -16.36
C LEU A 47 26.93 10.53 -17.71
N SER A 48 27.23 11.28 -18.77
CA SER A 48 27.10 10.77 -20.13
C SER A 48 28.00 11.53 -21.10
N SER A 49 28.41 10.83 -22.15
CA SER A 49 29.20 11.44 -23.21
C SER A 49 28.75 10.86 -24.55
N GLU A 50 28.43 11.73 -25.49
CA GLU A 50 28.04 11.32 -26.84
C GLU A 50 28.58 12.30 -27.87
N LYS A 51 28.70 11.85 -29.11
CA LYS A 51 29.15 12.70 -30.20
C LYS A 51 28.23 12.55 -31.40
N THR A 52 28.20 13.58 -32.24
CA THR A 52 27.38 13.55 -33.45
C THR A 52 27.85 14.66 -34.39
N VAL A 53 27.82 14.40 -35.70
CA VAL A 53 28.15 15.44 -36.66
C VAL A 53 26.93 15.85 -37.48
N LEU A 54 26.60 17.14 -37.42
CA LEU A 54 25.54 17.72 -38.21
C LEU A 54 25.98 17.79 -39.66
N THR A 55 25.22 17.16 -40.56
CA THR A 55 25.54 17.21 -41.98
C THR A 55 24.60 18.19 -42.68
N PRO A 56 25.09 18.83 -43.76
CA PRO A 56 24.27 19.80 -44.48
C PRO A 56 23.11 19.11 -45.17
N ALA A 57 23.23 17.82 -45.40
CA ALA A 57 22.20 17.04 -46.07
C ALA A 57 20.96 16.83 -45.19
N THR A 58 21.18 16.66 -43.89
CA THR A 58 20.07 16.43 -42.97
C THR A 58 19.31 17.70 -42.63
N ASN A 59 19.67 18.80 -43.30
CA ASN A 59 19.19 20.13 -42.92
C ASN A 59 19.66 20.46 -41.51
N HIS A 60 20.97 20.50 -41.33
CA HIS A 60 21.63 20.94 -40.09
C HIS A 60 20.91 20.71 -38.76
N MET A 61 20.22 19.58 -38.63
CA MET A 61 19.51 19.26 -37.40
C MET A 61 20.00 17.95 -36.79
N GLY A 62 20.34 17.97 -35.51
CA GLY A 62 20.85 16.76 -34.87
C GLY A 62 20.26 16.45 -33.51
N ASN A 63 20.31 15.19 -33.09
CA ASN A 63 19.99 14.83 -31.71
C ASN A 63 20.96 13.87 -31.06
N VAL A 64 21.10 14.00 -29.74
CA VAL A 64 21.84 13.05 -28.94
C VAL A 64 20.97 12.53 -27.80
N THR A 65 20.81 11.21 -27.71
CA THR A 65 20.02 10.63 -26.64
C THR A 65 20.92 10.10 -25.54
N PHE A 66 20.56 10.40 -24.30
CA PHE A 66 21.37 10.03 -23.15
C PHE A 66 20.49 9.66 -21.97
N THR A 67 21.00 8.76 -21.14
CA THR A 67 20.32 8.39 -19.91
C THR A 67 21.27 8.68 -18.76
N ILE A 68 20.86 9.57 -17.87
CA ILE A 68 21.65 9.82 -16.68
C ILE A 68 21.81 8.49 -15.96
N PRO A 69 23.02 8.22 -15.44
CA PRO A 69 23.26 6.92 -14.81
C PRO A 69 22.34 6.71 -13.61
N ALA A 70 21.80 5.50 -13.49
CA ALA A 70 20.94 5.13 -12.38
C ALA A 70 21.63 5.39 -11.04
N ASN A 71 22.96 5.26 -11.06
CA ASN A 71 23.83 5.36 -9.88
C ASN A 71 23.45 6.45 -8.88
N ARG A 72 22.92 7.56 -9.40
CA ARG A 72 22.53 8.72 -8.59
C ARG A 72 23.59 9.09 -7.56
N GLU A 73 24.85 9.10 -8.02
CA GLU A 73 26.02 9.31 -7.17
C GLU A 73 25.84 10.59 -6.38
N PHE A 74 25.34 11.60 -7.08
CA PHE A 74 24.85 12.82 -6.43
C PHE A 74 23.69 12.52 -5.48
N LYS A 75 23.97 12.70 -4.19
CA LYS A 75 23.11 12.24 -3.14
C LYS A 75 21.84 13.03 -3.03
N SER A 76 20.73 12.31 -2.96
CA SER A 76 19.46 12.85 -2.61
C SER A 76 19.52 13.41 -1.18
N GLU A 77 18.97 14.61 -1.01
CA GLU A 77 18.67 15.21 0.30
C GLU A 77 19.69 16.18 0.92
N LYS A 78 19.21 17.21 1.63
CA LYS A 78 17.79 17.52 1.81
C LYS A 78 17.11 17.80 0.49
N GLY A 79 15.98 17.11 0.28
CA GLY A 79 15.31 17.04 -0.99
C GLY A 79 15.36 18.32 -1.81
N ARG A 80 15.87 18.23 -3.02
CA ARG A 80 16.05 19.38 -3.93
C ARG A 80 17.12 20.35 -3.43
N ASN A 81 17.84 20.97 -4.35
CA ASN A 81 17.68 20.75 -5.78
C ASN A 81 18.97 20.24 -6.41
N LYS A 82 18.85 19.17 -7.17
CA LYS A 82 19.98 18.63 -7.91
C LYS A 82 20.05 19.21 -9.31
N PHE A 83 21.28 19.44 -9.78
CA PHE A 83 21.50 20.04 -11.08
C PHE A 83 22.60 19.33 -11.85
N VAL A 84 22.52 19.40 -13.17
CA VAL A 84 23.62 18.94 -14.01
C VAL A 84 24.01 20.00 -15.03
N THR A 85 25.26 19.99 -15.45
CA THR A 85 25.70 20.88 -16.52
C THR A 85 25.68 20.12 -17.84
N VAL A 86 24.96 20.66 -18.81
CA VAL A 86 24.90 20.06 -20.13
C VAL A 86 25.75 20.87 -21.10
N GLN A 87 26.73 20.22 -21.72
CA GLN A 87 27.67 20.92 -22.59
C GLN A 87 27.66 20.35 -24.00
N ALA A 88 27.50 21.22 -24.99
CA ALA A 88 27.63 20.85 -26.39
C ALA A 88 28.72 21.71 -27.01
N THR A 89 29.69 21.07 -27.67
CA THR A 89 30.76 21.82 -28.33
C THR A 89 30.77 21.56 -29.83
N PHE A 90 30.56 22.61 -30.61
CA PHE A 90 30.49 22.58 -32.07
C PHE A 90 31.74 23.22 -32.66
N GLY A 91 32.63 22.39 -33.21
CA GLY A 91 33.85 22.88 -33.82
C GLY A 91 34.58 23.89 -32.96
N THR A 92 34.91 23.49 -31.74
CA THR A 92 35.60 24.32 -30.73
C THR A 92 34.74 25.40 -30.06
N GLN A 93 33.48 25.51 -30.46
CA GLN A 93 32.57 26.50 -29.85
C GLN A 93 31.68 25.86 -28.78
N VAL A 94 31.81 26.32 -27.54
CA VAL A 94 31.13 25.68 -26.42
C VAL A 94 29.83 26.37 -26.01
N VAL A 95 28.78 25.59 -25.83
CA VAL A 95 27.50 26.08 -25.33
C VAL A 95 27.05 25.19 -24.16
N GLU A 96 26.84 25.81 -23.00
CA GLU A 96 26.50 25.04 -21.80
C GLU A 96 25.27 25.59 -21.07
N LYS A 97 24.47 24.67 -20.54
CA LYS A 97 23.28 25.05 -19.80
C LYS A 97 23.12 24.18 -18.56
N VAL A 98 22.86 24.81 -17.42
CA VAL A 98 22.60 24.05 -16.21
C VAL A 98 21.13 23.70 -16.11
N VAL A 99 20.85 22.41 -15.96
CA VAL A 99 19.48 21.90 -15.96
C VAL A 99 19.11 21.23 -14.64
N LEU A 100 17.86 21.39 -14.25
CA LEU A 100 17.31 20.82 -13.03
C LEU A 100 17.13 19.31 -13.16
N VAL A 101 17.34 18.60 -12.06
CA VAL A 101 17.23 17.14 -12.02
C VAL A 101 16.12 16.67 -11.09
N SER A 102 15.26 15.80 -11.61
CA SER A 102 14.23 15.14 -10.82
C SER A 102 14.61 13.68 -10.64
N LEU A 103 14.60 13.23 -9.38
CA LEU A 103 15.06 11.90 -9.05
C LEU A 103 14.08 10.82 -9.44
N GLN A 104 12.86 11.22 -9.76
CA GLN A 104 11.82 10.28 -10.16
C GLN A 104 12.30 9.47 -11.36
N SER A 105 12.03 8.18 -11.34
CA SER A 105 12.59 7.27 -12.34
C SER A 105 11.52 6.47 -13.09
N GLY A 106 10.25 6.73 -12.78
CA GLY A 106 9.16 5.99 -13.41
C GLY A 106 7.90 5.94 -12.56
N TYR A 107 6.97 5.08 -12.95
CA TYR A 107 5.70 4.95 -12.25
C TYR A 107 5.49 3.58 -11.61
N LEU A 108 4.75 3.60 -10.50
CA LEU A 108 4.29 2.37 -9.85
C LEU A 108 2.77 2.38 -9.81
N PHE A 109 2.15 1.24 -10.03
CA PHE A 109 0.71 1.15 -9.85
C PHE A 109 0.36 -0.05 -8.97
N ILE A 110 -0.49 0.16 -7.98
CA ILE A 110 -0.81 -0.90 -7.02
C ILE A 110 -2.22 -1.44 -7.23
N GLN A 111 -2.35 -2.76 -7.28
CA GLN A 111 -3.66 -3.38 -7.43
C GLN A 111 -3.91 -4.40 -6.34
N THR A 112 -4.95 -4.19 -5.55
CA THR A 112 -5.38 -5.20 -4.59
C THR A 112 -6.47 -6.06 -5.22
N ASP A 113 -6.71 -7.25 -4.67
CA ASP A 113 -7.74 -8.13 -5.21
C ASP A 113 -9.15 -7.64 -4.87
N LYS A 114 -9.28 -6.96 -3.74
CA LYS A 114 -10.58 -6.40 -3.33
C LYS A 114 -10.42 -4.98 -2.77
N THR A 115 -11.55 -4.34 -2.45
CA THR A 115 -11.53 -2.98 -1.94
C THR A 115 -11.72 -2.95 -0.43
N ILE A 116 -12.16 -4.08 0.11
CA ILE A 116 -12.43 -4.18 1.54
C ILE A 116 -12.11 -5.59 2.07
N TYR A 117 -11.63 -5.66 3.30
CA TYR A 117 -11.17 -6.92 3.89
C TYR A 117 -11.60 -7.09 5.35
N THR A 118 -11.84 -8.34 5.74
CA THR A 118 -12.11 -8.67 7.14
C THR A 118 -10.80 -8.94 7.87
N PRO A 119 -10.79 -8.73 9.19
CA PRO A 119 -9.62 -9.11 10.01
C PRO A 119 -9.38 -10.61 9.88
N GLY A 120 -8.12 -11.03 9.82
CA GLY A 120 -7.79 -12.44 9.70
C GLY A 120 -7.61 -12.90 8.28
N SER A 121 -8.08 -12.10 7.32
CA SER A 121 -7.97 -12.45 5.90
C SER A 121 -6.64 -11.98 5.30
N THR A 122 -6.47 -12.21 4.00
CA THR A 122 -5.23 -11.89 3.30
C THR A 122 -5.44 -10.91 2.14
N VAL A 123 -4.68 -9.82 2.16
CA VAL A 123 -4.69 -8.86 1.08
C VAL A 123 -3.69 -9.27 0.00
N LEU A 124 -4.21 -9.61 -1.18
CA LEU A 124 -3.38 -9.94 -2.31
C LEU A 124 -3.14 -8.66 -3.10
N TYR A 125 -1.89 -8.37 -3.45
CA TYR A 125 -1.66 -7.19 -4.28
C TYR A 125 -0.55 -7.35 -5.31
N ARG A 126 -0.52 -6.46 -6.28
CA ARG A 126 0.48 -6.50 -7.34
C ARG A 126 1.00 -5.09 -7.59
N ILE A 127 2.32 -4.95 -7.66
CA ILE A 127 2.94 -3.67 -7.95
C ILE A 127 3.52 -3.68 -9.36
N PHE A 128 2.88 -2.90 -10.23
CA PHE A 128 3.34 -2.76 -11.60
C PHE A 128 4.42 -1.68 -11.65
N THR A 129 5.59 -2.09 -12.16
CA THR A 129 6.78 -1.26 -12.17
C THR A 129 7.11 -0.84 -13.60
N VAL A 130 6.90 0.43 -13.92
CA VAL A 130 7.12 0.91 -15.28
C VAL A 130 8.01 2.14 -15.31
N ASN A 131 8.60 2.42 -16.47
CA ASN A 131 9.35 3.67 -16.66
C ASN A 131 8.41 4.78 -17.16
N HIS A 132 8.98 5.93 -17.52
CA HIS A 132 8.18 7.07 -17.99
C HIS A 132 7.58 6.80 -19.37
N LYS A 133 8.08 5.78 -20.04
CA LYS A 133 7.53 5.38 -21.32
C LYS A 133 6.38 4.40 -21.10
N LEU A 134 6.12 4.12 -19.83
CA LEU A 134 5.13 3.14 -19.40
C LEU A 134 5.47 1.71 -19.80
N LEU A 135 6.76 1.44 -20.01
CA LEU A 135 7.21 0.10 -20.31
C LEU A 135 7.67 -0.62 -19.05
N PRO A 136 7.45 -1.94 -18.99
CA PRO A 136 7.95 -2.75 -17.87
C PRO A 136 9.44 -2.56 -17.64
N VAL A 137 9.83 -2.54 -16.37
CA VAL A 137 11.20 -2.25 -16.00
C VAL A 137 11.56 -3.07 -14.75
N GLY A 138 12.83 -3.44 -14.62
CA GLY A 138 13.28 -4.24 -13.51
C GLY A 138 14.07 -3.40 -12.51
N ARG A 139 13.43 -3.01 -11.42
CA ARG A 139 14.07 -2.14 -10.43
C ARG A 139 13.81 -2.55 -8.99
N THR A 140 14.39 -1.81 -8.06
CA THR A 140 14.20 -2.03 -6.64
C THR A 140 13.15 -1.09 -6.04
N VAL A 141 12.18 -1.68 -5.36
CA VAL A 141 11.04 -0.97 -4.81
C VAL A 141 10.96 -1.14 -3.30
N MET A 142 10.74 -0.03 -2.60
CA MET A 142 10.48 -0.06 -1.17
CA MET A 142 10.48 -0.07 -1.18
C MET A 142 8.97 -0.08 -0.98
N VAL A 143 8.48 -1.01 -0.18
CA VAL A 143 7.04 -1.15 0.06
C VAL A 143 6.70 -1.08 1.55
N ASN A 144 5.70 -0.27 1.87
CA ASN A 144 5.22 -0.14 3.24
C ASN A 144 3.73 -0.41 3.32
N ILE A 145 3.30 -1.05 4.40
CA ILE A 145 1.88 -1.12 4.73
C ILE A 145 1.60 -0.24 5.95
N GLU A 146 0.67 0.70 5.81
CA GLU A 146 0.37 1.67 6.85
C GLU A 146 -1.03 1.49 7.42
N ASN A 147 -1.12 1.54 8.74
CA ASN A 147 -2.38 1.44 9.47
C ASN A 147 -3.20 2.73 9.34
N PRO A 148 -4.48 2.71 9.77
CA PRO A 148 -5.29 3.93 9.73
C PRO A 148 -4.63 5.11 10.46
N GLU A 149 -3.75 4.82 11.41
CA GLU A 149 -3.07 5.88 12.15
C GLU A 149 -1.93 6.49 11.31
N GLY A 150 -1.54 5.79 10.26
CA GLY A 150 -0.50 6.27 9.38
C GLY A 150 0.87 5.68 9.69
N ILE A 151 0.89 4.76 10.64
CA ILE A 151 2.14 4.11 11.05
C ILE A 151 2.43 2.90 10.17
N PRO A 152 3.69 2.76 9.72
CA PRO A 152 4.06 1.59 8.93
C PRO A 152 4.18 0.35 9.80
N VAL A 153 3.42 -0.69 9.47
CA VAL A 153 3.46 -1.94 10.24
C VAL A 153 4.38 -2.96 9.58
N LYS A 154 4.68 -2.75 8.30
CA LYS A 154 5.50 -3.67 7.55
C LYS A 154 6.27 -2.95 6.45
N GLN A 155 7.56 -3.28 6.32
CA GLN A 155 8.47 -2.57 5.43
C GLN A 155 9.40 -3.55 4.72
N ASP A 156 9.28 -3.61 3.39
CA ASP A 156 10.04 -4.57 2.60
C ASP A 156 10.81 -3.89 1.46
N SER A 157 11.96 -4.45 1.11
CA SER A 157 12.74 -3.97 -0.02
C SER A 157 12.84 -5.09 -1.06
N LEU A 158 12.17 -4.89 -2.20
CA LEU A 158 12.00 -5.96 -3.18
C LEU A 158 12.55 -5.57 -4.55
N SER A 159 12.71 -6.55 -5.44
CA SER A 159 13.08 -6.27 -6.82
C SER A 159 12.10 -6.91 -7.78
N SER A 160 11.76 -6.17 -8.84
CA SER A 160 10.86 -6.67 -9.86
C SER A 160 11.64 -7.24 -11.05
N GLN A 161 12.94 -7.41 -10.86
CA GLN A 161 13.77 -7.96 -11.93
C GLN A 161 13.31 -9.37 -12.29
N ASN A 162 13.16 -9.63 -13.58
CA ASN A 162 12.65 -10.91 -14.10
C ASN A 162 11.16 -11.15 -13.83
N GLN A 163 10.48 -10.11 -13.33
CA GLN A 163 9.05 -10.22 -13.01
C GLN A 163 8.15 -9.64 -14.10
N LEU A 164 8.75 -9.30 -15.23
CA LEU A 164 8.04 -8.71 -16.37
C LEU A 164 7.20 -7.50 -15.97
N GLY A 165 7.70 -6.71 -15.02
CA GLY A 165 7.04 -5.50 -14.60
C GLY A 165 5.86 -5.70 -13.67
N VAL A 166 5.64 -6.94 -13.21
CA VAL A 166 4.56 -7.24 -12.28
C VAL A 166 5.09 -7.91 -11.01
N LEU A 167 4.93 -7.23 -9.88
CA LEU A 167 5.44 -7.74 -8.60
C LEU A 167 4.30 -8.22 -7.69
N PRO A 168 4.04 -9.54 -7.67
CA PRO A 168 2.96 -10.11 -6.87
C PRO A 168 3.33 -10.32 -5.41
N LEU A 169 2.54 -9.72 -4.52
CA LEU A 169 2.78 -9.75 -3.08
C LEU A 169 1.49 -10.06 -2.33
N SER A 170 1.62 -10.26 -1.03
CA SER A 170 0.47 -10.51 -0.16
C SER A 170 0.79 -10.09 1.26
N TRP A 171 -0.24 -9.69 2.02
CA TRP A 171 -0.06 -9.35 3.43
C TRP A 171 -1.19 -10.00 4.25
N ASP A 172 -0.82 -10.60 5.38
CA ASP A 172 -1.81 -11.21 6.25
C ASP A 172 -2.31 -10.24 7.32
N ILE A 173 -3.60 -9.93 7.28
CA ILE A 173 -4.23 -9.09 8.28
C ILE A 173 -4.43 -9.89 9.57
N PRO A 174 -3.86 -9.42 10.68
CA PRO A 174 -4.05 -10.06 11.99
C PRO A 174 -5.52 -10.14 12.37
N GLU A 175 -5.88 -11.10 13.21
CA GLU A 175 -7.26 -11.28 13.65
C GLU A 175 -7.68 -10.12 14.56
N LEU A 176 -6.76 -9.66 15.38
CA LEU A 176 -6.97 -8.47 16.18
C LEU A 176 -6.28 -7.31 15.49
N VAL A 177 -7.06 -6.48 14.80
CA VAL A 177 -6.50 -5.42 13.99
C VAL A 177 -7.33 -4.14 14.10
N ASN A 178 -6.68 -3.00 13.99
CA ASN A 178 -7.36 -1.72 13.96
C ASN A 178 -8.13 -1.57 12.65
N MET A 179 -9.44 -1.35 12.74
CA MET A 179 -10.28 -1.12 11.57
C MET A 179 -9.95 0.24 10.97
N GLY A 180 -10.39 0.45 9.74
CA GLY A 180 -10.21 1.73 9.07
C GLY A 180 -9.61 1.61 7.69
N GLN A 181 -9.19 2.75 7.14
CA GLN A 181 -8.55 2.78 5.83
C GLN A 181 -7.06 2.52 5.95
N TRP A 182 -6.60 1.42 5.34
CA TRP A 182 -5.19 1.04 5.33
C TRP A 182 -4.57 1.44 3.99
N LYS A 183 -3.27 1.68 4.00
CA LYS A 183 -2.59 2.13 2.79
C LYS A 183 -1.41 1.25 2.41
N ILE A 184 -1.31 0.92 1.12
CA ILE A 184 -0.09 0.33 0.60
C ILE A 184 0.69 1.43 -0.12
N ARG A 185 1.90 1.71 0.34
CA ARG A 185 2.70 2.79 -0.23
C ARG A 185 4.05 2.28 -0.73
N ALA A 186 4.32 2.44 -2.02
CA ALA A 186 5.56 1.97 -2.59
C ALA A 186 6.28 3.06 -3.37
N TYR A 187 7.62 2.96 -3.42
CA TYR A 187 8.40 3.88 -4.24
C TYR A 187 9.64 3.21 -4.81
N TYR A 188 10.12 3.72 -5.93
CA TYR A 188 11.40 3.26 -6.46
C TYR A 188 12.49 3.65 -5.47
N GLU A 189 13.40 2.72 -5.21
CA GLU A 189 14.45 2.94 -4.21
C GLU A 189 15.22 4.24 -4.48
N ASN A 190 15.55 4.45 -5.75
CA ASN A 190 16.30 5.62 -6.17
C ASN A 190 15.54 6.95 -6.07
N SER A 191 14.21 6.87 -5.99
CA SER A 191 13.36 8.06 -5.97
C SER A 191 12.42 8.07 -4.77
N PRO A 192 12.97 8.27 -3.56
CA PRO A 192 12.19 8.20 -2.32
C PRO A 192 11.09 9.24 -2.21
N GLN A 193 11.24 10.37 -2.91
CA GLN A 193 10.26 11.45 -2.80
C GLN A 193 8.95 11.20 -3.56
N GLN A 194 9.00 10.35 -4.58
CA GLN A 194 7.80 10.04 -5.34
C GLN A 194 7.16 8.74 -4.86
N VAL A 195 6.15 8.90 -4.00
CA VAL A 195 5.48 7.76 -3.38
C VAL A 195 4.14 7.48 -4.05
N PHE A 196 3.94 6.24 -4.47
CA PHE A 196 2.69 5.83 -5.08
C PHE A 196 1.90 5.01 -4.07
N SER A 197 0.59 5.17 -4.04
CA SER A 197 -0.21 4.56 -2.98
C SER A 197 -1.53 3.96 -3.46
N THR A 198 -2.08 3.07 -2.66
CA THR A 198 -3.45 2.60 -2.85
C THR A 198 -4.04 2.35 -1.47
N GLU A 199 -5.37 2.26 -1.39
CA GLU A 199 -6.03 2.08 -0.09
C GLU A 199 -6.96 0.89 -0.09
N PHE A 200 -7.15 0.30 1.09
CA PHE A 200 -8.15 -0.74 1.27
C PHE A 200 -8.76 -0.66 2.67
N GLU A 201 -10.05 -0.95 2.78
CA GLU A 201 -10.72 -0.87 4.06
C GLU A 201 -10.65 -2.18 4.81
N VAL A 202 -10.46 -2.10 6.12
CA VAL A 202 -10.54 -3.27 6.97
C VAL A 202 -11.72 -3.12 7.92
N LYS A 203 -12.61 -4.10 7.87
CA LYS A 203 -13.90 -3.98 8.56
C LYS A 203 -14.54 -5.34 8.70
N GLU A 204 -15.25 -5.55 9.80
CA GLU A 204 -16.04 -6.77 9.97
C GLU A 204 -17.33 -6.64 9.19
N TYR A 205 -17.61 -7.63 8.33
CA TYR A 205 -18.77 -7.56 7.46
C TYR A 205 -19.11 -8.92 6.86
N VAL A 206 -20.31 -9.00 6.29
CA VAL A 206 -20.68 -10.11 5.42
C VAL A 206 -21.16 -9.55 4.08
N LEU A 207 -20.98 -10.32 3.01
CA LEU A 207 -21.43 -9.89 1.69
C LEU A 207 -22.95 -9.84 1.63
N PRO A 208 -23.48 -8.75 1.06
CA PRO A 208 -24.93 -8.62 0.84
C PRO A 208 -25.35 -9.38 -0.41
N SER A 209 -26.65 -9.68 -0.51
CA SER A 209 -27.17 -10.45 -1.62
C SER A 209 -27.69 -9.57 -2.74
N PHE A 210 -27.83 -8.27 -2.47
CA PHE A 210 -28.32 -7.34 -3.48
C PHE A 210 -27.66 -5.97 -3.42
N GLU A 211 -27.84 -5.21 -4.49
CA GLU A 211 -27.32 -3.84 -4.59
C GLU A 211 -28.45 -2.82 -4.59
N VAL A 212 -28.15 -1.66 -4.00
CA VAL A 212 -29.05 -0.51 -3.99
C VAL A 212 -28.40 0.67 -4.71
N ILE A 213 -29.08 1.20 -5.71
CA ILE A 213 -28.61 2.32 -6.51
C ILE A 213 -29.56 3.50 -6.32
N VAL A 214 -29.05 4.57 -5.71
CA VAL A 214 -29.85 5.77 -5.50
C VAL A 214 -29.38 6.86 -6.46
N GLU A 215 -30.27 7.27 -7.35
CA GLU A 215 -29.93 8.25 -8.37
C GLU A 215 -30.95 9.37 -8.47
N PRO A 216 -30.47 10.61 -8.32
CA PRO A 216 -31.32 11.78 -8.52
C PRO A 216 -31.68 11.93 -9.99
N THR A 217 -32.85 12.52 -10.27
CA THR A 217 -33.32 12.70 -11.64
C THR A 217 -32.46 13.72 -12.38
N GLU A 218 -31.79 14.57 -11.61
CA GLU A 218 -30.83 15.51 -12.17
C GLU A 218 -29.52 15.36 -11.40
N LYS A 219 -28.39 15.51 -12.09
CA LYS A 219 -27.08 15.37 -11.46
C LYS A 219 -26.79 16.50 -10.48
N PHE A 220 -27.71 17.47 -10.41
CA PHE A 220 -27.55 18.64 -9.56
C PHE A 220 -28.90 19.04 -8.99
N TYR A 221 -28.90 20.00 -8.08
CA TYR A 221 -30.15 20.61 -7.63
C TYR A 221 -30.17 22.12 -7.91
N TYR A 222 -31.09 22.52 -8.78
CA TYR A 222 -31.28 23.92 -9.08
C TYR A 222 -31.96 24.57 -7.88
N ILE A 223 -31.34 25.61 -7.34
CA ILE A 223 -31.78 26.20 -6.07
C ILE A 223 -33.19 26.78 -6.14
N TYR A 224 -33.63 27.15 -7.34
CA TYR A 224 -34.94 27.77 -7.51
C TYR A 224 -35.97 26.78 -8.05
N ASN A 225 -35.58 25.51 -8.10
CA ASN A 225 -36.49 24.44 -8.53
C ASN A 225 -37.56 24.17 -7.47
N GLU A 226 -38.82 24.46 -7.81
CA GLU A 226 -39.93 24.30 -6.88
C GLU A 226 -40.22 22.83 -6.59
N LYS A 227 -39.91 21.97 -7.56
CA LYS A 227 -40.17 20.54 -7.44
C LYS A 227 -39.37 19.87 -6.33
N GLY A 228 -38.21 20.45 -6.01
CA GLY A 228 -37.33 19.85 -5.03
C GLY A 228 -36.44 18.80 -5.68
N LEU A 229 -35.76 18.01 -4.86
CA LEU A 229 -34.85 16.99 -5.37
C LEU A 229 -35.51 15.62 -5.44
N GLU A 230 -35.72 15.13 -6.67
CA GLU A 230 -36.32 13.82 -6.89
C GLU A 230 -35.27 12.72 -6.98
N VAL A 231 -35.44 11.67 -6.19
CA VAL A 231 -34.50 10.57 -6.13
C VAL A 231 -35.18 9.22 -6.41
N THR A 232 -34.58 8.45 -7.30
CA THR A 232 -35.03 7.10 -7.61
C THR A 232 -34.17 6.06 -6.89
N ILE A 233 -34.83 5.13 -6.21
CA ILE A 233 -34.16 4.03 -5.54
C ILE A 233 -34.38 2.75 -6.33
N THR A 234 -33.29 2.07 -6.67
CA THR A 234 -33.36 0.81 -7.39
C THR A 234 -32.69 -0.29 -6.56
N ALA A 235 -33.34 -1.43 -6.43
CA ALA A 235 -32.76 -2.54 -5.67
C ALA A 235 -32.82 -3.82 -6.47
N ARG A 236 -31.68 -4.48 -6.65
CA ARG A 236 -31.70 -5.74 -7.39
C ARG A 236 -30.66 -6.73 -6.88
N PHE A 237 -31.01 -8.01 -6.91
CA PHE A 237 -30.09 -9.05 -6.48
C PHE A 237 -28.90 -9.10 -7.42
N LEU A 238 -27.76 -9.50 -6.88
CA LEU A 238 -26.52 -9.50 -7.64
C LEU A 238 -26.59 -10.45 -8.83
N TYR A 239 -27.57 -11.36 -8.79
CA TYR A 239 -27.80 -12.28 -9.89
C TYR A 239 -28.82 -11.75 -10.90
N GLY A 240 -29.31 -10.53 -10.69
CA GLY A 240 -30.09 -9.84 -11.70
C GLY A 240 -31.57 -9.65 -11.40
N LYS A 241 -32.12 -10.44 -10.50
CA LYS A 241 -33.54 -10.37 -10.19
C LYS A 241 -33.88 -9.11 -9.39
N LYS A 242 -35.11 -8.66 -9.52
CA LYS A 242 -35.55 -7.44 -8.84
C LYS A 242 -35.95 -7.71 -7.40
N VAL A 243 -35.80 -6.69 -6.56
CA VAL A 243 -36.02 -6.82 -5.12
C VAL A 243 -37.38 -6.26 -4.67
N GLU A 244 -38.01 -6.96 -3.74
CA GLU A 244 -39.20 -6.45 -3.07
C GLU A 244 -38.89 -6.21 -1.59
N GLY A 245 -39.15 -5.00 -1.11
CA GLY A 245 -38.85 -4.65 0.27
C GLY A 245 -39.25 -3.25 0.68
N THR A 246 -38.63 -2.77 1.76
CA THR A 246 -38.92 -1.44 2.28
C THR A 246 -37.65 -0.62 2.37
N ALA A 247 -37.73 0.63 1.93
CA ALA A 247 -36.57 1.51 1.96
C ALA A 247 -36.80 2.68 2.91
N PHE A 248 -35.73 3.08 3.58
CA PHE A 248 -35.72 4.29 4.40
C PHE A 248 -34.75 5.26 3.74
N VAL A 249 -35.24 6.44 3.40
CA VAL A 249 -34.42 7.43 2.73
C VAL A 249 -34.33 8.71 3.53
N ILE A 250 -33.11 9.23 3.69
CA ILE A 250 -32.89 10.49 4.40
C ILE A 250 -31.90 11.38 3.63
N PHE A 251 -32.09 12.70 3.74
CA PHE A 251 -31.23 13.63 3.03
C PHE A 251 -30.38 14.46 3.97
N GLY A 252 -29.31 15.03 3.43
CA GLY A 252 -28.47 15.95 4.18
C GLY A 252 -27.73 16.94 3.31
N ILE A 253 -27.13 17.95 3.94
CA ILE A 253 -26.33 18.94 3.22
C ILE A 253 -24.87 18.77 3.58
N GLN A 254 -24.00 18.79 2.58
CA GLN A 254 -22.57 18.78 2.83
C GLN A 254 -21.96 20.14 2.49
N ASP A 255 -21.27 20.71 3.46
CA ASP A 255 -20.54 21.96 3.25
C ASP A 255 -19.11 21.75 3.69
N GLY A 256 -18.22 21.52 2.73
CA GLY A 256 -16.84 21.21 3.02
C GLY A 256 -16.71 19.83 3.62
N GLU A 257 -16.23 19.74 4.85
CA GLU A 257 -16.11 18.48 5.56
C GLU A 257 -17.37 18.17 6.34
N GLN A 258 -17.98 19.21 6.90
CA GLN A 258 -19.15 19.06 7.76
C GLN A 258 -20.38 18.54 7.01
N ARG A 259 -21.19 17.77 7.73
CA ARG A 259 -22.44 17.24 7.20
C ARG A 259 -23.60 17.58 8.13
N ILE A 260 -24.66 18.14 7.56
CA ILE A 260 -25.85 18.49 8.33
C ILE A 260 -27.02 17.62 7.92
N SER A 261 -27.47 16.76 8.83
CA SER A 261 -28.57 15.86 8.55
C SER A 261 -29.89 16.62 8.47
N LEU A 262 -30.83 16.10 7.69
CA LEU A 262 -32.16 16.69 7.60
C LEU A 262 -33.19 15.69 8.12
N PRO A 263 -33.39 15.66 9.45
CA PRO A 263 -34.29 14.70 10.13
C PRO A 263 -35.67 14.60 9.50
N GLU A 264 -36.23 15.74 9.11
CA GLU A 264 -37.58 15.78 8.56
C GLU A 264 -37.67 15.25 7.13
N SER A 265 -36.53 15.00 6.51
CA SER A 265 -36.50 14.44 5.16
C SER A 265 -36.71 12.93 5.20
N LEU A 266 -36.60 12.35 6.39
CA LEU A 266 -36.74 10.91 6.55
C LEU A 266 -38.08 10.39 6.06
N LYS A 267 -38.04 9.50 5.07
CA LYS A 267 -39.24 8.90 4.53
C LYS A 267 -39.08 7.39 4.41
N ARG A 268 -40.20 6.69 4.54
CA ARG A 268 -40.20 5.24 4.42
C ARG A 268 -41.11 4.84 3.26
N ILE A 269 -40.52 4.24 2.22
CA ILE A 269 -41.26 3.94 1.01
C ILE A 269 -41.14 2.46 0.62
N PRO A 270 -42.18 1.91 -0.02
CA PRO A 270 -42.10 0.53 -0.50
C PRO A 270 -41.24 0.40 -1.75
N ILE A 271 -40.45 -0.67 -1.82
CA ILE A 271 -39.70 -1.01 -3.02
C ILE A 271 -40.44 -2.09 -3.79
N GLU A 272 -41.13 -1.68 -4.85
CA GLU A 272 -41.91 -2.60 -5.67
C GLU A 272 -41.28 -2.77 -7.04
N ASP A 273 -41.14 -4.01 -7.47
CA ASP A 273 -40.51 -4.34 -8.74
C ASP A 273 -39.10 -3.74 -8.82
N GLY A 274 -38.41 -3.72 -7.69
CA GLY A 274 -37.05 -3.23 -7.62
C GLY A 274 -36.93 -1.72 -7.67
N SER A 275 -38.04 -1.02 -7.53
CA SER A 275 -38.03 0.42 -7.68
C SER A 275 -38.82 1.18 -6.62
N GLY A 276 -38.37 2.40 -6.33
CA GLY A 276 -39.01 3.28 -5.36
C GLY A 276 -38.70 4.71 -5.72
N GLU A 277 -39.58 5.63 -5.33
CA GLU A 277 -39.38 7.05 -5.61
C GLU A 277 -39.51 7.86 -4.33
N VAL A 278 -38.69 8.90 -4.19
CA VAL A 278 -38.73 9.75 -2.99
C VAL A 278 -38.27 11.17 -3.30
N VAL A 279 -38.87 12.16 -2.65
CA VAL A 279 -38.54 13.55 -2.91
C VAL A 279 -38.05 14.29 -1.65
N LEU A 280 -37.04 15.13 -1.81
CA LEU A 280 -36.65 16.09 -0.78
C LEU A 280 -37.29 17.43 -1.15
N SER A 281 -38.16 17.93 -0.28
CA SER A 281 -38.89 19.16 -0.57
C SER A 281 -38.03 20.38 -0.28
N ARG A 282 -38.17 21.41 -1.13
CA ARG A 282 -37.43 22.65 -1.00
C ARG A 282 -37.62 23.28 0.37
N LYS A 283 -38.84 23.17 0.91
CA LYS A 283 -39.13 23.76 2.21
C LYS A 283 -38.39 23.05 3.33
N VAL A 284 -38.38 21.72 3.29
CA VAL A 284 -37.67 20.95 4.30
C VAL A 284 -36.19 21.27 4.29
N LEU A 285 -35.61 21.26 3.09
CA LEU A 285 -34.22 21.62 2.88
C LEU A 285 -33.91 23.00 3.46
N LEU A 286 -34.67 24.00 3.03
CA LEU A 286 -34.43 25.38 3.44
C LEU A 286 -34.65 25.59 4.93
N ASP A 287 -35.53 24.78 5.51
CA ASP A 287 -35.80 24.84 6.95
C ASP A 287 -34.69 24.16 7.74
N GLY A 288 -34.00 23.22 7.10
CA GLY A 288 -32.89 22.53 7.74
C GLY A 288 -31.74 23.45 8.08
N VAL A 289 -31.52 24.47 7.26
CA VAL A 289 -30.38 25.38 7.44
C VAL A 289 -30.72 26.65 8.22
N GLN A 290 -29.80 27.08 9.06
CA GLN A 290 -29.98 28.26 9.90
C GLN A 290 -30.17 29.55 9.09
N ASN A 291 -29.48 29.64 7.96
CA ASN A 291 -29.55 30.82 7.11
C ASN A 291 -30.84 30.87 6.28
N PRO A 292 -31.58 31.99 6.38
CA PRO A 292 -32.81 32.18 5.62
C PRO A 292 -32.59 32.40 4.12
N ARG A 293 -31.43 32.90 3.73
CA ARG A 293 -31.16 33.14 2.32
C ARG A 293 -30.78 31.85 1.61
N ALA A 294 -31.59 31.48 0.63
CA ALA A 294 -31.37 30.24 -0.13
C ALA A 294 -30.08 30.26 -0.95
N GLU A 295 -29.69 31.45 -1.41
CA GLU A 295 -28.52 31.60 -2.28
C GLU A 295 -27.23 31.17 -1.58
N ASP A 296 -27.27 31.13 -0.25
CA ASP A 296 -26.12 30.73 0.55
C ASP A 296 -25.87 29.22 0.45
N LEU A 297 -26.86 28.49 -0.06
CA LEU A 297 -26.70 27.05 -0.27
C LEU A 297 -25.93 26.72 -1.54
N VAL A 298 -25.74 27.72 -2.40
CA VAL A 298 -25.07 27.52 -3.67
C VAL A 298 -23.57 27.28 -3.49
N GLY A 299 -23.06 26.21 -4.10
CA GLY A 299 -21.67 25.82 -3.93
C GLY A 299 -21.55 24.65 -2.98
N LYS A 300 -22.63 24.41 -2.26
CA LYS A 300 -22.72 23.26 -1.36
C LYS A 300 -23.36 22.08 -2.08
N SER A 301 -23.39 20.93 -1.42
CA SER A 301 -23.91 19.72 -2.04
C SER A 301 -24.92 18.99 -1.15
N LEU A 302 -25.74 18.15 -1.78
CA LEU A 302 -26.73 17.36 -1.08
C LEU A 302 -26.31 15.90 -1.11
N TYR A 303 -26.67 15.15 -0.08
CA TYR A 303 -26.44 13.71 -0.09
C TYR A 303 -27.70 12.96 0.31
N VAL A 304 -27.85 11.76 -0.25
CA VAL A 304 -29.01 10.93 -0.01
C VAL A 304 -28.53 9.58 0.50
N SER A 305 -29.08 9.17 1.63
CA SER A 305 -28.82 7.84 2.17
C SER A 305 -30.07 7.00 2.06
N ALA A 306 -29.92 5.78 1.57
CA ALA A 306 -31.02 4.85 1.43
C ALA A 306 -30.66 3.50 2.06
N THR A 307 -31.54 3.01 2.92
CA THR A 307 -31.37 1.71 3.55
C THR A 307 -32.51 0.81 3.11
N VAL A 308 -32.19 -0.27 2.40
CA VAL A 308 -33.22 -1.17 1.91
C VAL A 308 -33.22 -2.50 2.67
N ILE A 309 -34.41 -2.90 3.11
CA ILE A 309 -34.62 -4.14 3.83
C ILE A 309 -35.51 -5.08 3.01
N LEU A 310 -35.01 -6.30 2.78
CA LEU A 310 -35.81 -7.32 2.13
C LEU A 310 -37.01 -7.66 3.01
N HIS A 311 -38.10 -8.10 2.38
CA HIS A 311 -39.32 -8.43 3.10
C HIS A 311 -39.10 -9.58 4.07
N SER A 312 -38.12 -10.43 3.78
CA SER A 312 -37.72 -11.51 4.68
C SER A 312 -37.06 -10.93 5.92
N GLY A 313 -36.40 -9.78 5.76
CA GLY A 313 -35.65 -9.18 6.84
C GLY A 313 -34.29 -9.83 6.95
N SER A 314 -34.04 -10.76 6.04
CA SER A 314 -32.80 -11.55 6.04
C SER A 314 -31.58 -10.73 5.61
N ASP A 315 -31.79 -9.74 4.74
CA ASP A 315 -30.67 -8.93 4.26
C ASP A 315 -31.01 -7.45 4.15
N MET A 316 -30.04 -6.62 4.52
CA MET A 316 -30.19 -5.17 4.52
C MET A 316 -29.00 -4.50 3.84
N VAL A 317 -29.26 -3.53 2.98
CA VAL A 317 -28.18 -2.84 2.27
C VAL A 317 -28.30 -1.32 2.36
N GLN A 318 -27.21 -0.67 2.77
CA GLN A 318 -27.18 0.78 2.82
CA GLN A 318 -27.17 0.79 2.82
C GLN A 318 -26.36 1.34 1.66
N ALA A 319 -26.85 2.42 1.06
CA ALA A 319 -26.15 3.01 -0.07
C ALA A 319 -26.32 4.52 -0.01
N GLU A 320 -25.28 5.24 -0.41
CA GLU A 320 -25.33 6.70 -0.40
C GLU A 320 -24.99 7.25 -1.76
N ARG A 321 -25.65 8.35 -2.13
CA ARG A 321 -25.28 9.12 -3.31
C ARG A 321 -25.01 10.53 -2.82
N SER A 322 -23.78 11.02 -2.99
CA SER A 322 -23.43 12.31 -2.44
C SER A 322 -22.83 13.24 -3.48
N GLY A 323 -22.51 14.46 -3.06
CA GLY A 323 -21.92 15.44 -3.95
C GLY A 323 -22.86 15.86 -5.06
N ILE A 324 -24.17 15.82 -4.78
CA ILE A 324 -25.15 16.41 -5.67
C ILE A 324 -25.09 17.92 -5.44
N PRO A 325 -24.48 18.66 -6.37
CA PRO A 325 -24.19 20.08 -6.15
C PRO A 325 -25.42 20.98 -6.28
N ILE A 326 -25.51 21.97 -5.40
CA ILE A 326 -26.57 22.96 -5.45
C ILE A 326 -26.13 24.13 -6.32
N VAL A 327 -26.87 24.39 -7.38
CA VAL A 327 -26.41 25.34 -8.40
C VAL A 327 -27.43 26.42 -8.75
N THR A 328 -26.96 27.43 -9.48
CA THR A 328 -27.82 28.40 -10.12
C THR A 328 -27.68 28.24 -11.63
N SER A 329 -26.81 27.32 -12.03
CA SER A 329 -26.58 27.00 -13.43
C SER A 329 -26.25 25.52 -13.62
N PRO A 330 -26.84 24.89 -14.63
CA PRO A 330 -26.56 23.48 -14.92
C PRO A 330 -25.21 23.30 -15.63
N TYR A 331 -24.49 24.40 -15.85
CA TYR A 331 -23.24 24.36 -16.59
C TYR A 331 -22.11 25.12 -15.90
N GLN A 332 -20.87 24.73 -16.20
CA GLN A 332 -19.69 25.46 -15.77
C GLN A 332 -18.80 25.72 -17.00
N ILE A 333 -18.10 26.85 -17.00
CA ILE A 333 -17.15 27.13 -18.06
C ILE A 333 -15.73 27.14 -17.51
N HIS A 334 -14.80 26.56 -18.27
CA HIS A 334 -13.41 26.46 -17.87
C HIS A 334 -12.46 26.90 -18.99
N PHE A 335 -11.45 27.69 -18.60
CA PHE A 335 -10.43 28.20 -19.53
C PHE A 335 -9.09 27.52 -19.29
N THR A 336 -9.14 26.34 -18.69
CA THR A 336 -7.94 25.59 -18.33
C THR A 336 -7.17 25.09 -19.54
N LYS A 337 -7.78 25.16 -20.72
CA LYS A 337 -7.16 24.61 -21.92
C LYS A 337 -6.81 25.69 -22.93
N THR A 338 -6.98 26.95 -22.53
CA THR A 338 -6.64 28.07 -23.40
C THR A 338 -5.37 28.78 -22.92
N PRO A 339 -4.50 29.17 -23.87
CA PRO A 339 -3.29 29.94 -23.57
C PRO A 339 -3.61 31.27 -22.86
N LYS A 340 -2.77 31.67 -21.91
CA LYS A 340 -2.96 32.94 -21.21
C LYS A 340 -2.12 34.07 -21.78
N TYR A 341 -1.66 33.90 -23.02
CA TYR A 341 -0.87 34.92 -23.70
C TYR A 341 -1.28 35.03 -25.16
N PHE A 342 -1.54 36.26 -25.59
CA PHE A 342 -1.91 36.52 -26.97
C PHE A 342 -0.82 37.33 -27.66
N LYS A 343 -0.85 37.33 -28.99
CA LYS A 343 0.09 38.10 -29.77
C LYS A 343 -0.70 39.17 -30.52
N PRO A 344 -0.46 40.44 -30.16
CA PRO A 344 -1.19 41.59 -30.69
C PRO A 344 -1.25 41.62 -32.22
N GLY A 345 -2.46 41.69 -32.76
CA GLY A 345 -2.65 41.74 -34.20
C GLY A 345 -2.92 40.39 -34.82
N MET A 346 -2.73 39.33 -34.05
CA MET A 346 -2.98 37.97 -34.54
C MET A 346 -4.17 37.36 -33.82
N PRO A 347 -5.00 36.62 -34.56
CA PRO A 347 -6.17 35.92 -34.00
C PRO A 347 -5.84 35.11 -32.76
N PHE A 348 -6.64 35.31 -31.71
CA PHE A 348 -6.46 34.60 -30.45
C PHE A 348 -7.47 33.48 -30.36
N ASP A 349 -6.97 32.28 -30.04
CA ASP A 349 -7.81 31.09 -29.98
C ASP A 349 -8.11 30.68 -28.55
N LEU A 350 -9.40 30.69 -28.24
CA LEU A 350 -9.91 30.24 -26.97
C LEU A 350 -10.40 28.80 -27.05
N MET A 351 -10.08 28.05 -26.00
CA MET A 351 -10.41 26.63 -25.91
C MET A 351 -11.37 26.40 -24.75
N VAL A 352 -12.64 26.71 -24.98
CA VAL A 352 -13.66 26.69 -23.91
C VAL A 352 -14.08 25.28 -23.53
N PHE A 353 -14.01 24.98 -22.23
CA PHE A 353 -14.41 23.65 -21.75
C PHE A 353 -15.67 23.74 -20.88
N VAL A 354 -16.77 23.21 -21.40
CA VAL A 354 -18.05 23.30 -20.68
C VAL A 354 -18.39 22.00 -19.97
N THR A 355 -18.62 22.06 -18.67
CA THR A 355 -18.94 20.85 -17.92
C THR A 355 -20.28 20.88 -17.21
N ASN A 356 -20.76 19.68 -16.86
CA ASN A 356 -21.89 19.51 -15.97
C ASN A 356 -21.40 19.70 -14.53
N PRO A 357 -22.32 19.96 -13.59
CA PRO A 357 -21.90 20.21 -12.20
C PRO A 357 -21.14 19.05 -11.54
N ASP A 358 -21.20 17.87 -12.13
CA ASP A 358 -20.52 16.71 -11.55
C ASP A 358 -19.11 16.57 -12.09
N GLY A 359 -18.76 17.45 -13.03
CA GLY A 359 -17.44 17.47 -13.61
C GLY A 359 -17.39 16.89 -15.01
N SER A 360 -18.45 16.18 -15.39
CA SER A 360 -18.54 15.56 -16.71
C SER A 360 -18.73 16.58 -17.82
N PRO A 361 -18.19 16.29 -19.00
CA PRO A 361 -18.32 17.16 -20.18
C PRO A 361 -19.77 17.34 -20.62
N ALA A 362 -20.07 18.49 -21.24
CA ALA A 362 -21.42 18.79 -21.71
C ALA A 362 -21.47 18.82 -23.24
N TYR A 363 -22.45 18.11 -23.79
CA TYR A 363 -22.53 17.92 -25.24
C TYR A 363 -23.53 18.89 -25.90
N ARG A 364 -23.18 19.34 -27.09
CA ARG A 364 -24.03 20.24 -27.88
C ARG A 364 -24.54 21.45 -27.08
N VAL A 365 -23.64 22.09 -26.35
CA VAL A 365 -23.97 23.30 -25.60
C VAL A 365 -23.40 24.52 -26.31
N PRO A 366 -24.28 25.45 -26.73
CA PRO A 366 -23.86 26.64 -27.46
C PRO A 366 -23.08 27.62 -26.57
N VAL A 367 -22.02 28.20 -27.12
CA VAL A 367 -21.14 29.07 -26.36
C VAL A 367 -20.69 30.26 -27.20
N ALA A 368 -20.68 31.45 -26.60
CA ALA A 368 -20.32 32.66 -27.34
C ALA A 368 -19.44 33.59 -26.52
N VAL A 369 -18.73 34.48 -27.22
CA VAL A 369 -17.88 35.47 -26.58
C VAL A 369 -18.65 36.76 -26.33
N GLN A 370 -18.74 37.17 -25.07
CA GLN A 370 -19.43 38.40 -24.72
C GLN A 370 -18.66 39.62 -25.21
N GLY A 371 -19.38 40.70 -25.48
CA GLY A 371 -18.78 41.93 -25.99
C GLY A 371 -18.49 41.85 -27.47
N GLU A 372 -18.91 40.75 -28.09
CA GLU A 372 -18.64 40.52 -29.49
C GLU A 372 -19.87 39.93 -30.21
N ASP A 373 -20.13 40.43 -31.42
CA ASP A 373 -21.25 39.93 -32.22
C ASP A 373 -21.00 38.50 -32.67
N THR A 374 -22.07 37.76 -32.93
CA THR A 374 -22.03 36.33 -33.30
C THR A 374 -21.06 35.45 -32.48
N VAL A 375 -20.17 34.77 -33.18
CA VAL A 375 -19.16 33.85 -32.60
C VAL A 375 -19.73 32.71 -31.75
N GLN A 376 -20.94 32.27 -32.08
CA GLN A 376 -21.49 31.09 -31.41
C GLN A 376 -20.71 29.84 -31.80
N SER A 377 -20.49 28.96 -30.83
CA SER A 377 -19.81 27.71 -31.10
C SER A 377 -20.38 26.59 -30.23
N LEU A 378 -20.67 25.46 -30.86
CA LEU A 378 -21.21 24.30 -30.15
C LEU A 378 -20.08 23.55 -29.43
N THR A 379 -20.46 22.63 -28.55
CA THR A 379 -19.49 21.81 -27.84
C THR A 379 -19.35 20.43 -28.46
N GLN A 380 -18.13 19.91 -28.45
CA GLN A 380 -17.86 18.57 -28.95
C GLN A 380 -18.21 17.52 -27.91
N GLY A 381 -17.89 16.26 -28.21
CA GLY A 381 -18.18 15.15 -27.31
C GLY A 381 -17.47 15.30 -25.99
N ASP A 382 -16.25 15.81 -26.05
CA ASP A 382 -15.43 16.01 -24.86
C ASP A 382 -15.77 17.32 -24.16
N GLY A 383 -16.87 17.95 -24.58
CA GLY A 383 -17.32 19.18 -23.99
C GLY A 383 -16.42 20.36 -24.32
N VAL A 384 -15.78 20.30 -25.48
CA VAL A 384 -14.84 21.34 -25.89
C VAL A 384 -15.34 22.14 -27.10
N ALA A 385 -15.32 23.46 -26.96
CA ALA A 385 -15.66 24.36 -28.06
C ALA A 385 -14.45 25.23 -28.38
N LYS A 386 -14.30 25.58 -29.66
CA LYS A 386 -13.22 26.46 -30.09
C LYS A 386 -13.75 27.81 -30.54
N LEU A 387 -13.14 28.87 -30.01
CA LEU A 387 -13.53 30.22 -30.36
C LEU A 387 -12.30 30.98 -30.84
N SER A 388 -12.51 31.97 -31.71
CA SER A 388 -11.41 32.82 -32.13
C SER A 388 -11.84 34.27 -32.15
N ILE A 389 -11.02 35.13 -31.57
CA ILE A 389 -11.29 36.57 -31.60
C ILE A 389 -10.11 37.28 -32.26
N ASN A 390 -10.40 38.20 -33.16
CA ASN A 390 -9.37 39.04 -33.73
C ASN A 390 -8.96 40.08 -32.70
N THR A 391 -7.67 40.25 -32.49
CA THR A 391 -7.20 41.26 -31.55
C THR A 391 -6.52 42.41 -32.28
N HIS A 392 -6.76 43.62 -31.77
CA HIS A 392 -6.06 44.79 -32.26
C HIS A 392 -4.61 44.72 -31.80
N PRO A 393 -3.67 45.08 -32.68
CA PRO A 393 -2.27 45.16 -32.25
C PRO A 393 -2.08 46.22 -31.18
N SER A 394 -1.74 45.81 -29.96
CA SER A 394 -1.45 46.71 -28.83
C SER A 394 -1.22 45.93 -27.55
N GLN A 395 -0.31 46.44 -26.72
CA GLN A 395 0.06 45.79 -25.46
C GLN A 395 -1.01 45.85 -24.38
N LYS A 396 -2.23 46.22 -24.76
CA LYS A 396 -3.33 46.29 -23.81
C LYS A 396 -3.80 44.87 -23.46
N PRO A 397 -3.89 44.57 -22.15
CA PRO A 397 -4.32 43.26 -21.65
C PRO A 397 -5.68 42.87 -22.20
N LEU A 398 -5.88 41.58 -22.47
CA LEU A 398 -7.11 41.13 -23.11
C LEU A 398 -8.07 40.49 -22.10
N SER A 399 -9.28 41.02 -22.04
CA SER A 399 -10.29 40.49 -21.14
C SER A 399 -11.40 39.83 -21.96
N ILE A 400 -11.53 38.51 -21.81
CA ILE A 400 -12.53 37.76 -22.56
C ILE A 400 -13.60 37.19 -21.63
N THR A 401 -14.87 37.34 -22.02
CA THR A 401 -15.98 36.73 -21.29
C THR A 401 -16.75 35.79 -22.20
N VAL A 402 -16.90 34.54 -21.75
CA VAL A 402 -17.64 33.52 -22.48
C VAL A 402 -18.91 33.15 -21.73
N ARG A 403 -20.02 33.08 -22.47
CA ARG A 403 -21.30 32.69 -21.89
C ARG A 403 -21.95 31.55 -22.67
N THR A 404 -22.73 30.74 -21.96
CA THR A 404 -23.50 29.68 -22.59
C THR A 404 -24.71 30.27 -23.30
N LYS A 405 -25.22 29.57 -24.30
CA LYS A 405 -26.32 30.07 -25.12
C LYS A 405 -27.45 29.06 -25.20
N LYS A 406 -27.63 28.28 -24.13
CA LYS A 406 -28.62 27.23 -24.11
C LYS A 406 -30.04 27.79 -24.23
N GLN A 407 -30.76 27.30 -25.23
CA GLN A 407 -32.03 27.86 -25.65
C GLN A 407 -33.13 27.78 -24.59
N GLU A 408 -33.21 26.65 -23.89
CA GLU A 408 -34.31 26.41 -22.95
C GLU A 408 -34.07 27.06 -21.59
N LEU A 409 -32.97 27.79 -21.47
CA LEU A 409 -32.56 28.35 -20.19
C LEU A 409 -32.79 29.86 -20.10
N SER A 410 -33.09 30.33 -18.89
CA SER A 410 -33.16 31.75 -18.63
C SER A 410 -31.75 32.30 -18.56
N GLU A 411 -31.62 33.63 -18.69
CA GLU A 411 -30.31 34.27 -18.70
C GLU A 411 -29.61 34.15 -17.35
N ALA A 412 -30.38 34.10 -16.28
CA ALA A 412 -29.84 33.92 -14.94
C ALA A 412 -29.28 32.50 -14.79
N GLU A 413 -29.77 31.59 -15.61
CA GLU A 413 -29.39 30.18 -15.53
C GLU A 413 -28.15 29.85 -16.35
N GLN A 414 -27.82 30.71 -17.30
CA GLN A 414 -26.67 30.47 -18.16
C GLN A 414 -25.36 30.55 -17.38
N ALA A 415 -24.34 29.87 -17.87
CA ALA A 415 -23.03 29.91 -17.25
C ALA A 415 -22.15 30.97 -17.89
N THR A 416 -21.25 31.55 -17.11
CA THR A 416 -20.37 32.60 -17.60
C THR A 416 -18.98 32.52 -16.97
N ARG A 417 -17.96 32.93 -17.73
CA ARG A 417 -16.59 32.91 -17.22
C ARG A 417 -15.72 33.96 -17.91
N THR A 418 -14.80 34.55 -17.16
CA THR A 418 -13.92 35.58 -17.71
C THR A 418 -12.44 35.25 -17.49
N MET A 419 -11.63 35.45 -18.52
CA MET A 419 -10.20 35.25 -18.41
C MET A 419 -9.40 36.43 -18.96
N GLN A 420 -8.18 36.58 -18.45
CA GLN A 420 -7.29 37.65 -18.91
CA GLN A 420 -7.29 37.65 -18.91
C GLN A 420 -6.05 37.08 -19.59
N ALA A 421 -5.72 37.59 -20.77
CA ALA A 421 -4.52 37.15 -21.47
C ALA A 421 -3.56 38.32 -21.69
N LEU A 422 -2.28 38.11 -21.37
CA LEU A 422 -1.28 39.16 -21.47
C LEU A 422 -0.64 39.18 -22.86
N PRO A 423 -0.08 40.34 -23.25
CA PRO A 423 0.57 40.40 -24.57
C PRO A 423 1.90 39.66 -24.58
N TYR A 424 2.15 38.90 -25.65
CA TYR A 424 3.47 38.33 -25.86
C TYR A 424 4.44 39.49 -26.01
N SER A 425 5.53 39.46 -25.25
CA SER A 425 6.50 40.54 -25.30
C SER A 425 7.63 40.23 -26.28
N THR A 426 7.67 40.98 -27.37
CA THR A 426 8.73 40.82 -28.37
C THR A 426 9.99 41.56 -27.94
N VAL A 427 11.11 41.20 -28.55
CA VAL A 427 12.40 41.79 -28.18
C VAL A 427 12.66 43.13 -28.86
N GLY A 428 12.75 44.19 -28.05
CA GLY A 428 13.07 45.52 -28.54
C GLY A 428 12.02 46.09 -29.48
N ASN A 429 10.75 45.87 -29.15
CA ASN A 429 9.63 46.35 -29.94
C ASN A 429 9.71 45.93 -31.41
N SER A 430 10.18 44.70 -31.63
CA SER A 430 10.38 44.20 -32.99
C SER A 430 9.06 43.98 -33.69
N ASN A 431 8.01 43.78 -32.90
CA ASN A 431 6.68 43.46 -33.42
C ASN A 431 6.67 42.23 -34.33
N ASN A 432 7.42 41.21 -33.92
CA ASN A 432 7.45 39.94 -34.62
C ASN A 432 6.81 38.85 -33.76
N TYR A 433 5.98 38.02 -34.36
CA TYR A 433 5.24 36.99 -33.65
C TYR A 433 5.02 35.74 -34.50
N LEU A 434 5.01 34.60 -33.82
CA LEU A 434 4.63 33.33 -34.42
C LEU A 434 3.38 32.81 -33.72
N HIS A 435 2.48 32.20 -34.48
CA HIS A 435 1.22 31.70 -33.95
C HIS A 435 0.89 30.32 -34.50
N LEU A 436 0.63 29.38 -33.60
CA LEU A 436 0.31 28.01 -33.96
C LEU A 436 -1.18 27.74 -33.77
N SER A 437 -1.78 27.01 -34.71
CA SER A 437 -3.20 26.69 -34.60
C SER A 437 -3.51 25.25 -35.02
N VAL A 438 -4.54 24.68 -34.43
CA VAL A 438 -4.94 23.30 -34.69
C VAL A 438 -6.46 23.16 -34.78
N LEU A 439 -6.92 22.11 -35.45
CA LEU A 439 -8.34 21.95 -35.76
C LEU A 439 -9.20 21.69 -34.52
N ARG A 440 -8.61 21.01 -33.55
CA ARG A 440 -9.22 20.78 -32.24
C ARG A 440 -10.37 19.76 -32.22
N THR A 441 -10.51 18.99 -33.30
CA THR A 441 -11.49 17.91 -33.30
C THR A 441 -11.00 16.81 -32.37
N GLU A 442 -11.88 15.87 -32.01
CA GLU A 442 -11.49 14.78 -31.13
C GLU A 442 -10.38 13.97 -31.82
N LEU A 443 -9.26 13.81 -31.12
CA LEU A 443 -8.05 13.28 -31.74
C LEU A 443 -7.70 11.86 -31.30
N ARG A 444 -7.40 11.01 -32.27
CA ARG A 444 -7.09 9.61 -32.02
C ARG A 444 -5.85 9.19 -32.80
N PRO A 445 -5.09 8.22 -32.27
CA PRO A 445 -3.93 7.70 -32.98
C PRO A 445 -4.30 7.05 -34.32
N GLY A 446 -3.43 7.14 -35.31
CA GLY A 446 -3.71 6.61 -36.63
C GLY A 446 -4.31 7.68 -37.53
N GLU A 447 -4.45 8.88 -36.98
CA GLU A 447 -4.96 10.03 -37.73
C GLU A 447 -3.88 11.10 -37.75
N THR A 448 -3.90 11.93 -38.80
CA THR A 448 -2.94 13.02 -38.91
C THR A 448 -3.60 14.39 -38.71
N LEU A 449 -2.94 15.23 -37.91
CA LEU A 449 -3.46 16.55 -37.61
C LEU A 449 -2.58 17.64 -38.23
N ASN A 450 -3.22 18.57 -38.92
CA ASN A 450 -2.51 19.68 -39.52
C ASN A 450 -2.24 20.77 -38.49
N VAL A 451 -0.98 21.19 -38.41
CA VAL A 451 -0.57 22.26 -37.52
C VAL A 451 -0.25 23.47 -38.37
N ASN A 452 -0.92 24.58 -38.07
CA ASN A 452 -0.76 25.79 -38.87
C ASN A 452 0.13 26.84 -38.23
N PHE A 453 1.11 27.29 -39.00
CA PHE A 453 2.10 28.26 -38.57
C PHE A 453 1.80 29.58 -39.25
N LEU A 454 1.63 30.64 -38.48
CA LEU A 454 1.36 31.95 -39.03
C LEU A 454 2.31 32.95 -38.40
N LEU A 455 3.00 33.75 -39.22
CA LEU A 455 3.87 34.77 -38.65
C LEU A 455 3.47 36.19 -39.04
N ARG A 456 3.62 37.11 -38.08
CA ARG A 456 3.48 38.53 -38.36
C ARG A 456 4.74 39.25 -37.92
N MET A 457 5.43 39.89 -38.87
CA MET A 457 6.66 40.58 -38.54
C MET A 457 6.93 41.61 -39.62
N ASP A 458 7.84 42.55 -39.36
CA ASP A 458 8.16 43.58 -40.34
C ASP A 458 8.61 42.95 -41.66
N ARG A 459 8.08 43.46 -42.77
CA ARG A 459 8.33 42.84 -44.07
C ARG A 459 9.75 43.08 -44.57
N ALA A 460 10.41 44.09 -44.00
CA ALA A 460 11.79 44.39 -44.38
C ALA A 460 12.73 43.26 -43.97
N HIS A 461 12.56 42.77 -42.75
CA HIS A 461 13.37 41.67 -42.23
C HIS A 461 12.68 40.33 -42.43
N GLU A 462 11.54 40.34 -43.11
CA GLU A 462 10.75 39.13 -43.33
C GLU A 462 11.49 38.06 -44.10
N ALA A 463 12.17 38.48 -45.17
CA ALA A 463 12.86 37.56 -46.09
C ALA A 463 13.82 36.58 -45.41
N LYS A 464 14.27 36.92 -44.22
CA LYS A 464 15.29 36.14 -43.51
C LYS A 464 14.83 34.75 -43.04
N ILE A 465 13.54 34.57 -42.83
CA ILE A 465 13.03 33.34 -42.21
C ILE A 465 12.75 32.22 -43.22
N ARG A 466 13.74 31.35 -43.43
CA ARG A 466 13.59 30.24 -44.35
C ARG A 466 12.81 29.06 -43.76
N TYR A 467 12.93 28.84 -42.45
CA TYR A 467 12.29 27.69 -41.82
C TYR A 467 11.76 27.96 -40.42
N TYR A 468 11.02 26.99 -39.90
CA TYR A 468 10.66 26.93 -38.49
C TYR A 468 11.21 25.62 -37.96
N THR A 469 11.46 25.58 -36.66
CA THR A 469 11.80 24.30 -36.03
C THR A 469 10.81 24.00 -34.92
N TYR A 470 10.35 22.76 -34.91
CA TYR A 470 9.35 22.33 -33.93
C TYR A 470 9.83 21.17 -33.07
N LEU A 471 9.39 21.18 -31.82
CA LEU A 471 9.75 20.16 -30.84
C LEU A 471 8.48 19.61 -30.22
N ILE A 472 8.39 18.29 -30.16
CA ILE A 472 7.22 17.61 -29.63
C ILE A 472 7.46 17.08 -28.22
N MET A 473 6.80 17.69 -27.25
CA MET A 473 6.87 17.26 -25.86
C MET A 473 5.72 16.33 -25.49
N ASN A 474 6.06 15.23 -24.84
CA ASN A 474 5.11 14.18 -24.49
C ASN A 474 5.61 13.37 -23.30
N LYS A 475 4.73 13.13 -22.33
CA LYS A 475 5.07 12.38 -21.12
C LYS A 475 6.35 12.85 -20.45
N GLY A 476 6.69 14.12 -20.65
CA GLY A 476 7.84 14.71 -19.99
C GLY A 476 9.12 14.70 -20.79
N ARG A 477 9.07 14.15 -22.00
CA ARG A 477 10.27 14.10 -22.84
C ARG A 477 10.01 14.52 -24.29
N LEU A 478 11.10 14.73 -25.03
CA LEU A 478 11.01 14.99 -26.44
C LEU A 478 10.75 13.69 -27.18
N LEU A 479 9.71 13.68 -28.01
CA LEU A 479 9.34 12.49 -28.76
C LEU A 479 9.77 12.64 -30.21
N LYS A 480 9.61 13.85 -30.72
CA LYS A 480 9.92 14.14 -32.11
C LYS A 480 10.43 15.56 -32.19
N ALA A 481 11.15 15.88 -33.25
CA ALA A 481 11.49 17.25 -33.56
C ALA A 481 11.74 17.34 -35.06
N GLY A 482 11.69 18.55 -35.61
CA GLY A 482 11.80 18.69 -37.04
C GLY A 482 11.72 20.11 -37.54
N ARG A 483 11.57 20.26 -38.85
CA ARG A 483 11.56 21.57 -39.46
C ARG A 483 10.44 21.73 -40.46
N GLN A 484 9.85 22.92 -40.49
CA GLN A 484 8.80 23.23 -41.45
C GLN A 484 9.22 24.42 -42.32
N VAL A 485 9.25 24.22 -43.63
CA VAL A 485 9.84 25.20 -44.54
C VAL A 485 8.85 26.26 -45.05
N ARG A 486 9.28 27.51 -45.02
CA ARG A 486 8.45 28.65 -45.42
C ARG A 486 9.21 29.57 -46.38
N GLU A 487 8.64 29.82 -47.54
CA GLU A 487 9.25 30.76 -48.49
C GLU A 487 8.93 32.18 -48.06
N PRO A 488 9.78 33.14 -48.42
CA PRO A 488 9.48 34.55 -48.09
C PRO A 488 8.18 35.00 -48.75
N GLY A 489 7.40 35.81 -48.02
CA GLY A 489 6.14 36.30 -48.53
C GLY A 489 4.97 35.42 -48.11
N GLN A 490 5.29 34.36 -47.37
CA GLN A 490 4.30 33.34 -47.02
C GLN A 490 3.89 33.41 -45.55
N ASP A 491 2.75 34.06 -45.30
CA ASP A 491 2.26 34.22 -43.93
C ASP A 491 1.86 32.91 -43.26
N LEU A 492 1.28 31.99 -44.02
CA LEU A 492 0.78 30.74 -43.45
C LEU A 492 1.44 29.50 -44.05
N VAL A 493 1.82 28.56 -43.17
CA VAL A 493 2.41 27.28 -43.58
C VAL A 493 1.72 26.16 -42.83
N VAL A 494 1.61 24.98 -43.45
CA VAL A 494 0.92 23.86 -42.83
C VAL A 494 1.79 22.62 -42.72
N LEU A 495 1.88 22.08 -41.50
CA LEU A 495 2.62 20.83 -41.26
C LEU A 495 1.66 19.69 -40.91
N PRO A 496 1.61 18.65 -41.75
CA PRO A 496 0.78 17.49 -41.41
C PRO A 496 1.52 16.55 -40.47
N LEU A 497 0.95 16.27 -39.29
CA LEU A 497 1.62 15.44 -38.30
C LEU A 497 0.85 14.16 -38.01
N SER A 498 1.48 13.02 -38.32
CA SER A 498 0.90 11.72 -38.05
C SER A 498 0.89 11.48 -36.53
N ILE A 499 -0.26 11.08 -36.01
CA ILE A 499 -0.39 10.86 -34.57
C ILE A 499 -0.48 9.37 -34.23
N THR A 500 0.31 8.97 -33.24
CA THR A 500 0.45 7.57 -32.86
C THR A 500 0.09 7.34 -31.40
N THR A 501 0.31 6.12 -30.94
CA THR A 501 0.07 5.77 -29.54
C THR A 501 1.10 6.42 -28.61
N ASP A 502 2.20 6.92 -29.19
CA ASP A 502 3.21 7.63 -28.43
C ASP A 502 2.69 8.98 -27.96
N PHE A 503 1.70 9.52 -28.67
CA PHE A 503 1.16 10.83 -28.37
C PHE A 503 0.15 10.79 -27.20
N ILE A 504 -0.25 9.60 -26.81
CA ILE A 504 -1.17 9.41 -25.70
C ILE A 504 -0.50 9.77 -24.36
N PRO A 505 -1.18 10.54 -23.50
CA PRO A 505 -2.55 11.04 -23.66
C PRO A 505 -2.65 12.48 -24.17
N SER A 506 -1.55 13.21 -24.22
CA SER A 506 -1.56 14.58 -24.75
C SER A 506 -0.16 15.01 -25.12
N PHE A 507 -0.05 16.00 -26.00
CA PHE A 507 1.27 16.52 -26.32
C PHE A 507 1.30 18.03 -26.56
N ARG A 508 2.50 18.59 -26.44
CA ARG A 508 2.71 20.00 -26.74
C ARG A 508 3.64 20.13 -27.92
N LEU A 509 3.30 21.02 -28.85
CA LEU A 509 4.20 21.34 -29.94
C LEU A 509 4.75 22.75 -29.74
N VAL A 510 6.07 22.86 -29.71
CA VAL A 510 6.72 24.16 -29.58
C VAL A 510 7.48 24.51 -30.85
N ALA A 511 7.08 25.59 -31.50
CA ALA A 511 7.75 26.01 -32.73
C ALA A 511 8.46 27.33 -32.53
N TYR A 512 9.62 27.49 -33.16
CA TYR A 512 10.33 28.76 -33.12
C TYR A 512 11.11 29.06 -34.40
N TYR A 513 11.36 30.34 -34.63
CA TYR A 513 12.27 30.78 -35.68
C TYR A 513 13.25 31.84 -35.15
N THR A 514 14.40 31.96 -35.82
CA THR A 514 15.43 32.90 -35.41
C THR A 514 15.93 33.73 -36.58
N LEU A 515 16.34 34.98 -36.30
CA LEU A 515 16.83 35.86 -37.34
C LEU A 515 17.76 36.92 -36.74
N ILE A 516 18.38 37.72 -37.61
CA ILE A 516 19.18 38.84 -37.15
C ILE A 516 18.30 40.06 -36.97
N GLY A 517 18.19 40.53 -35.73
CA GLY A 517 17.29 41.62 -35.39
C GLY A 517 17.64 42.93 -36.06
N ALA A 518 16.70 43.87 -36.01
CA ALA A 518 16.92 45.23 -36.51
C ALA A 518 17.94 45.93 -35.61
N SER A 519 18.17 45.36 -34.45
CA SER A 519 19.16 45.87 -33.50
C SER A 519 20.54 45.40 -33.90
N GLY A 520 20.62 44.46 -34.84
CA GLY A 520 21.87 43.85 -35.22
C GLY A 520 22.16 42.66 -34.32
N GLN A 521 21.39 42.57 -33.24
CA GLN A 521 21.50 41.47 -32.30
C GLN A 521 20.73 40.27 -32.84
N ARG A 522 20.94 39.11 -32.24
CA ARG A 522 20.20 37.92 -32.63
C ARG A 522 18.81 37.95 -32.00
N GLU A 523 17.83 37.39 -32.70
CA GLU A 523 16.44 37.45 -32.27
C GLU A 523 15.72 36.11 -32.44
N VAL A 524 15.14 35.63 -31.34
CA VAL A 524 14.43 34.35 -31.33
C VAL A 524 12.95 34.52 -30.97
N VAL A 525 12.08 33.98 -31.82
CA VAL A 525 10.63 34.08 -31.62
C VAL A 525 10.00 32.69 -31.53
N ALA A 526 9.20 32.48 -30.49
CA ALA A 526 8.64 31.15 -30.22
C ALA A 526 7.16 31.16 -29.87
N ASP A 527 6.52 30.00 -30.03
CA ASP A 527 5.14 29.80 -29.59
C ASP A 527 4.91 28.32 -29.29
N SER A 528 4.02 28.03 -28.36
CA SER A 528 3.73 26.65 -28.00
C SER A 528 2.23 26.41 -27.98
N VAL A 529 1.84 25.20 -28.35
CA VAL A 529 0.43 24.82 -28.35
C VAL A 529 0.25 23.46 -27.66
N TRP A 530 -0.86 23.30 -26.96
CA TRP A 530 -1.15 22.04 -26.29
C TRP A 530 -2.36 21.36 -26.92
N VAL A 531 -2.24 20.05 -27.12
CA VAL A 531 -3.31 19.28 -27.74
C VAL A 531 -3.58 17.98 -27.00
N ASP A 532 -4.86 17.73 -26.75
CA ASP A 532 -5.33 16.53 -26.09
C ASP A 532 -5.40 15.39 -27.11
N VAL A 533 -5.15 14.18 -26.63
CA VAL A 533 -5.32 12.99 -27.45
C VAL A 533 -6.26 12.04 -26.70
N LYS A 534 -7.12 11.34 -27.45
CA LYS A 534 -8.07 10.43 -26.82
C LYS A 534 -7.35 9.33 -26.04
N ASP A 535 -7.77 9.13 -24.80
CA ASP A 535 -7.16 8.10 -23.96
C ASP A 535 -7.63 6.72 -24.36
N SER A 536 -6.73 5.75 -24.23
CA SER A 536 -7.00 4.35 -24.51
C SER A 536 -5.77 3.59 -24.09
N CYS A 537 -5.83 2.27 -24.10
CA CYS A 537 -4.65 1.47 -23.87
C CYS A 537 -3.74 1.55 -25.09
N VAL A 538 -2.45 1.69 -24.88
CA VAL A 538 -1.49 1.46 -25.96
C VAL A 538 -1.54 -0.03 -26.23
N GLY A 539 -2.07 -0.41 -27.38
CA GLY A 539 -2.36 -1.80 -27.65
C GLY A 539 -3.71 -2.18 -27.07
N SER A 540 -3.99 -3.47 -27.00
CA SER A 540 -5.33 -3.92 -26.65
C SER A 540 -5.37 -5.08 -25.65
N LEU A 541 -6.44 -5.13 -24.87
CA LEU A 541 -6.68 -6.23 -23.95
C LEU A 541 -8.19 -6.41 -23.73
N VAL A 542 -8.70 -7.58 -24.09
CA VAL A 542 -10.13 -7.85 -24.01
C VAL A 542 -10.44 -9.21 -23.37
N VAL A 543 -11.40 -9.23 -22.44
CA VAL A 543 -11.86 -10.46 -21.80
C VAL A 543 -13.34 -10.67 -22.10
N LYS A 544 -13.68 -11.85 -22.62
CA LYS A 544 -15.09 -12.22 -22.80
C LYS A 544 -15.27 -13.72 -22.67
N SER A 545 -16.49 -14.20 -22.94
CA SER A 545 -16.80 -15.62 -22.82
C SER A 545 -16.31 -16.40 -24.03
N GLY A 546 -15.70 -17.56 -23.78
CA GLY A 546 -15.24 -18.43 -24.85
C GLY A 546 -16.32 -19.43 -25.24
N GLN A 547 -17.15 -19.79 -24.27
CA GLN A 547 -18.25 -20.73 -24.50
C GLN A 547 -19.22 -20.21 -25.56
N SER A 548 -19.65 -18.96 -25.42
CA SER A 548 -20.56 -18.32 -26.36
C SER A 548 -21.89 -19.06 -26.50
N GLU A 549 -22.25 -19.84 -25.49
CA GLU A 549 -23.50 -20.59 -25.49
C GLU A 549 -24.69 -19.66 -25.31
N ASP A 550 -24.41 -18.49 -24.74
CA ASP A 550 -25.41 -17.45 -24.47
C ASP A 550 -26.40 -17.85 -23.38
N ARG A 551 -26.15 -18.99 -22.75
CA ARG A 551 -26.96 -19.46 -21.65
C ARG A 551 -26.22 -19.28 -20.34
N GLN A 552 -26.94 -18.81 -19.31
CA GLN A 552 -26.33 -18.52 -18.02
C GLN A 552 -25.79 -19.75 -17.31
N PRO A 553 -24.55 -19.65 -16.80
CA PRO A 553 -23.87 -20.74 -16.09
C PRO A 553 -24.45 -20.97 -14.70
N VAL A 554 -24.29 -22.19 -14.20
CA VAL A 554 -24.75 -22.58 -12.86
C VAL A 554 -23.54 -22.71 -11.95
N PRO A 555 -23.74 -22.69 -10.62
CA PRO A 555 -22.62 -22.86 -9.68
C PRO A 555 -21.79 -24.11 -9.95
N GLY A 556 -20.46 -23.99 -9.83
CA GLY A 556 -19.58 -25.14 -9.99
C GLY A 556 -19.32 -25.56 -11.42
N GLN A 557 -20.12 -25.02 -12.34
CA GLN A 557 -19.95 -25.28 -13.77
C GLN A 557 -18.60 -24.78 -14.26
N GLN A 558 -18.02 -25.48 -15.22
CA GLN A 558 -16.83 -24.98 -15.89
C GLN A 558 -17.19 -24.17 -17.13
N MET A 559 -16.46 -23.08 -17.35
CA MET A 559 -16.67 -22.26 -18.53
C MET A 559 -15.34 -21.90 -19.22
N THR A 560 -15.43 -21.32 -20.40
CA THR A 560 -14.25 -20.93 -21.14
C THR A 560 -14.08 -19.41 -21.11
N LEU A 561 -12.94 -18.96 -20.60
CA LEU A 561 -12.61 -17.54 -20.59
C LEU A 561 -11.75 -17.23 -21.80
N LYS A 562 -12.18 -16.27 -22.62
CA LYS A 562 -11.42 -15.84 -23.77
C LYS A 562 -10.71 -14.53 -23.50
N ILE A 563 -9.39 -14.54 -23.74
CA ILE A 563 -8.57 -13.35 -23.59
C ILE A 563 -7.86 -13.03 -24.90
N GLU A 564 -8.01 -11.79 -25.35
CA GLU A 564 -7.34 -11.33 -26.56
C GLU A 564 -6.43 -10.18 -26.21
N GLY A 565 -5.15 -10.29 -26.56
CA GLY A 565 -4.19 -9.24 -26.26
C GLY A 565 -2.96 -9.27 -27.14
N ASP A 566 -2.04 -8.34 -26.87
CA ASP A 566 -0.80 -8.25 -27.63
C ASP A 566 0.08 -9.47 -27.37
N HIS A 567 0.78 -9.93 -28.41
CA HIS A 567 1.61 -11.13 -28.30
C HIS A 567 2.73 -10.99 -27.27
N GLY A 568 2.87 -12.03 -26.45
CA GLY A 568 3.93 -12.06 -25.46
C GLY A 568 3.56 -11.35 -24.16
N ALA A 569 2.42 -10.66 -24.16
CA ALA A 569 1.99 -9.91 -23.00
C ALA A 569 1.71 -10.81 -21.80
N ARG A 570 2.08 -10.35 -20.62
CA ARG A 570 1.77 -11.03 -19.37
C ARG A 570 0.44 -10.50 -18.81
N VAL A 571 -0.52 -11.39 -18.66
CA VAL A 571 -1.86 -11.01 -18.24
C VAL A 571 -2.17 -11.50 -16.83
N VAL A 572 -2.50 -10.58 -15.94
CA VAL A 572 -2.89 -10.94 -14.59
C VAL A 572 -4.38 -10.73 -14.39
N LEU A 573 -5.00 -11.63 -13.63
CA LEU A 573 -6.46 -11.66 -13.51
C LEU A 573 -6.92 -11.65 -12.06
N VAL A 574 -8.19 -11.29 -11.88
CA VAL A 574 -8.86 -11.43 -10.60
C VAL A 574 -10.37 -11.56 -10.86
N ALA A 575 -11.03 -12.39 -10.08
CA ALA A 575 -12.49 -12.53 -10.13
C ALA A 575 -13.06 -12.10 -8.80
N VAL A 576 -13.96 -11.11 -8.83
CA VAL A 576 -14.47 -10.53 -7.60
C VAL A 576 -16.00 -10.57 -7.52
N ASP A 577 -16.53 -10.90 -6.34
CA ASP A 577 -17.97 -10.85 -6.11
C ASP A 577 -18.45 -9.40 -6.08
N LYS A 578 -19.51 -9.12 -6.82
CA LYS A 578 -20.06 -7.77 -6.94
C LYS A 578 -20.47 -7.16 -5.61
N GLY A 579 -20.84 -8.01 -4.66
CA GLY A 579 -21.25 -7.57 -3.34
C GLY A 579 -20.15 -6.80 -2.62
N VAL A 580 -18.90 -7.23 -2.82
CA VAL A 580 -17.74 -6.51 -2.33
C VAL A 580 -17.85 -5.04 -2.73
N PHE A 581 -18.12 -4.83 -4.01
CA PHE A 581 -18.28 -3.49 -4.56
C PHE A 581 -19.52 -2.78 -4.01
N VAL A 582 -20.55 -3.56 -3.71
CA VAL A 582 -21.72 -3.00 -3.02
C VAL A 582 -21.28 -2.40 -1.69
N LEU A 583 -20.30 -3.05 -1.06
CA LEU A 583 -19.78 -2.57 0.22
C LEU A 583 -18.74 -1.45 0.07
N ASN A 584 -18.00 -1.48 -1.03
CA ASN A 584 -16.91 -0.52 -1.28
C ASN A 584 -16.45 -0.56 -2.73
N LYS A 585 -16.55 0.57 -3.43
CA LYS A 585 -16.12 0.64 -4.82
C LYS A 585 -15.00 1.68 -5.03
N LYS A 586 -14.33 2.04 -3.95
CA LYS A 586 -13.20 2.96 -4.01
C LYS A 586 -11.90 2.22 -4.33
N ASN A 587 -10.97 2.96 -4.95
CA ASN A 587 -9.62 2.48 -5.24
C ASN A 587 -9.51 1.34 -6.27
N LYS A 588 -10.54 1.16 -7.09
CA LYS A 588 -10.43 0.24 -8.22
C LYS A 588 -9.40 0.77 -9.22
N LEU A 589 -8.65 -0.14 -9.85
CA LEU A 589 -7.63 0.25 -10.80
C LEU A 589 -8.20 0.33 -12.22
N THR A 590 -7.96 1.45 -12.90
CA THR A 590 -8.39 1.61 -14.28
C THR A 590 -7.30 2.26 -15.12
N GLN A 591 -7.50 2.26 -16.43
CA GLN A 591 -6.55 2.85 -17.37
C GLN A 591 -6.54 4.38 -17.25
N SER A 592 -7.71 4.94 -17.02
CA SER A 592 -7.86 6.38 -16.85
C SER A 592 -7.07 6.90 -15.64
N LYS A 593 -7.03 6.10 -14.57
CA LYS A 593 -6.23 6.45 -13.40
C LYS A 593 -4.76 6.56 -13.79
N ILE A 594 -4.30 5.59 -14.57
CA ILE A 594 -2.94 5.58 -15.10
C ILE A 594 -2.65 6.85 -15.88
N TRP A 595 -3.52 7.16 -16.84
CA TRP A 595 -3.33 8.37 -17.64
C TRP A 595 -3.34 9.65 -16.80
N ASP A 596 -4.13 9.64 -15.73
CA ASP A 596 -4.18 10.77 -14.79
C ASP A 596 -2.84 10.93 -14.06
N VAL A 597 -2.31 9.82 -13.56
CA VAL A 597 -1.00 9.80 -12.92
C VAL A 597 0.05 10.36 -13.88
N VAL A 598 -0.04 9.97 -15.14
CA VAL A 598 0.89 10.48 -16.16
C VAL A 598 0.74 11.99 -16.38
N GLU A 599 -0.50 12.45 -16.51
CA GLU A 599 -0.75 13.88 -16.75
C GLU A 599 -0.32 14.77 -15.59
N LYS A 600 -0.44 14.25 -14.37
CA LYS A 600 -0.01 14.98 -13.17
C LYS A 600 1.50 15.17 -13.09
N ALA A 601 2.25 14.26 -13.71
CA ALA A 601 3.71 14.28 -13.63
C ALA A 601 4.34 15.16 -14.72
N ASP A 602 3.49 15.68 -15.60
CA ASP A 602 3.96 16.42 -16.77
C ASP A 602 4.83 17.63 -16.45
N ILE A 603 5.90 17.80 -17.24
CA ILE A 603 6.82 18.91 -17.05
C ILE A 603 6.20 20.24 -17.47
N GLY A 604 5.60 20.28 -18.65
CA GLY A 604 4.92 21.48 -19.14
C GLY A 604 3.81 21.91 -18.19
N CYS A 605 3.72 23.21 -17.94
CA CYS A 605 2.78 23.71 -16.93
C CYS A 605 1.65 24.59 -17.46
N THR A 606 1.68 24.92 -18.75
CA THR A 606 0.69 25.81 -19.35
C THR A 606 0.06 25.21 -20.60
N PRO A 607 -1.08 25.77 -21.06
CA PRO A 607 -1.68 25.36 -22.33
C PRO A 607 -0.92 25.87 -23.56
N GLY A 608 -0.11 26.91 -23.39
CA GLY A 608 0.69 27.40 -24.50
C GLY A 608 1.21 28.82 -24.36
N SER A 609 1.99 29.25 -25.35
CA SER A 609 2.56 30.59 -25.40
C SER A 609 3.39 30.97 -24.17
N GLY A 610 3.69 32.25 -24.02
CA GLY A 610 4.50 32.73 -22.93
C GLY A 610 4.63 34.24 -22.94
N LYS A 611 5.27 34.79 -21.91
CA LYS A 611 5.52 36.22 -21.86
C LYS A 611 6.50 36.59 -22.96
N ASP A 612 7.54 35.78 -23.08
CA ASP A 612 8.56 35.93 -24.12
C ASP A 612 8.90 34.58 -24.70
N TYR A 613 9.90 34.54 -25.59
CA TYR A 613 10.34 33.29 -26.20
C TYR A 613 10.80 32.29 -25.13
N ALA A 614 11.60 32.77 -24.19
CA ALA A 614 12.08 31.97 -23.08
C ALA A 614 10.90 31.48 -22.26
N GLY A 615 9.92 32.36 -22.10
CA GLY A 615 8.68 32.01 -21.40
C GLY A 615 7.98 30.87 -22.11
N VAL A 616 7.91 30.94 -23.43
CA VAL A 616 7.26 29.90 -24.22
C VAL A 616 7.97 28.57 -24.04
N PHE A 617 9.30 28.59 -24.13
CA PHE A 617 10.08 27.38 -23.92
C PHE A 617 9.86 26.77 -22.53
N SER A 618 10.13 27.55 -21.49
CA SER A 618 10.02 27.09 -20.11
C SER A 618 8.61 26.59 -19.77
N ASP A 619 7.59 27.29 -20.27
CA ASP A 619 6.20 26.93 -19.98
C ASP A 619 5.84 25.54 -20.49
N ALA A 620 6.46 25.15 -21.59
CA ALA A 620 6.19 23.84 -22.19
C ALA A 620 7.26 22.84 -21.76
N GLY A 621 8.10 23.26 -20.82
CA GLY A 621 9.09 22.40 -20.23
C GLY A 621 10.34 22.23 -21.08
N LEU A 622 10.84 23.34 -21.63
CA LEU A 622 12.06 23.29 -22.42
C LEU A 622 13.10 24.32 -22.00
N THR A 623 14.35 23.95 -22.21
CA THR A 623 15.48 24.85 -22.05
C THR A 623 16.14 25.06 -23.41
N PHE A 624 16.24 26.33 -23.79
CA PHE A 624 16.89 26.75 -25.02
C PHE A 624 18.16 27.48 -24.65
N THR A 625 19.25 27.20 -25.37
CA THR A 625 20.48 27.92 -25.13
C THR A 625 21.19 28.18 -26.46
N SER A 626 21.74 29.38 -26.64
CA SER A 626 22.42 29.73 -27.89
C SER A 626 23.77 30.36 -27.64
N SER A 627 24.61 30.37 -28.67
CA SER A 627 25.94 30.96 -28.58
C SER A 627 25.89 32.47 -28.37
N SER A 628 24.81 33.09 -28.85
CA SER A 628 24.68 34.54 -28.80
C SER A 628 24.18 35.03 -27.44
N GLY A 629 23.93 34.11 -26.53
CA GLY A 629 23.53 34.47 -25.18
C GLY A 629 22.03 34.44 -24.92
N GLN A 630 21.25 34.09 -25.93
CA GLN A 630 19.81 33.96 -25.74
C GLN A 630 19.44 32.61 -25.14
N GLN A 631 19.01 32.63 -23.89
CA GLN A 631 18.65 31.39 -23.19
C GLN A 631 17.47 31.58 -22.26
N THR A 632 16.80 30.49 -21.92
CA THR A 632 15.73 30.53 -20.94
C THR A 632 16.32 30.73 -19.55
N ALA A 633 15.57 31.36 -18.66
CA ALA A 633 16.00 31.51 -17.28
C ALA A 633 16.08 30.15 -16.62
N GLN A 634 16.82 30.05 -15.52
CA GLN A 634 16.90 28.79 -14.79
C GLN A 634 15.55 28.51 -14.13
N ARG A 635 15.16 27.24 -14.11
CA ARG A 635 13.88 26.85 -13.53
C ARG A 635 14.01 26.60 -12.03
N ALA A 636 13.22 27.32 -11.24
CA ALA A 636 13.31 27.25 -9.79
C ALA A 636 12.69 25.98 -9.21
N GLU A 637 11.48 25.65 -9.67
CA GLU A 637 10.70 24.57 -9.04
C GLU A 637 10.46 23.35 -9.93
N LEU A 638 10.34 22.19 -9.29
CA LEU A 638 10.02 20.96 -10.00
C LEU A 638 8.52 20.87 -10.28
N GLN A 639 7.73 21.20 -9.26
CA GLN A 639 6.28 21.23 -9.40
C GLN A 639 5.85 22.37 -10.31
N CYS A 640 4.77 22.16 -11.06
CA CYS A 640 4.18 23.25 -11.82
C CYS A 640 3.59 24.25 -10.84
N PRO A 641 3.83 25.55 -11.09
CA PRO A 641 3.30 26.61 -10.23
C PRO A 641 1.78 26.53 -10.16
N GLN A 642 1.20 27.20 -9.16
CA GLN A 642 -0.24 27.26 -8.84
C GLN A 642 -0.59 26.49 -7.57
N GLU B 5 -37.06 -42.21 -1.88
CA GLU B 5 -38.44 -42.17 -2.34
C GLU B 5 -38.56 -41.36 -3.63
N ASP B 6 -39.51 -40.43 -3.67
CA ASP B 6 -39.70 -39.56 -4.82
C ASP B 6 -38.86 -38.29 -4.65
N ILE B 7 -38.09 -38.25 -3.56
CA ILE B 7 -37.24 -37.12 -3.23
C ILE B 7 -35.79 -37.57 -3.12
N ILE B 8 -34.85 -36.73 -3.55
CA ILE B 8 -33.43 -37.04 -3.46
C ILE B 8 -33.00 -37.17 -1.99
N ALA B 9 -32.36 -38.29 -1.66
CA ALA B 9 -31.88 -38.53 -0.31
C ALA B 9 -30.82 -37.51 0.10
N GLU B 10 -30.77 -37.19 1.39
CA GLU B 10 -29.89 -36.17 1.93
C GLU B 10 -28.42 -36.43 1.56
N GLU B 11 -27.98 -37.67 1.74
CA GLU B 11 -26.60 -38.06 1.47
C GLU B 11 -26.18 -37.75 0.03
N ASN B 12 -27.12 -37.86 -0.90
CA ASN B 12 -26.85 -37.66 -2.32
C ASN B 12 -26.66 -36.19 -2.71
N ILE B 13 -26.96 -35.29 -1.78
CA ILE B 13 -26.85 -33.87 -2.04
C ILE B 13 -25.48 -33.32 -1.64
N VAL B 14 -24.75 -32.80 -2.61
CA VAL B 14 -23.44 -32.21 -2.36
C VAL B 14 -23.55 -30.70 -2.28
N SER B 15 -23.45 -30.18 -1.06
CA SER B 15 -23.68 -28.76 -0.81
C SER B 15 -22.66 -27.85 -1.47
N ARG B 16 -23.15 -26.70 -1.93
CA ARG B 16 -22.29 -25.63 -2.38
C ARG B 16 -21.55 -25.12 -1.14
N SER B 17 -20.27 -24.83 -1.29
CA SER B 17 -19.45 -24.52 -0.13
C SER B 17 -18.36 -23.52 -0.47
N GLU B 18 -18.07 -23.38 -1.76
CA GLU B 18 -17.05 -22.45 -2.22
C GLU B 18 -17.60 -21.06 -2.46
N PHE B 19 -17.48 -20.19 -1.46
CA PHE B 19 -17.93 -18.81 -1.59
C PHE B 19 -16.81 -17.82 -1.27
N PRO B 20 -15.80 -17.73 -2.16
CA PRO B 20 -14.75 -16.74 -1.91
C PRO B 20 -15.17 -15.37 -2.42
N GLU B 21 -14.71 -14.32 -1.76
CA GLU B 21 -15.03 -12.97 -2.18
C GLU B 21 -14.22 -12.64 -3.42
N SER B 22 -13.00 -13.16 -3.46
CA SER B 22 -12.16 -13.02 -4.65
C SER B 22 -11.44 -14.34 -4.99
N TRP B 23 -11.16 -14.51 -6.27
CA TRP B 23 -10.43 -15.68 -6.75
C TRP B 23 -9.86 -15.39 -8.14
N LEU B 24 -9.35 -16.45 -8.77
CA LEU B 24 -8.75 -16.35 -10.10
C LEU B 24 -7.57 -15.39 -10.10
N TRP B 25 -6.86 -15.32 -8.97
CA TRP B 25 -5.64 -14.53 -8.84
C TRP B 25 -4.54 -15.21 -9.66
N ASN B 26 -4.63 -15.12 -10.98
CA ASN B 26 -3.77 -15.90 -11.85
C ASN B 26 -2.84 -15.08 -12.73
N VAL B 27 -1.63 -15.60 -12.91
CA VAL B 27 -0.70 -15.04 -13.88
C VAL B 27 -0.69 -15.92 -15.13
N GLU B 28 -1.05 -15.32 -16.26
CA GLU B 28 -1.04 -16.04 -17.52
C GLU B 28 -0.17 -15.30 -18.53
N ASP B 29 0.15 -15.95 -19.63
CA ASP B 29 0.89 -15.31 -20.72
C ASP B 29 0.29 -15.64 -22.07
N LEU B 30 0.28 -14.67 -22.96
CA LEU B 30 -0.26 -14.89 -24.30
C LEU B 30 0.82 -15.52 -25.17
N LYS B 31 1.12 -16.77 -24.88
CA LYS B 31 2.16 -17.51 -25.57
C LYS B 31 1.70 -17.94 -26.95
N GLU B 32 0.38 -18.00 -27.14
CA GLU B 32 -0.20 -18.49 -28.38
C GLU B 32 0.22 -17.66 -29.59
N PRO B 33 0.51 -18.33 -30.72
CA PRO B 33 0.89 -17.65 -31.96
C PRO B 33 -0.25 -16.72 -32.41
N PRO B 34 0.09 -15.47 -32.76
CA PRO B 34 -0.97 -14.51 -33.07
C PRO B 34 -1.28 -14.36 -34.56
N LYS B 35 -2.57 -14.35 -34.88
CA LYS B 35 -3.01 -13.77 -36.14
C LYS B 35 -2.89 -12.29 -35.87
N ASN B 36 -2.83 -11.47 -36.93
CA ASN B 36 -2.46 -10.06 -36.82
C ASN B 36 -1.42 -9.79 -35.73
N GLY B 37 -1.76 -8.91 -34.79
CA GLY B 37 -0.91 -8.63 -33.66
C GLY B 37 -1.50 -9.14 -32.35
N ILE B 38 -2.65 -9.80 -32.43
CA ILE B 38 -3.35 -10.26 -31.24
C ILE B 38 -3.30 -11.78 -31.05
N SER B 39 -3.09 -12.19 -29.81
CA SER B 39 -3.03 -13.61 -29.47
C SER B 39 -4.21 -13.98 -28.57
N THR B 40 -4.92 -15.05 -28.91
CA THR B 40 -6.08 -15.44 -28.14
C THR B 40 -5.79 -16.59 -27.19
N LYS B 41 -6.14 -16.42 -25.92
CA LYS B 41 -6.01 -17.49 -24.93
C LYS B 41 -7.36 -17.99 -24.48
N LEU B 42 -7.58 -19.30 -24.61
CA LEU B 42 -8.79 -19.92 -24.08
C LEU B 42 -8.47 -20.61 -22.77
N MET B 43 -9.05 -20.08 -21.68
CA MET B 43 -8.87 -20.67 -20.36
C MET B 43 -10.09 -21.46 -19.92
N ASN B 44 -9.86 -22.68 -19.44
CA ASN B 44 -10.91 -23.42 -18.76
C ASN B 44 -10.88 -23.13 -17.27
N ILE B 45 -11.97 -22.56 -16.76
CA ILE B 45 -12.10 -22.28 -15.34
C ILE B 45 -13.31 -23.01 -14.77
N PHE B 46 -13.22 -23.40 -13.51
CA PHE B 46 -14.36 -23.93 -12.78
C PHE B 46 -14.94 -22.83 -11.89
N LEU B 47 -16.21 -22.51 -12.11
CA LEU B 47 -16.86 -21.45 -11.36
C LEU B 47 -17.03 -21.86 -9.91
N LYS B 48 -17.07 -20.87 -9.03
CA LYS B 48 -17.32 -21.15 -7.63
C LYS B 48 -18.80 -21.45 -7.40
N ASP B 49 -19.16 -21.60 -6.14
CA ASP B 49 -20.51 -22.03 -5.77
C ASP B 49 -21.48 -20.86 -5.55
N SER B 50 -20.92 -19.65 -5.45
CA SER B 50 -21.74 -18.47 -5.18
C SER B 50 -22.77 -18.23 -6.27
N ILE B 51 -23.92 -17.71 -5.88
CA ILE B 51 -24.96 -17.33 -6.82
C ILE B 51 -25.05 -15.81 -6.84
N THR B 52 -24.53 -15.22 -7.92
CA THR B 52 -24.17 -13.80 -7.90
C THR B 52 -23.63 -13.39 -9.26
N THR B 53 -23.00 -12.22 -9.31
CA THR B 53 -22.27 -11.82 -10.51
C THR B 53 -20.81 -11.54 -10.19
N TRP B 54 -19.93 -12.22 -10.89
CA TRP B 54 -18.50 -12.05 -10.74
C TRP B 54 -17.99 -10.96 -11.67
N GLU B 55 -17.13 -10.10 -11.14
CA GLU B 55 -16.42 -9.13 -11.95
C GLU B 55 -15.00 -9.65 -12.20
N ILE B 56 -14.67 -9.86 -13.47
CA ILE B 56 -13.35 -10.37 -13.83
C ILE B 56 -12.52 -9.27 -14.45
N LEU B 57 -11.45 -8.90 -13.76
CA LEU B 57 -10.60 -7.81 -14.19
C LEU B 57 -9.24 -8.33 -14.67
N ALA B 58 -8.79 -7.83 -15.81
CA ALA B 58 -7.50 -8.25 -16.35
C ALA B 58 -6.61 -7.05 -16.60
N VAL B 59 -5.33 -7.21 -16.24
CA VAL B 59 -4.31 -6.20 -16.54
C VAL B 59 -3.16 -6.87 -17.28
N SER B 60 -2.78 -6.31 -18.42
CA SER B 60 -1.70 -6.87 -19.21
C SER B 60 -0.45 -5.99 -19.16
N MET B 61 0.71 -6.63 -19.19
CA MET B 61 1.99 -5.93 -19.24
C MET B 61 2.77 -6.43 -20.45
N SER B 62 3.15 -5.49 -21.32
CA SER B 62 3.90 -5.83 -22.53
C SER B 62 5.13 -4.94 -22.66
N ASP B 63 6.23 -5.53 -23.13
CA ASP B 63 7.49 -4.79 -23.25
C ASP B 63 7.49 -3.82 -24.43
N LYS B 64 6.58 -4.02 -25.36
CA LYS B 64 6.43 -3.11 -26.49
C LYS B 64 5.22 -2.19 -26.29
N LYS B 65 4.17 -2.75 -25.71
CA LYS B 65 2.89 -2.05 -25.61
C LYS B 65 2.63 -1.38 -24.26
N GLY B 66 3.32 -1.81 -23.21
CA GLY B 66 3.18 -1.19 -21.91
C GLY B 66 2.13 -1.85 -21.02
N ILE B 67 1.52 -1.06 -20.14
CA ILE B 67 0.49 -1.57 -19.23
C ILE B 67 -0.92 -1.23 -19.70
N CYS B 68 -1.82 -2.20 -19.65
CA CYS B 68 -3.18 -1.98 -20.11
C CYS B 68 -4.22 -2.62 -19.17
N VAL B 69 -5.16 -1.81 -18.71
CA VAL B 69 -6.25 -2.32 -17.88
C VAL B 69 -7.48 -2.53 -18.74
N ALA B 70 -7.95 -3.77 -18.79
CA ALA B 70 -9.11 -4.10 -19.60
C ALA B 70 -10.39 -3.65 -18.90
N ASP B 71 -11.47 -3.53 -19.67
CA ASP B 71 -12.78 -3.26 -19.10
C ASP B 71 -13.22 -4.51 -18.34
N PRO B 72 -13.85 -4.32 -17.17
CA PRO B 72 -14.27 -5.45 -16.35
C PRO B 72 -15.25 -6.36 -17.08
N PHE B 73 -15.07 -7.67 -16.97
CA PHE B 73 -15.97 -8.61 -17.60
C PHE B 73 -16.82 -9.33 -16.56
N GLU B 74 -18.13 -9.31 -16.75
CA GLU B 74 -19.07 -9.85 -15.79
C GLU B 74 -19.57 -11.25 -16.16
N VAL B 75 -19.71 -12.10 -15.16
CA VAL B 75 -20.32 -13.42 -15.34
C VAL B 75 -21.40 -13.63 -14.28
N THR B 76 -22.64 -13.81 -14.71
CA THR B 76 -23.72 -14.05 -13.75
C THR B 76 -23.97 -15.54 -13.60
N VAL B 77 -23.91 -16.01 -12.36
CA VAL B 77 -24.13 -17.40 -12.01
C VAL B 77 -25.44 -17.52 -11.23
N MET B 78 -26.37 -18.29 -11.80
CA MET B 78 -27.76 -18.30 -11.39
C MET B 78 -28.36 -19.71 -11.37
N GLN B 79 -29.43 -19.88 -10.60
CA GLN B 79 -30.05 -21.18 -10.37
C GLN B 79 -31.55 -20.95 -10.14
N ASP B 80 -32.39 -21.81 -10.70
CA ASP B 80 -33.84 -21.63 -10.57
C ASP B 80 -34.33 -21.86 -9.14
N PHE B 81 -33.70 -22.80 -8.44
CA PHE B 81 -34.03 -23.05 -7.04
C PHE B 81 -32.79 -23.09 -6.18
N PHE B 82 -32.77 -22.34 -5.09
CA PHE B 82 -31.59 -22.39 -4.21
C PHE B 82 -31.78 -21.90 -2.79
N ILE B 83 -30.80 -22.18 -1.94
CA ILE B 83 -30.79 -21.69 -0.58
C ILE B 83 -29.77 -20.57 -0.43
N ASP B 84 -30.23 -19.44 0.12
CA ASP B 84 -29.36 -18.38 0.58
C ASP B 84 -29.34 -18.46 2.10
N LEU B 85 -28.25 -18.99 2.65
CA LEU B 85 -28.09 -19.10 4.09
C LEU B 85 -27.45 -17.83 4.64
N ARG B 86 -28.23 -17.01 5.33
CA ARG B 86 -27.74 -15.73 5.83
C ARG B 86 -27.11 -15.86 7.22
N LEU B 87 -25.78 -15.80 7.26
CA LEU B 87 -25.06 -15.91 8.52
C LEU B 87 -24.45 -14.58 8.95
N PRO B 88 -24.50 -14.29 10.26
CA PRO B 88 -23.82 -13.11 10.79
C PRO B 88 -22.31 -13.33 10.73
N TYR B 89 -21.54 -12.25 10.87
CA TYR B 89 -20.08 -12.33 10.81
C TYR B 89 -19.53 -13.15 11.97
N SER B 90 -20.16 -13.03 13.12
CA SER B 90 -19.76 -13.83 14.28
C SER B 90 -20.92 -14.04 15.24
N VAL B 91 -20.82 -15.09 16.06
CA VAL B 91 -21.80 -15.34 17.12
C VAL B 91 -21.09 -15.65 18.43
N VAL B 92 -21.72 -15.26 19.53
CA VAL B 92 -21.15 -15.50 20.86
C VAL B 92 -21.40 -16.93 21.33
N ARG B 93 -20.39 -17.54 21.96
CA ARG B 93 -20.48 -18.90 22.49
C ARG B 93 -21.52 -19.01 23.61
N ASN B 94 -22.27 -20.11 23.60
CA ASN B 94 -23.29 -20.41 24.61
C ASN B 94 -24.50 -19.47 24.60
N GLU B 95 -24.59 -18.65 23.55
CA GLU B 95 -25.70 -17.71 23.42
C GLU B 95 -26.64 -18.13 22.29
N GLN B 96 -27.89 -18.40 22.63
CA GLN B 96 -28.89 -18.79 21.64
C GLN B 96 -29.05 -17.73 20.56
N VAL B 97 -29.18 -18.16 19.31
CA VAL B 97 -29.26 -17.25 18.19
C VAL B 97 -30.17 -17.80 17.09
N GLU B 98 -30.75 -16.92 16.29
CA GLU B 98 -31.59 -17.35 15.17
C GLU B 98 -30.98 -16.96 13.84
N ILE B 99 -30.98 -17.91 12.90
CA ILE B 99 -30.46 -17.67 11.56
C ILE B 99 -31.54 -17.97 10.54
N ARG B 100 -31.34 -17.47 9.32
CA ARG B 100 -32.33 -17.65 8.26
C ARG B 100 -31.77 -18.40 7.06
N ALA B 101 -32.46 -19.48 6.70
CA ALA B 101 -32.25 -20.12 5.42
C ALA B 101 -33.38 -19.67 4.51
N VAL B 102 -33.06 -18.81 3.55
CA VAL B 102 -34.08 -18.33 2.63
C VAL B 102 -34.08 -19.16 1.34
N LEU B 103 -35.22 -19.70 0.98
CA LEU B 103 -35.32 -20.55 -0.21
C LEU B 103 -35.94 -19.78 -1.37
N TYR B 104 -35.27 -19.84 -2.52
CA TYR B 104 -35.69 -19.10 -3.71
C TYR B 104 -36.14 -20.02 -4.85
N ASN B 105 -37.35 -19.77 -5.32
CA ASN B 105 -37.92 -20.42 -6.48
C ASN B 105 -38.18 -19.35 -7.55
N TYR B 106 -37.44 -19.43 -8.64
CA TYR B 106 -37.56 -18.45 -9.72
C TYR B 106 -38.17 -19.02 -10.99
N ARG B 107 -38.84 -20.16 -10.85
CA ARG B 107 -39.64 -20.71 -11.93
C ARG B 107 -40.91 -19.87 -12.04
N GLN B 108 -41.36 -19.66 -13.28
CA GLN B 108 -42.48 -18.76 -13.53
C GLN B 108 -43.85 -19.40 -13.30
N ASN B 109 -44.02 -20.63 -13.77
CA ASN B 109 -45.32 -21.29 -13.72
C ASN B 109 -45.37 -22.47 -12.76
N GLN B 110 -44.27 -22.76 -12.09
CA GLN B 110 -44.19 -23.97 -11.28
C GLN B 110 -43.92 -23.70 -9.81
N GLU B 111 -44.86 -24.09 -8.95
CA GLU B 111 -44.63 -24.06 -7.51
C GLU B 111 -43.78 -25.26 -7.15
N LEU B 112 -43.10 -25.19 -6.01
CA LEU B 112 -42.20 -26.27 -5.60
C LEU B 112 -42.49 -26.74 -4.17
N LYS B 113 -42.83 -28.02 -4.04
CA LYS B 113 -42.95 -28.62 -2.72
C LYS B 113 -41.59 -29.18 -2.31
N VAL B 114 -41.06 -28.69 -1.19
CA VAL B 114 -39.66 -28.87 -0.82
C VAL B 114 -39.48 -29.34 0.62
N ARG B 115 -38.64 -30.34 0.83
CA ARG B 115 -38.22 -30.68 2.18
C ARG B 115 -36.84 -30.09 2.47
N VAL B 116 -36.76 -29.33 3.56
CA VAL B 116 -35.55 -28.64 3.94
C VAL B 116 -35.08 -29.11 5.32
N GLU B 117 -33.76 -29.24 5.48
CA GLU B 117 -33.18 -29.82 6.68
C GLU B 117 -31.97 -29.02 7.16
N LEU B 118 -31.86 -28.86 8.47
CA LEU B 118 -30.65 -28.35 9.08
C LEU B 118 -29.87 -29.54 9.62
N LEU B 119 -28.64 -29.70 9.14
CA LEU B 119 -27.82 -30.83 9.53
C LEU B 119 -27.33 -30.71 10.97
N HIS B 120 -27.20 -31.85 11.64
CA HIS B 120 -26.69 -31.86 13.00
C HIS B 120 -25.21 -31.57 13.07
N ASN B 121 -24.82 -30.81 14.07
CA ASN B 121 -23.42 -30.50 14.32
C ASN B 121 -23.15 -30.48 15.82
N PRO B 122 -22.25 -31.34 16.28
CA PRO B 122 -21.92 -31.48 17.71
C PRO B 122 -21.54 -30.17 18.37
N ALA B 123 -21.15 -29.19 17.56
CA ALA B 123 -20.73 -27.88 18.05
C ALA B 123 -21.91 -26.92 18.20
N PHE B 124 -23.10 -27.38 17.82
CA PHE B 124 -24.28 -26.56 17.97
C PHE B 124 -25.42 -27.33 18.64
N CYS B 125 -26.05 -26.69 19.61
CA CYS B 125 -27.37 -27.12 20.04
C CYS B 125 -28.33 -26.58 19.00
N SER B 126 -29.24 -27.41 18.54
CA SER B 126 -30.22 -27.01 17.55
C SER B 126 -31.40 -27.92 17.75
N LEU B 127 -32.35 -27.92 16.82
CA LEU B 127 -33.34 -28.96 16.89
C LEU B 127 -32.69 -30.30 16.55
N ALA B 128 -32.12 -30.41 15.36
CA ALA B 128 -31.47 -31.66 14.90
C ALA B 128 -30.43 -32.30 15.87
N THR B 129 -30.49 -33.61 16.02
CA THR B 129 -29.48 -34.35 16.76
C THR B 129 -28.85 -35.48 15.93
N THR B 130 -28.09 -36.34 16.60
CA THR B 130 -27.55 -37.54 15.95
C THR B 130 -28.67 -38.54 15.72
N LYS B 131 -29.57 -38.64 16.70
CA LYS B 131 -30.61 -39.65 16.66
C LYS B 131 -31.79 -39.23 15.80
N ARG B 132 -31.94 -37.92 15.62
CA ARG B 132 -33.09 -37.39 14.93
C ARG B 132 -32.80 -36.18 14.04
N ARG B 133 -33.30 -36.21 12.81
CA ARG B 133 -33.12 -35.11 11.86
C ARG B 133 -34.09 -33.96 12.14
N HIS B 134 -33.74 -32.76 11.70
CA HIS B 134 -34.64 -31.62 11.77
C HIS B 134 -35.13 -31.25 10.38
N GLN B 135 -36.20 -31.92 9.95
CA GLN B 135 -36.73 -31.71 8.61
C GLN B 135 -38.06 -30.96 8.65
N GLN B 136 -38.29 -30.15 7.63
CA GLN B 136 -39.57 -29.48 7.47
C GLN B 136 -40.01 -29.61 6.02
N THR B 137 -41.32 -29.72 5.80
CA THR B 137 -41.83 -29.71 4.44
C THR B 137 -42.62 -28.43 4.16
N VAL B 138 -42.16 -27.66 3.19
CA VAL B 138 -42.73 -26.36 2.87
C VAL B 138 -43.09 -26.28 1.39
N THR B 139 -43.91 -25.30 1.03
CA THR B 139 -44.26 -25.08 -0.38
C THR B 139 -43.95 -23.65 -0.80
N ILE B 140 -43.29 -23.51 -1.96
CA ILE B 140 -42.89 -22.21 -2.47
C ILE B 140 -43.60 -21.92 -3.79
N PRO B 141 -44.47 -20.89 -3.79
CA PRO B 141 -45.16 -20.45 -5.00
C PRO B 141 -44.15 -19.98 -6.04
N PRO B 142 -44.53 -19.95 -7.32
CA PRO B 142 -43.60 -19.48 -8.35
C PRO B 142 -43.20 -18.04 -8.09
N LYS B 143 -41.98 -17.66 -8.51
CA LYS B 143 -41.51 -16.29 -8.39
C LYS B 143 -41.58 -15.78 -6.95
N SER B 144 -41.27 -16.67 -6.01
CA SER B 144 -41.37 -16.33 -4.59
C SER B 144 -40.19 -16.89 -3.79
N SER B 145 -40.07 -16.41 -2.56
CA SER B 145 -39.07 -16.93 -1.62
C SER B 145 -39.73 -17.29 -0.28
N LEU B 146 -39.04 -18.08 0.53
CA LEU B 146 -39.58 -18.51 1.81
C LEU B 146 -38.50 -18.52 2.88
N SER B 147 -38.76 -17.87 4.00
CA SER B 147 -37.80 -17.84 5.09
C SER B 147 -38.01 -18.99 6.06
N VAL B 148 -36.97 -19.79 6.23
CA VAL B 148 -36.99 -20.89 7.17
C VAL B 148 -36.02 -20.57 8.28
N PRO B 149 -36.55 -20.29 9.48
CA PRO B 149 -35.71 -19.91 10.62
C PRO B 149 -35.17 -21.11 11.37
N TYR B 150 -33.90 -21.06 11.73
CA TYR B 150 -33.29 -22.08 12.55
C TYR B 150 -32.74 -21.46 13.82
N VAL B 151 -33.04 -22.07 14.96
CA VAL B 151 -32.57 -21.58 16.24
C VAL B 151 -31.46 -22.49 16.74
N ILE B 152 -30.27 -21.93 16.95
CA ILE B 152 -29.14 -22.74 17.38
C ILE B 152 -28.35 -22.13 18.54
N VAL B 153 -27.52 -22.94 19.16
CA VAL B 153 -26.64 -22.48 20.24
C VAL B 153 -25.22 -22.98 19.99
N PRO B 154 -24.28 -22.05 19.73
CA PRO B 154 -22.89 -22.42 19.45
C PRO B 154 -22.19 -22.91 20.72
N LEU B 155 -21.54 -24.06 20.66
CA LEU B 155 -20.96 -24.66 21.87
C LEU B 155 -19.45 -24.48 21.99
N LYS B 156 -18.76 -24.31 20.87
CA LYS B 156 -17.31 -24.12 20.92
C LYS B 156 -16.83 -22.99 20.00
N THR B 157 -15.70 -22.37 20.38
CA THR B 157 -15.19 -21.21 19.66
C THR B 157 -14.47 -21.60 18.37
N GLY B 158 -14.14 -20.59 17.57
CA GLY B 158 -13.47 -20.81 16.30
C GLY B 158 -14.43 -20.90 15.14
N LEU B 159 -13.92 -21.29 13.97
CA LEU B 159 -14.76 -21.45 12.80
C LEU B 159 -15.65 -22.68 12.95
N GLN B 160 -16.96 -22.49 12.87
CA GLN B 160 -17.87 -23.62 12.97
C GLN B 160 -18.79 -23.72 11.75
N GLU B 161 -19.23 -24.94 11.44
CA GLU B 161 -19.94 -25.21 10.20
C GLU B 161 -21.45 -25.28 10.38
N VAL B 162 -22.17 -24.62 9.47
CA VAL B 162 -23.62 -24.72 9.40
C VAL B 162 -23.99 -25.19 8.00
N GLU B 163 -24.76 -26.26 7.94
CA GLU B 163 -25.17 -26.81 6.66
C GLU B 163 -26.69 -26.96 6.57
N VAL B 164 -27.27 -26.45 5.49
CA VAL B 164 -28.69 -26.61 5.26
C VAL B 164 -28.92 -27.24 3.89
N LYS B 165 -29.68 -28.32 3.84
CA LYS B 165 -30.00 -28.95 2.56
C LYS B 165 -31.48 -28.88 2.24
N ALA B 166 -31.81 -28.98 0.96
CA ALA B 166 -33.21 -28.95 0.54
C ALA B 166 -33.38 -29.69 -0.77
N ALA B 167 -34.42 -30.51 -0.84
CA ALA B 167 -34.74 -31.22 -2.06
C ALA B 167 -36.20 -31.03 -2.42
N VAL B 168 -36.51 -31.23 -3.70
CA VAL B 168 -37.86 -31.01 -4.19
C VAL B 168 -38.57 -32.33 -4.40
N TYR B 169 -39.78 -32.45 -3.84
CA TYR B 169 -40.61 -33.61 -4.10
C TYR B 169 -41.01 -33.66 -5.57
N HIS B 170 -41.00 -34.86 -6.14
CA HIS B 170 -41.44 -35.11 -7.51
C HIS B 170 -40.61 -34.38 -8.57
N HIS B 171 -39.45 -33.86 -8.19
CA HIS B 171 -38.54 -33.22 -9.13
C HIS B 171 -37.10 -33.59 -8.80
N PHE B 172 -36.32 -33.96 -9.81
CA PHE B 172 -34.91 -34.26 -9.60
C PHE B 172 -34.14 -32.96 -9.43
N ILE B 173 -34.40 -32.27 -8.33
CA ILE B 173 -33.83 -30.97 -8.04
C ILE B 173 -33.46 -30.91 -6.57
N SER B 174 -32.27 -30.38 -6.29
CA SER B 174 -31.86 -30.17 -4.92
C SER B 174 -30.90 -28.99 -4.82
N ASP B 175 -30.56 -28.64 -3.58
CA ASP B 175 -29.51 -27.66 -3.31
C ASP B 175 -29.07 -27.82 -1.87
N GLY B 176 -27.81 -27.50 -1.61
CA GLY B 176 -27.29 -27.51 -0.26
C GLY B 176 -26.37 -26.32 -0.08
N VAL B 177 -26.24 -25.86 1.16
CA VAL B 177 -25.34 -24.77 1.47
C VAL B 177 -24.58 -25.07 2.75
N ARG B 178 -23.25 -25.03 2.63
CA ARG B 178 -22.36 -25.29 3.75
C ARG B 178 -21.48 -24.07 3.98
N LYS B 179 -21.69 -23.39 5.09
CA LYS B 179 -20.92 -22.17 5.37
C LYS B 179 -20.30 -22.25 6.74
N SER B 180 -19.24 -21.47 6.95
CA SER B 180 -18.64 -21.33 8.27
C SER B 180 -19.01 -19.99 8.90
N LEU B 181 -18.94 -19.93 10.23
CA LEU B 181 -19.14 -18.69 10.95
C LEU B 181 -18.18 -18.65 12.14
N LYS B 182 -17.68 -17.46 12.45
CA LYS B 182 -16.79 -17.29 13.59
C LYS B 182 -17.57 -17.32 14.90
N VAL B 183 -17.17 -18.22 15.79
CA VAL B 183 -17.75 -18.25 17.13
C VAL B 183 -16.74 -17.67 18.09
N VAL B 184 -17.14 -16.62 18.81
CA VAL B 184 -16.24 -15.90 19.68
C VAL B 184 -16.67 -16.08 21.13
N PRO B 185 -15.71 -15.92 22.07
CA PRO B 185 -16.08 -16.05 23.48
C PRO B 185 -16.92 -14.87 23.98
N GLU B 186 -17.65 -15.12 25.06
CA GLU B 186 -18.48 -14.11 25.71
C GLU B 186 -17.64 -13.01 26.33
N GLY B 187 -18.29 -11.89 26.63
CA GLY B 187 -17.61 -10.73 27.18
C GLY B 187 -17.21 -9.74 26.10
N ILE B 188 -16.49 -8.70 26.50
CA ILE B 188 -16.03 -7.68 25.56
C ILE B 188 -14.51 -7.70 25.42
N ARG B 189 -14.03 -7.55 24.19
CA ARG B 189 -12.61 -7.44 23.95
C ARG B 189 -12.10 -6.13 24.54
N MET B 190 -11.00 -6.20 25.29
CA MET B 190 -10.39 -5.03 25.87
C MET B 190 -8.90 -5.00 25.59
N ASN B 191 -8.36 -3.81 25.37
CA ASN B 191 -6.91 -3.66 25.32
C ASN B 191 -6.37 -2.98 26.58
N LYS B 192 -5.52 -3.71 27.29
CA LYS B 192 -4.96 -3.19 28.53
C LYS B 192 -3.46 -2.95 28.35
N THR B 193 -3.03 -1.72 28.58
CA THR B 193 -1.63 -1.37 28.43
C THR B 193 -0.84 -1.78 29.67
N VAL B 194 0.03 -2.77 29.51
CA VAL B 194 0.83 -3.24 30.64
C VAL B 194 1.90 -2.23 31.00
N ALA B 195 2.59 -1.68 30.01
CA ALA B 195 3.69 -0.75 30.30
C ALA B 195 4.05 0.20 29.16
N VAL B 196 4.57 1.37 29.51
CA VAL B 196 5.09 2.32 28.53
C VAL B 196 6.46 2.81 28.98
N ARG B 197 7.49 2.42 28.23
CA ARG B 197 8.87 2.73 28.61
C ARG B 197 9.60 3.52 27.54
N THR B 198 10.15 4.67 27.94
CA THR B 198 11.02 5.46 27.09
C THR B 198 12.39 4.80 27.04
N LEU B 199 12.92 4.63 25.83
CA LEU B 199 14.22 3.99 25.65
C LEU B 199 15.30 5.03 25.37
N ASP B 200 16.23 5.18 26.31
CA ASP B 200 17.36 6.09 26.11
C ASP B 200 18.56 5.54 26.87
N PRO B 201 19.24 4.54 26.28
CA PRO B 201 20.31 3.74 26.90
C PRO B 201 21.42 4.58 27.49
N GLU B 202 21.79 5.66 26.82
CA GLU B 202 22.83 6.54 27.34
C GLU B 202 22.33 7.39 28.51
N ARG B 203 21.07 7.82 28.42
CA ARG B 203 20.50 8.67 29.44
C ARG B 203 19.83 7.87 30.57
N LEU B 204 19.26 6.72 30.24
CA LEU B 204 18.52 5.94 31.23
C LEU B 204 19.23 4.63 31.61
N GLY B 205 20.36 4.36 30.99
CA GLY B 205 21.04 3.10 31.23
C GLY B 205 22.49 3.22 31.64
N ARG B 206 22.90 2.36 32.57
CA ARG B 206 24.28 2.35 33.04
C ARG B 206 25.13 1.57 32.04
N GLU B 207 26.34 2.07 31.80
CA GLU B 207 27.28 1.44 30.88
C GLU B 207 26.73 1.24 29.47
N GLY B 208 25.81 2.12 29.06
CA GLY B 208 25.26 2.07 27.72
C GLY B 208 24.17 1.04 27.55
N VAL B 209 23.82 0.36 28.63
CA VAL B 209 22.79 -0.67 28.61
C VAL B 209 21.56 -0.24 29.42
N GLN B 210 20.39 -0.28 28.78
CA GLN B 210 19.14 0.01 29.48
C GLN B 210 18.29 -1.24 29.64
N LYS B 211 17.93 -1.55 30.88
CA LYS B 211 17.13 -2.72 31.15
C LYS B 211 15.77 -2.35 31.75
N GLU B 212 14.72 -2.91 31.16
CA GLU B 212 13.37 -2.70 31.65
C GLU B 212 12.70 -4.04 31.89
N ASP B 213 12.17 -4.24 33.09
CA ASP B 213 11.45 -5.47 33.41
C ASP B 213 9.95 -5.22 33.27
N ILE B 214 9.32 -5.93 32.35
CA ILE B 214 7.89 -5.78 32.11
C ILE B 214 7.09 -6.88 32.82
N PRO B 215 6.18 -6.47 33.72
CA PRO B 215 5.36 -7.39 34.51
C PRO B 215 4.28 -8.07 33.66
N PRO B 216 3.69 -9.16 34.17
CA PRO B 216 2.55 -9.77 33.47
C PRO B 216 1.30 -8.92 33.66
N ALA B 217 0.42 -8.92 32.66
CA ALA B 217 -0.82 -8.17 32.75
C ALA B 217 -1.72 -8.78 33.81
N ASP B 218 -2.39 -7.92 34.57
CA ASP B 218 -3.35 -8.38 35.57
C ASP B 218 -4.70 -8.64 34.91
N LEU B 219 -4.98 -9.91 34.63
CA LEU B 219 -6.23 -10.30 34.00
C LEU B 219 -7.22 -10.81 35.05
N SER B 220 -7.71 -9.90 35.88
CA SER B 220 -8.60 -10.27 36.99
C SER B 220 -10.01 -10.60 36.53
N ASP B 221 -10.51 -9.85 35.56
CA ASP B 221 -11.86 -10.05 35.06
C ASP B 221 -11.90 -10.87 33.79
N GLN B 222 -10.78 -11.51 33.48
CA GLN B 222 -10.66 -12.31 32.26
C GLN B 222 -11.57 -13.54 32.29
N VAL B 223 -12.30 -13.74 31.20
CA VAL B 223 -13.16 -14.90 31.06
C VAL B 223 -12.32 -16.18 31.03
N PRO B 224 -12.75 -17.21 31.78
CA PRO B 224 -12.06 -18.50 31.81
C PRO B 224 -11.96 -19.16 30.44
N ASP B 225 -10.87 -19.89 30.21
CA ASP B 225 -10.61 -20.60 28.95
C ASP B 225 -10.63 -19.67 27.74
N THR B 226 -10.17 -18.43 27.96
CA THR B 226 -10.05 -17.47 26.87
C THR B 226 -8.58 -17.16 26.57
N GLU B 227 -8.22 -17.25 25.30
CA GLU B 227 -6.89 -16.87 24.85
C GLU B 227 -6.68 -15.38 25.03
N SER B 228 -5.49 -15.00 25.48
CA SER B 228 -5.12 -13.59 25.55
C SER B 228 -3.88 -13.39 24.70
N GLU B 229 -3.72 -12.19 24.16
CA GLU B 229 -2.54 -11.88 23.37
C GLU B 229 -1.81 -10.64 23.86
N THR B 230 -0.55 -10.81 24.24
CA THR B 230 0.28 -9.69 24.67
C THR B 230 1.10 -9.17 23.50
N ARG B 231 0.95 -7.86 23.23
CA ARG B 231 1.66 -7.20 22.14
C ARG B 231 2.75 -6.26 22.63
N ILE B 232 3.95 -6.50 22.12
CA ILE B 232 5.13 -5.68 22.41
C ILE B 232 5.42 -4.85 21.17
N LEU B 233 5.40 -3.54 21.35
CA LEU B 233 5.55 -2.60 20.26
C LEU B 233 6.79 -1.74 20.44
N LEU B 234 7.69 -1.82 19.46
CA LEU B 234 8.92 -1.05 19.47
C LEU B 234 8.89 -0.03 18.33
N GLN B 235 9.31 1.20 18.67
CA GLN B 235 9.39 2.25 17.65
C GLN B 235 10.59 3.15 17.94
N GLY B 236 11.17 3.74 16.90
CA GLY B 236 12.26 4.67 17.08
C GLY B 236 11.74 6.09 16.96
N THR B 237 12.23 6.98 17.81
CA THR B 237 11.81 8.37 17.75
C THR B 237 12.92 9.25 17.21
N PRO B 238 12.81 9.64 15.92
CA PRO B 238 13.80 10.46 15.21
C PRO B 238 13.92 11.85 15.81
N VAL B 239 15.15 12.32 15.98
CA VAL B 239 15.40 13.66 16.47
C VAL B 239 16.32 14.41 15.50
N ALA B 240 15.78 15.43 14.85
CA ALA B 240 16.53 16.22 13.89
C ALA B 240 17.38 17.29 14.58
N GLN B 241 18.68 17.32 14.27
CA GLN B 241 19.56 18.34 14.81
C GLN B 241 19.29 19.69 14.17
N MET B 242 19.45 20.76 14.95
CA MET B 242 19.29 22.11 14.45
C MET B 242 20.66 22.69 14.10
N THR B 243 20.85 23.05 12.84
CA THR B 243 22.09 23.66 12.40
C THR B 243 21.85 25.14 12.15
N GLU B 244 22.89 25.95 12.32
CA GLU B 244 22.77 27.39 12.10
C GLU B 244 22.57 27.70 10.62
N ASP B 245 21.93 28.83 10.35
CA ASP B 245 21.66 29.25 8.98
C ASP B 245 22.94 29.49 8.21
N ALA B 246 22.92 29.10 6.93
CA ALA B 246 24.03 29.39 6.05
C ALA B 246 23.92 30.84 5.61
N VAL B 247 25.07 31.45 5.37
CA VAL B 247 25.11 32.83 4.89
C VAL B 247 24.42 32.92 3.52
N ASP B 248 23.54 33.90 3.38
CA ASP B 248 22.78 34.10 2.14
C ASP B 248 23.69 34.28 0.93
N ALA B 249 23.22 33.85 -0.23
CA ALA B 249 24.00 33.91 -1.46
C ALA B 249 24.29 35.35 -1.90
N GLU B 250 23.26 36.18 -1.87
CA GLU B 250 23.35 37.60 -2.23
C GLU B 250 24.50 38.33 -1.54
N ARG B 251 24.85 37.84 -0.35
CA ARG B 251 25.81 38.50 0.52
C ARG B 251 27.26 38.11 0.17
N LEU B 252 27.40 37.25 -0.84
CA LEU B 252 28.74 36.92 -1.34
C LEU B 252 28.93 37.52 -2.73
N LYS B 253 27.96 38.32 -3.16
CA LYS B 253 28.00 38.95 -4.48
C LYS B 253 29.22 39.84 -4.66
N HIS B 254 29.63 40.49 -3.57
CA HIS B 254 30.76 41.42 -3.61
C HIS B 254 32.10 40.68 -3.53
N LEU B 255 32.04 39.41 -3.14
CA LEU B 255 33.25 38.60 -3.01
C LEU B 255 33.80 38.15 -4.36
N ILE B 256 32.99 38.26 -5.41
CA ILE B 256 33.45 37.95 -6.76
C ILE B 256 34.23 39.13 -7.31
N VAL B 257 35.54 38.94 -7.51
CA VAL B 257 36.44 40.04 -7.88
C VAL B 257 37.37 39.64 -9.03
N THR B 258 37.73 40.61 -9.87
CA THR B 258 38.70 40.39 -10.93
C THR B 258 40.11 40.68 -10.41
N PRO B 259 40.97 39.66 -10.38
CA PRO B 259 42.31 39.79 -9.81
C PRO B 259 43.27 40.60 -10.67
N SER B 260 44.01 41.49 -10.01
CA SER B 260 45.04 42.29 -10.67
C SER B 260 46.25 42.37 -9.75
N GLY B 261 47.41 42.81 -10.23
CA GLY B 261 48.60 42.88 -9.34
C GLY B 261 49.74 42.17 -10.02
N CYS B 262 50.94 41.92 -9.47
CA CYS B 262 51.57 42.11 -8.13
C CYS B 262 51.42 40.79 -7.45
N GLY B 263 52.52 40.11 -7.21
CA GLY B 263 52.50 38.83 -6.55
C GLY B 263 51.59 38.86 -5.35
N GLU B 264 51.53 39.97 -4.66
CA GLU B 264 50.66 40.04 -3.49
C GLU B 264 49.24 40.44 -3.87
N GLU B 265 49.12 41.52 -4.64
CA GLU B 265 47.83 42.05 -5.07
C GLU B 265 46.95 41.00 -5.77
N ASN B 266 47.55 40.23 -6.67
CA ASN B 266 46.82 39.19 -7.40
C ASN B 266 46.18 38.19 -6.44
N MET B 267 46.92 37.81 -5.41
CA MET B 267 46.40 36.91 -4.38
C MET B 267 45.31 37.57 -3.54
N ILE B 268 45.43 38.88 -3.34
CA ILE B 268 44.43 39.63 -2.59
C ILE B 268 43.10 39.63 -3.33
N GLY B 269 43.17 39.77 -4.65
CA GLY B 269 41.97 39.76 -5.47
C GLY B 269 41.47 38.36 -5.77
N MET B 270 42.36 37.38 -5.65
CA MET B 270 42.04 35.99 -5.95
C MET B 270 41.35 35.33 -4.76
N THR B 271 41.77 35.71 -3.55
CA THR B 271 41.22 35.18 -2.31
C THR B 271 39.68 35.16 -2.21
N PRO B 272 39.02 36.33 -2.40
CA PRO B 272 37.57 36.32 -2.18
C PRO B 272 36.80 35.49 -3.19
N THR B 273 37.19 35.57 -4.46
CA THR B 273 36.55 34.81 -5.53
C THR B 273 36.63 33.30 -5.30
N VAL B 274 37.80 32.84 -4.87
CA VAL B 274 38.04 31.42 -4.59
C VAL B 274 37.24 30.92 -3.37
N ILE B 275 37.27 31.69 -2.28
CA ILE B 275 36.58 31.28 -1.06
C ILE B 275 35.06 31.35 -1.22
N ALA B 276 34.59 32.26 -2.08
CA ALA B 276 33.16 32.42 -2.32
C ALA B 276 32.60 31.22 -3.06
N VAL B 277 33.34 30.77 -4.07
CA VAL B 277 32.99 29.57 -4.81
C VAL B 277 33.03 28.37 -3.88
N HIS B 278 33.99 28.36 -2.98
CA HIS B 278 34.13 27.28 -2.02
C HIS B 278 32.92 27.19 -1.09
N TYR B 279 32.46 28.35 -0.63
CA TYR B 279 31.33 28.40 0.30
C TYR B 279 30.01 28.08 -0.40
N LEU B 280 29.84 28.60 -1.61
CA LEU B 280 28.61 28.37 -2.36
C LEU B 280 28.44 26.91 -2.77
N ASP B 281 29.53 26.27 -3.16
CA ASP B 281 29.51 24.86 -3.50
C ASP B 281 29.10 24.04 -2.29
N GLU B 282 29.70 24.37 -1.16
CA GLU B 282 29.47 23.60 0.06
C GLU B 282 28.03 23.68 0.54
N THR B 283 27.44 24.86 0.41
CA THR B 283 26.10 25.10 0.91
C THR B 283 25.05 24.95 -0.18
N GLU B 284 25.51 24.62 -1.38
CA GLU B 284 24.63 24.45 -2.54
C GLU B 284 23.72 25.67 -2.76
N GLN B 285 24.26 26.86 -2.57
CA GLN B 285 23.47 28.08 -2.67
C GLN B 285 23.54 28.71 -4.06
N TRP B 286 23.96 27.92 -5.03
CA TRP B 286 24.11 28.42 -6.39
C TRP B 286 22.77 28.79 -7.02
N GLU B 287 21.68 28.22 -6.50
CA GLU B 287 20.36 28.50 -7.03
C GLU B 287 19.93 29.95 -6.86
N LYS B 288 19.96 30.44 -5.62
CA LYS B 288 19.62 31.84 -5.36
C LYS B 288 20.65 32.78 -5.99
N PHE B 289 21.91 32.37 -5.98
CA PHE B 289 22.99 33.18 -6.55
C PHE B 289 22.84 33.29 -8.07
N GLY B 290 22.53 32.17 -8.71
CA GLY B 290 22.49 32.10 -10.16
C GLY B 290 23.46 31.04 -10.64
N LEU B 291 22.93 30.01 -11.29
CA LEU B 291 23.71 28.85 -11.70
C LEU B 291 24.69 29.26 -12.79
N GLU B 292 24.16 29.97 -13.77
CA GLU B 292 24.92 30.47 -14.92
C GLU B 292 26.17 31.23 -14.51
N LYS B 293 26.11 31.85 -13.34
CA LYS B 293 27.21 32.65 -12.83
C LYS B 293 28.45 31.82 -12.48
N ARG B 294 28.26 30.55 -12.15
CA ARG B 294 29.39 29.76 -11.62
C ARG B 294 30.54 29.65 -12.62
N GLN B 295 30.21 29.29 -13.86
CA GLN B 295 31.14 29.33 -14.98
C GLN B 295 32.00 30.58 -14.85
N GLY B 296 31.34 31.73 -14.78
CA GLY B 296 32.02 33.00 -14.63
C GLY B 296 33.06 32.99 -13.53
N ALA B 297 32.64 32.66 -12.30
CA ALA B 297 33.55 32.70 -11.17
C ALA B 297 34.84 31.98 -11.56
N LEU B 298 34.64 30.80 -12.14
CA LEU B 298 35.77 29.94 -12.47
C LEU B 298 36.85 30.66 -13.24
N GLU B 299 36.51 31.31 -14.34
CA GLU B 299 37.65 31.78 -15.12
C GLU B 299 38.37 32.96 -14.45
N LEU B 300 37.67 33.71 -13.59
CA LEU B 300 38.34 34.71 -12.78
C LEU B 300 39.44 34.00 -12.01
N ILE B 301 39.02 32.94 -11.31
CA ILE B 301 39.95 32.09 -10.58
C ILE B 301 41.07 31.67 -11.52
N LYS B 302 40.70 31.17 -12.70
CA LYS B 302 41.70 30.68 -13.64
C LYS B 302 42.66 31.80 -13.93
N LYS B 303 42.09 32.96 -14.26
CA LYS B 303 42.87 34.14 -14.59
C LYS B 303 43.91 34.37 -13.50
N GLY B 304 43.42 34.45 -12.26
CA GLY B 304 44.28 34.72 -11.13
C GLY B 304 45.45 33.77 -11.12
N TYR B 305 45.14 32.48 -11.19
CA TYR B 305 46.17 31.44 -11.14
C TYR B 305 47.21 31.70 -12.21
N THR B 306 46.75 31.89 -13.43
CA THR B 306 47.65 32.09 -14.56
C THR B 306 48.55 33.26 -14.26
N GLN B 307 47.94 34.35 -13.82
CA GLN B 307 48.68 35.57 -13.53
C GLN B 307 49.72 35.32 -12.44
N GLN B 308 49.31 34.55 -11.43
CA GLN B 308 50.20 34.29 -10.30
C GLN B 308 51.45 33.55 -10.75
N LEU B 309 51.31 32.77 -11.82
CA LEU B 309 52.44 31.99 -12.32
C LEU B 309 53.57 32.88 -12.82
N ALA B 310 53.25 34.15 -13.10
CA ALA B 310 54.27 35.09 -13.53
C ALA B 310 55.22 35.42 -12.38
N PHE B 311 54.73 35.32 -11.15
CA PHE B 311 55.51 35.73 -9.99
C PHE B 311 56.12 34.53 -9.28
N ARG B 312 56.09 33.39 -9.95
CA ARG B 312 56.74 32.19 -9.47
C ARG B 312 58.22 32.25 -9.82
N GLN B 313 59.06 32.10 -8.80
CA GLN B 313 60.50 32.19 -8.99
C GLN B 313 61.08 30.82 -9.33
N PRO B 314 62.33 30.76 -9.82
CA PRO B 314 62.98 29.49 -10.13
C PRO B 314 63.03 28.50 -8.95
N SER B 315 62.92 29.00 -7.72
CA SER B 315 62.96 28.13 -6.55
C SER B 315 61.59 27.55 -6.23
N SER B 316 60.61 28.00 -7.01
CA SER B 316 59.17 27.69 -6.83
C SER B 316 58.52 28.48 -5.69
N ALA B 317 59.23 29.50 -5.19
CA ALA B 317 58.66 30.38 -4.18
C ALA B 317 57.99 31.58 -4.84
N PHE B 318 57.38 32.45 -4.03
CA PHE B 318 56.67 33.60 -4.56
C PHE B 318 57.02 34.89 -3.83
N ALA B 319 56.93 36.00 -4.56
CA ALA B 319 57.14 37.32 -3.99
C ALA B 319 56.37 38.33 -4.85
N ALA B 320 56.27 39.56 -4.37
CA ALA B 320 55.59 40.62 -5.11
C ALA B 320 56.20 40.79 -6.50
N PHE B 321 57.52 40.91 -6.55
CA PHE B 321 58.21 41.06 -7.82
C PHE B 321 59.26 39.96 -7.98
N VAL B 322 59.61 39.66 -9.22
CA VAL B 322 60.61 38.64 -9.53
C VAL B 322 61.96 39.01 -8.93
N LYS B 323 62.25 40.30 -8.88
CA LYS B 323 63.49 40.81 -8.32
C LYS B 323 63.52 40.67 -6.79
N ARG B 324 62.33 40.74 -6.18
CA ARG B 324 62.23 40.73 -4.72
C ARG B 324 62.49 39.36 -4.11
N ALA B 325 63.14 39.35 -2.95
CA ALA B 325 63.38 38.13 -2.21
C ALA B 325 62.07 37.45 -1.83
N PRO B 326 62.03 36.11 -1.94
CA PRO B 326 60.83 35.30 -1.74
C PRO B 326 60.29 35.32 -0.30
N SER B 327 58.97 35.40 -0.18
CA SER B 327 58.33 35.43 1.13
C SER B 327 57.90 34.05 1.59
N THR B 328 58.19 33.72 2.84
CA THR B 328 57.73 32.47 3.42
C THR B 328 56.22 32.48 3.49
N TRP B 329 55.68 33.58 4.03
CA TRP B 329 54.24 33.70 4.21
C TRP B 329 53.48 33.66 2.89
N LEU B 330 53.91 34.47 1.94
CA LEU B 330 53.22 34.55 0.66
C LEU B 330 53.24 33.22 -0.09
N THR B 331 54.37 32.53 -0.01
CA THR B 331 54.50 31.20 -0.62
C THR B 331 53.54 30.21 0.02
N ALA B 332 53.56 30.15 1.36
CA ALA B 332 52.66 29.25 2.08
C ALA B 332 51.21 29.58 1.79
N TYR B 333 50.93 30.87 1.59
CA TYR B 333 49.58 31.32 1.32
C TYR B 333 49.14 30.90 -0.08
N VAL B 334 50.03 31.03 -1.05
CA VAL B 334 49.77 30.59 -2.41
C VAL B 334 49.45 29.09 -2.39
N VAL B 335 50.19 28.36 -1.57
CA VAL B 335 49.89 26.95 -1.35
C VAL B 335 48.49 26.73 -0.78
N LYS B 336 48.17 27.43 0.30
CA LYS B 336 46.86 27.33 0.94
C LYS B 336 45.73 27.53 -0.07
N VAL B 337 45.74 28.69 -0.72
CA VAL B 337 44.74 29.06 -1.71
C VAL B 337 44.65 28.11 -2.90
N PHE B 338 45.78 27.78 -3.51
CA PHE B 338 45.80 26.87 -4.66
C PHE B 338 45.26 25.50 -4.27
N SER B 339 45.66 25.02 -3.10
CA SER B 339 45.19 23.75 -2.58
C SER B 339 43.67 23.77 -2.42
N LEU B 340 43.14 24.87 -1.90
CA LEU B 340 41.68 24.96 -1.76
C LEU B 340 41.01 25.12 -3.13
N ALA B 341 41.76 25.59 -4.12
CA ALA B 341 41.23 25.82 -5.47
C ALA B 341 41.48 24.65 -6.41
N VAL B 342 42.05 23.57 -5.90
CA VAL B 342 42.40 22.42 -6.72
C VAL B 342 41.18 21.67 -7.26
N ASN B 343 40.03 21.86 -6.63
CA ASN B 343 38.79 21.26 -7.11
C ASN B 343 38.23 22.05 -8.28
N LEU B 344 38.44 23.36 -8.23
CA LEU B 344 37.75 24.30 -9.10
C LEU B 344 38.38 24.42 -10.49
N ILE B 345 39.70 24.43 -10.54
CA ILE B 345 40.42 24.49 -11.80
C ILE B 345 41.67 23.62 -11.77
N ALA B 346 42.21 23.33 -12.96
CA ALA B 346 43.44 22.56 -13.08
C ALA B 346 44.63 23.35 -12.52
N ILE B 347 45.21 22.85 -11.43
CA ILE B 347 46.41 23.45 -10.86
C ILE B 347 47.61 22.55 -11.11
N ASP B 348 48.71 23.14 -11.59
CA ASP B 348 49.92 22.38 -11.85
C ASP B 348 50.45 21.80 -10.54
N SER B 349 50.61 20.48 -10.50
CA SER B 349 51.09 19.79 -9.33
C SER B 349 52.50 20.27 -8.97
N GLN B 350 53.29 20.56 -10.01
CA GLN B 350 54.68 20.95 -9.84
C GLN B 350 54.85 22.32 -9.17
N VAL B 351 53.91 23.23 -9.45
CA VAL B 351 53.95 24.56 -8.84
C VAL B 351 53.70 24.48 -7.35
N LEU B 352 52.56 23.89 -6.99
CA LEU B 352 52.16 23.70 -5.60
C LEU B 352 53.21 22.93 -4.81
N CYS B 353 53.46 21.69 -5.23
CA CYS B 353 54.40 20.82 -4.53
C CYS B 353 55.82 21.39 -4.54
N GLY B 354 56.12 22.16 -5.57
CA GLY B 354 57.41 22.84 -5.65
C GLY B 354 57.53 23.86 -4.54
N ALA B 355 56.48 24.66 -4.39
CA ALA B 355 56.40 25.65 -3.33
C ALA B 355 56.52 25.00 -1.95
N VAL B 356 55.84 23.86 -1.79
CA VAL B 356 55.91 23.12 -0.52
C VAL B 356 57.32 22.67 -0.21
N LYS B 357 57.95 22.03 -1.20
CA LYS B 357 59.31 21.54 -1.08
C LYS B 357 60.27 22.68 -0.73
N TRP B 358 60.03 23.84 -1.33
CA TRP B 358 60.86 25.01 -1.04
C TRP B 358 60.67 25.48 0.39
N LEU B 359 59.42 25.51 0.84
CA LEU B 359 59.12 25.92 2.21
C LEU B 359 59.83 25.04 3.22
N ILE B 360 59.73 23.73 3.03
CA ILE B 360 60.37 22.78 3.95
C ILE B 360 61.89 22.87 3.91
N LEU B 361 62.48 22.56 2.75
CA LEU B 361 63.94 22.45 2.67
C LEU B 361 64.68 23.78 2.85
N GLU B 362 64.05 24.88 2.46
CA GLU B 362 64.70 26.18 2.56
C GLU B 362 64.33 26.97 3.80
N LYS B 363 63.08 26.86 4.25
CA LYS B 363 62.59 27.73 5.31
C LYS B 363 62.36 27.09 6.68
N GLN B 364 62.55 25.77 6.79
CA GLN B 364 62.30 25.12 8.08
C GLN B 364 63.57 24.84 8.87
N LYS B 365 63.62 25.39 10.09
CA LYS B 365 64.73 25.16 11.00
C LYS B 365 64.67 23.75 11.60
N PRO B 366 65.82 23.25 12.09
CA PRO B 366 65.92 21.94 12.73
C PRO B 366 64.89 21.68 13.83
N ASP B 367 64.36 22.72 14.46
CA ASP B 367 63.39 22.52 15.53
C ASP B 367 61.94 22.46 15.05
N GLY B 368 61.72 22.72 13.77
CA GLY B 368 60.40 22.64 13.17
C GLY B 368 59.81 24.00 12.83
N VAL B 369 60.46 25.05 13.29
CA VAL B 369 59.95 26.41 13.09
C VAL B 369 60.10 26.88 11.64
N PHE B 370 59.09 27.58 11.16
CA PHE B 370 59.20 28.27 9.87
C PHE B 370 59.53 29.74 10.08
N GLN B 371 60.41 30.26 9.24
CA GLN B 371 60.90 31.63 9.40
C GLN B 371 60.69 32.48 8.15
N GLU B 372 60.32 33.74 8.35
CA GLU B 372 60.18 34.70 7.26
C GLU B 372 61.41 35.60 7.16
N ASP B 373 62.03 35.63 5.99
CA ASP B 373 63.24 36.43 5.76
C ASP B 373 62.95 37.66 4.89
N ALA B 374 61.84 37.60 4.15
CA ALA B 374 61.44 38.68 3.26
C ALA B 374 59.94 38.97 3.35
N PRO B 375 59.52 39.69 4.40
CA PRO B 375 58.11 39.98 4.67
C PRO B 375 57.41 40.65 3.50
N VAL B 376 56.11 40.41 3.36
CA VAL B 376 55.34 40.98 2.27
C VAL B 376 55.19 42.49 2.42
N ILE B 377 54.93 43.17 1.32
CA ILE B 377 54.68 44.61 1.36
C ILE B 377 53.35 44.90 2.04
N HIS B 378 52.32 44.16 1.66
CA HIS B 378 50.97 44.33 2.19
C HIS B 378 50.79 43.58 3.51
N GLN B 379 51.22 44.19 4.61
CA GLN B 379 51.06 43.57 5.93
C GLN B 379 49.60 43.28 6.23
N GLU B 380 48.70 44.15 5.77
CA GLU B 380 47.27 43.98 5.99
C GLU B 380 46.80 42.58 5.63
N MET B 381 47.27 42.08 4.49
CA MET B 381 46.81 40.80 3.96
C MET B 381 47.19 39.59 4.82
N ILE B 382 48.01 39.80 5.85
CA ILE B 382 48.38 38.69 6.74
C ILE B 382 47.59 38.73 8.05
N GLY B 383 46.66 39.68 8.13
CA GLY B 383 45.77 39.80 9.27
C GLY B 383 46.44 39.62 10.61
N GLY B 384 45.93 38.67 11.39
CA GLY B 384 46.40 38.43 12.74
C GLY B 384 47.88 38.16 12.89
N LEU B 385 48.58 37.83 11.81
CA LEU B 385 50.01 37.55 11.93
C LEU B 385 50.82 38.83 12.10
N ARG B 386 50.15 39.97 11.92
CA ARG B 386 50.81 41.27 11.93
C ARG B 386 51.47 41.58 13.28
N ASN B 387 50.88 41.09 14.36
CA ASN B 387 51.41 41.32 15.70
C ASN B 387 52.81 40.75 15.89
N ASN B 388 53.72 41.58 16.40
CA ASN B 388 55.12 41.18 16.58
C ASN B 388 55.32 40.02 17.56
N ASN B 389 54.50 39.96 18.60
CA ASN B 389 54.61 38.91 19.61
C ASN B 389 54.29 37.51 19.08
N GLU B 390 55.10 36.53 19.48
CA GLU B 390 54.85 35.12 19.17
C GLU B 390 54.75 34.81 17.67
N LYS B 391 55.61 35.46 16.88
CA LYS B 391 55.66 35.27 15.44
C LYS B 391 56.03 33.84 15.03
N ASP B 392 56.94 33.22 15.77
CA ASP B 392 57.41 31.88 15.46
C ASP B 392 56.28 30.86 15.51
N MET B 393 55.56 30.83 16.63
CA MET B 393 54.43 29.93 16.81
C MET B 393 53.32 30.14 15.77
N ALA B 394 52.97 31.41 15.55
CA ALA B 394 51.89 31.77 14.63
C ALA B 394 52.22 31.46 13.16
N LEU B 395 53.42 31.83 12.74
CA LEU B 395 53.85 31.58 11.36
C LEU B 395 54.08 30.09 11.10
N THR B 396 54.68 29.41 12.07
CA THR B 396 54.86 27.96 11.97
C THR B 396 53.51 27.27 11.87
N ALA B 397 52.56 27.75 12.67
CA ALA B 397 51.20 27.21 12.65
C ALA B 397 50.56 27.42 11.28
N PHE B 398 50.63 28.64 10.77
CA PHE B 398 50.09 29.02 9.46
C PHE B 398 50.66 28.14 8.33
N VAL B 399 51.98 28.08 8.25
CA VAL B 399 52.65 27.29 7.23
C VAL B 399 52.28 25.83 7.35
N LEU B 400 52.28 25.33 8.59
CA LEU B 400 51.92 23.93 8.83
C LEU B 400 50.52 23.64 8.30
N ILE B 401 49.58 24.53 8.59
CA ILE B 401 48.22 24.40 8.08
C ILE B 401 48.20 24.32 6.55
N SER B 402 48.93 25.24 5.91
CA SER B 402 49.08 25.19 4.46
C SER B 402 49.62 23.83 4.00
N LEU B 403 50.51 23.24 4.80
CA LEU B 403 51.08 21.93 4.47
C LEU B 403 50.05 20.81 4.59
N GLN B 404 49.24 20.84 5.65
CA GLN B 404 48.17 19.87 5.85
C GLN B 404 47.22 19.93 4.66
N GLU B 405 46.95 21.15 4.20
CA GLU B 405 46.07 21.34 3.04
C GLU B 405 46.65 20.70 1.78
N ALA B 406 47.97 20.60 1.71
CA ALA B 406 48.64 20.09 0.51
C ALA B 406 49.14 18.65 0.64
N LYS B 407 48.92 18.04 1.80
CA LYS B 407 49.45 16.71 2.07
C LYS B 407 48.99 15.65 1.08
N ASP B 408 47.69 15.60 0.83
CA ASP B 408 47.11 14.60 -0.06
C ASP B 408 47.58 14.78 -1.50
N ILE B 409 47.89 16.02 -1.87
CA ILE B 409 48.27 16.34 -3.25
C ILE B 409 49.75 16.13 -3.49
N CYS B 410 50.56 16.29 -2.44
CA CYS B 410 52.01 16.33 -2.59
C CYS B 410 52.78 15.21 -1.88
N GLU B 411 52.08 14.21 -1.36
CA GLU B 411 52.74 13.18 -0.55
C GLU B 411 53.76 12.33 -1.33
N GLU B 412 53.47 12.06 -2.60
CA GLU B 412 54.38 11.26 -3.41
C GLU B 412 55.54 12.07 -3.96
N GLN B 413 55.26 13.30 -4.39
CA GLN B 413 56.30 14.16 -4.95
C GLN B 413 57.28 14.64 -3.89
N VAL B 414 56.78 14.92 -2.70
CA VAL B 414 57.61 15.51 -1.65
C VAL B 414 57.84 14.54 -0.51
N ASN B 415 59.06 14.03 -0.40
CA ASN B 415 59.43 13.09 0.65
C ASN B 415 59.56 13.74 2.03
N SER B 416 59.93 15.01 2.07
CA SER B 416 60.20 15.70 3.32
C SER B 416 58.94 16.13 4.08
N LEU B 417 57.79 15.97 3.44
CA LEU B 417 56.53 16.47 3.99
C LEU B 417 56.07 15.84 5.31
N PRO B 418 56.06 14.50 5.42
CA PRO B 418 55.65 13.91 6.70
C PRO B 418 56.55 14.33 7.87
N GLY B 419 57.86 14.37 7.63
CA GLY B 419 58.81 14.77 8.66
C GLY B 419 58.66 16.23 9.08
N SER B 420 58.39 17.09 8.11
CA SER B 420 58.19 18.51 8.36
C SER B 420 56.97 18.74 9.23
N ILE B 421 55.84 18.15 8.84
CA ILE B 421 54.59 18.25 9.58
C ILE B 421 54.79 17.81 11.03
N THR B 422 55.50 16.71 11.20
CA THR B 422 55.79 16.17 12.54
C THR B 422 56.71 17.12 13.31
N LYS B 423 57.76 17.59 12.65
CA LYS B 423 58.70 18.52 13.27
C LYS B 423 58.04 19.81 13.72
N ALA B 424 57.20 20.38 12.85
CA ALA B 424 56.45 21.58 13.19
C ALA B 424 55.53 21.30 14.37
N GLY B 425 54.93 20.13 14.36
CA GLY B 425 53.99 19.73 15.39
C GLY B 425 54.63 19.63 16.74
N ASP B 426 55.89 19.19 16.75
CA ASP B 426 56.67 19.10 17.98
C ASP B 426 56.93 20.47 18.58
N PHE B 427 57.30 21.43 17.75
CA PHE B 427 57.56 22.78 18.22
C PHE B 427 56.29 23.43 18.75
N LEU B 428 55.18 23.20 18.05
CA LEU B 428 53.91 23.73 18.50
C LEU B 428 53.53 23.15 19.86
N GLU B 429 53.60 21.83 19.95
CA GLU B 429 53.31 21.13 21.20
C GLU B 429 54.20 21.62 22.36
N ALA B 430 55.49 21.77 22.08
CA ALA B 430 56.46 22.12 23.13
C ALA B 430 56.24 23.48 23.77
N ASN B 431 55.79 24.45 22.98
CA ASN B 431 55.71 25.84 23.44
C ASN B 431 54.28 26.36 23.54
N TYR B 432 53.31 25.51 23.24
CA TYR B 432 51.90 25.90 23.23
C TYR B 432 51.44 26.47 24.57
N MET B 433 51.86 25.85 25.67
CA MET B 433 51.40 26.23 27.00
C MET B 433 51.80 27.64 27.43
N ASN B 434 52.79 28.21 26.75
CA ASN B 434 53.30 29.53 27.10
C ASN B 434 52.64 30.69 26.35
N LEU B 435 51.73 30.37 25.43
CA LEU B 435 51.08 31.38 24.61
C LEU B 435 50.21 32.34 25.44
N GLN B 436 50.27 33.63 25.11
CA GLN B 436 49.52 34.65 25.85
C GLN B 436 48.46 35.35 25.00
N ARG B 437 48.52 35.15 23.69
CA ARG B 437 47.54 35.75 22.79
C ARG B 437 46.51 34.75 22.27
N SER B 438 45.24 35.15 22.26
CA SER B 438 44.15 34.31 21.81
C SER B 438 44.33 33.85 20.36
N TYR B 439 44.85 34.74 19.52
CA TYR B 439 45.05 34.44 18.10
C TYR B 439 45.99 33.24 17.91
N THR B 440 47.15 33.31 18.54
CA THR B 440 48.14 32.24 18.46
C THR B 440 47.57 30.95 19.01
N VAL B 441 46.90 31.04 20.16
CA VAL B 441 46.27 29.88 20.80
C VAL B 441 45.30 29.19 19.85
N ALA B 442 44.51 29.99 19.16
CA ALA B 442 43.50 29.48 18.24
C ALA B 442 44.10 28.84 16.99
N ILE B 443 45.01 29.55 16.32
CA ILE B 443 45.60 29.03 15.07
C ILE B 443 46.52 27.82 15.32
N ALA B 444 47.39 27.90 16.32
CA ALA B 444 48.25 26.78 16.68
C ALA B 444 47.39 25.63 17.18
N GLY B 445 46.29 25.98 17.84
CA GLY B 445 45.34 24.99 18.32
C GLY B 445 44.73 24.21 17.18
N TYR B 446 44.34 24.91 16.11
CA TYR B 446 43.80 24.26 14.93
C TYR B 446 44.85 23.36 14.26
N ALA B 447 46.06 23.91 14.11
CA ALA B 447 47.17 23.14 13.56
C ALA B 447 47.42 21.83 14.31
N LEU B 448 47.45 21.89 15.63
CA LEU B 448 47.65 20.72 16.48
C LEU B 448 46.46 19.76 16.39
N ALA B 449 45.26 20.34 16.26
CA ALA B 449 44.04 19.56 16.16
C ALA B 449 44.01 18.73 14.88
N GLN B 450 44.60 19.28 13.81
CA GLN B 450 44.70 18.56 12.54
C GLN B 450 45.55 17.29 12.66
N MET B 451 46.48 17.30 13.62
CA MET B 451 47.37 16.16 13.81
C MET B 451 46.91 15.26 14.95
N GLY B 452 45.76 15.58 15.53
CA GLY B 452 45.26 14.84 16.68
C GLY B 452 46.17 14.99 17.89
N ARG B 453 46.92 16.09 17.91
CA ARG B 453 47.90 16.34 18.97
C ARG B 453 47.44 17.45 19.93
N LEU B 454 46.17 17.86 19.81
CA LEU B 454 45.59 18.82 20.73
C LEU B 454 44.77 18.09 21.79
N LYS B 455 45.41 17.78 22.92
CA LYS B 455 44.76 17.00 23.98
C LYS B 455 45.20 17.48 25.35
N GLY B 456 44.49 17.01 26.38
CA GLY B 456 44.86 17.28 27.76
C GLY B 456 44.90 18.74 28.14
N PRO B 457 45.99 19.15 28.81
CA PRO B 457 46.21 20.52 29.28
C PRO B 457 46.16 21.51 28.12
N LEU B 458 46.62 21.08 26.95
CA LEU B 458 46.58 21.91 25.75
C LEU B 458 45.15 22.22 25.36
N LEU B 459 44.34 21.16 25.30
CA LEU B 459 42.94 21.30 24.96
C LEU B 459 42.22 22.21 25.96
N ASN B 460 42.56 22.05 27.23
CA ASN B 460 41.99 22.89 28.27
C ASN B 460 42.41 24.35 28.14
N LYS B 461 43.66 24.61 27.78
CA LYS B 461 44.11 25.99 27.57
C LYS B 461 43.37 26.61 26.40
N PHE B 462 43.24 25.83 25.32
CA PHE B 462 42.51 26.26 24.14
C PHE B 462 41.08 26.66 24.46
N LEU B 463 40.35 25.76 25.13
CA LEU B 463 38.96 26.03 25.49
C LEU B 463 38.82 27.16 26.52
N THR B 464 39.67 27.14 27.54
CA THR B 464 39.72 28.16 28.60
C THR B 464 39.94 29.56 28.04
N THR B 465 40.80 29.65 27.02
CA THR B 465 41.17 30.93 26.42
C THR B 465 39.97 31.67 25.83
N ALA B 466 38.97 30.91 25.37
CA ALA B 466 37.76 31.50 24.82
C ALA B 466 36.99 32.31 25.86
N LYS B 467 36.72 33.57 25.54
CA LYS B 467 35.89 34.42 26.36
C LYS B 467 34.42 34.14 26.07
N ASP B 468 33.61 34.03 27.14
CA ASP B 468 32.17 33.75 27.03
C ASP B 468 31.86 32.43 26.33
N LYS B 469 32.90 31.67 26.01
CA LYS B 469 32.80 30.39 25.32
C LYS B 469 32.13 30.55 23.96
N ASN B 470 32.38 31.68 23.31
CA ASN B 470 31.79 31.94 22.00
C ASN B 470 32.80 32.51 21.00
N ARG B 471 33.89 33.06 21.51
CA ARG B 471 34.86 33.71 20.66
C ARG B 471 36.27 33.71 21.25
N TRP B 472 37.26 33.86 20.37
CA TRP B 472 38.65 34.04 20.77
C TRP B 472 39.08 35.47 20.38
N GLU B 473 39.32 36.33 21.37
CA GLU B 473 39.62 37.73 21.06
C GLU B 473 40.86 38.29 21.75
N ASP B 474 41.34 39.40 21.20
CA ASP B 474 42.44 40.17 21.77
C ASP B 474 42.20 41.66 21.49
N PRO B 475 42.80 42.54 22.32
CA PRO B 475 42.72 43.98 22.05
C PRO B 475 43.32 44.33 20.70
N GLY B 476 42.61 45.10 19.90
CA GLY B 476 43.08 45.48 18.58
C GLY B 476 42.01 45.31 17.52
N LYS B 477 42.45 45.01 16.29
CA LYS B 477 41.52 44.85 15.18
C LYS B 477 40.47 43.78 15.43
N GLN B 478 39.21 44.10 15.11
CA GLN B 478 38.12 43.15 15.25
C GLN B 478 38.33 41.98 14.28
N LEU B 479 38.89 42.30 13.12
CA LEU B 479 39.13 41.32 12.07
C LEU B 479 40.03 40.17 12.53
N TYR B 480 41.06 40.51 13.31
CA TYR B 480 41.97 39.51 13.85
C TYR B 480 41.20 38.52 14.71
N ASN B 481 40.25 39.04 15.49
CA ASN B 481 39.43 38.23 16.37
C ASN B 481 38.47 37.34 15.59
N VAL B 482 37.92 37.88 14.49
CA VAL B 482 37.09 37.07 13.60
C VAL B 482 37.90 35.90 13.03
N GLU B 483 39.08 36.22 12.51
CA GLU B 483 39.98 35.22 11.93
C GLU B 483 40.35 34.12 12.93
N ALA B 484 40.81 34.56 14.10
CA ALA B 484 41.15 33.64 15.19
C ALA B 484 39.98 32.74 15.55
N THR B 485 38.81 33.33 15.77
CA THR B 485 37.60 32.58 16.10
C THR B 485 37.25 31.56 15.00
N SER B 486 37.52 31.91 13.76
CA SER B 486 37.31 30.99 12.64
C SER B 486 38.26 29.80 12.75
N TYR B 487 39.51 30.09 13.06
CA TYR B 487 40.49 29.03 13.32
C TYR B 487 40.03 28.09 14.43
N ALA B 488 39.54 28.67 15.53
CA ALA B 488 39.10 27.88 16.67
C ALA B 488 37.86 27.05 16.31
N LEU B 489 37.01 27.60 15.45
CA LEU B 489 35.85 26.87 14.97
C LEU B 489 36.31 25.64 14.18
N LEU B 490 37.29 25.85 13.31
CA LEU B 490 37.85 24.75 12.52
C LEU B 490 38.47 23.69 13.43
N ALA B 491 39.12 24.14 14.49
CA ALA B 491 39.71 23.25 15.48
C ALA B 491 38.64 22.39 16.16
N LEU B 492 37.58 23.04 16.63
CA LEU B 492 36.47 22.34 17.27
C LEU B 492 35.81 21.35 16.33
N LEU B 493 35.66 21.73 15.07
CA LEU B 493 35.11 20.83 14.07
C LEU B 493 36.00 19.61 13.87
N GLN B 494 37.30 19.84 13.81
CA GLN B 494 38.25 18.74 13.71
C GLN B 494 38.13 17.82 14.92
N LEU B 495 37.89 18.42 16.08
CA LEU B 495 37.75 17.65 17.32
C LEU B 495 36.38 17.00 17.44
N LYS B 496 35.44 17.44 16.61
CA LYS B 496 34.07 16.96 16.64
C LYS B 496 33.36 17.35 17.94
N ASP B 497 33.91 18.36 18.63
CA ASP B 497 33.28 18.89 19.84
C ASP B 497 32.07 19.72 19.43
N PHE B 498 30.98 19.05 19.11
CA PHE B 498 29.77 19.71 18.64
C PHE B 498 29.02 20.46 19.73
N ASP B 499 29.31 20.16 20.99
CA ASP B 499 28.63 20.83 22.10
C ASP B 499 29.12 22.25 22.31
N PHE B 500 30.38 22.47 21.96
CA PHE B 500 31.04 23.76 22.14
C PHE B 500 30.80 24.65 20.93
N VAL B 501 30.50 24.02 19.79
CA VAL B 501 30.35 24.70 18.50
C VAL B 501 29.23 25.75 18.36
N PRO B 502 27.97 25.41 18.75
CA PRO B 502 26.84 26.30 18.42
C PRO B 502 26.93 27.76 18.92
N PRO B 503 27.44 27.99 20.14
CA PRO B 503 27.58 29.42 20.48
C PRO B 503 28.64 30.12 19.63
N VAL B 504 29.72 29.41 19.31
CA VAL B 504 30.81 29.99 18.53
C VAL B 504 30.36 30.36 17.12
N VAL B 505 29.63 29.46 16.48
CA VAL B 505 29.12 29.72 15.14
C VAL B 505 28.14 30.88 15.15
N ARG B 506 27.28 30.89 16.17
CA ARG B 506 26.32 31.97 16.35
C ARG B 506 27.03 33.31 16.46
N TRP B 507 28.15 33.33 17.17
CA TRP B 507 28.89 34.57 17.37
C TRP B 507 29.49 35.10 16.07
N LEU B 508 30.09 34.21 15.28
CA LEU B 508 30.66 34.60 14.00
C LEU B 508 29.60 35.21 13.09
N ASN B 509 28.46 34.53 12.99
CA ASN B 509 27.35 35.04 12.19
C ASN B 509 26.79 36.34 12.77
N GLU B 510 26.94 36.50 14.07
CA GLU B 510 26.42 37.67 14.77
C GLU B 510 27.24 38.90 14.45
N GLN B 511 28.53 38.68 14.23
CA GLN B 511 29.44 39.75 13.81
C GLN B 511 28.98 40.37 12.51
N ARG B 512 28.36 39.57 11.65
CA ARG B 512 27.90 40.02 10.35
C ARG B 512 29.05 40.57 9.53
N TYR B 513 30.06 39.72 9.34
CA TYR B 513 31.21 40.05 8.53
C TYR B 513 31.23 39.20 7.28
N TYR B 514 31.32 39.84 6.12
CA TYR B 514 31.24 39.11 4.86
C TYR B 514 32.45 39.33 3.96
N GLY B 515 33.59 39.70 4.55
CA GLY B 515 34.83 39.88 3.80
C GLY B 515 34.77 40.95 2.73
N GLY B 516 35.79 40.99 1.88
CA GLY B 516 35.96 42.06 0.93
C GLY B 516 36.43 43.31 1.68
N GLY B 517 37.20 44.16 1.02
CA GLY B 517 37.68 45.37 1.67
C GLY B 517 39.18 45.35 1.96
N TYR B 518 39.71 46.52 2.29
CA TYR B 518 41.14 46.66 2.56
C TYR B 518 41.52 45.90 3.82
N GLY B 519 42.50 45.01 3.69
CA GLY B 519 42.98 44.24 4.82
C GLY B 519 42.04 43.15 5.29
N SER B 520 41.36 42.49 4.37
CA SER B 520 40.27 41.58 4.73
C SER B 520 40.54 40.13 4.34
N THR B 521 41.60 39.89 3.58
CA THR B 521 41.85 38.59 2.97
C THR B 521 41.84 37.39 3.95
N GLN B 522 42.55 37.52 5.07
CA GLN B 522 42.58 36.44 6.06
C GLN B 522 41.23 36.21 6.72
N ALA B 523 40.57 37.29 7.12
CA ALA B 523 39.26 37.18 7.75
C ALA B 523 38.24 36.59 6.79
N THR B 524 38.28 37.00 5.54
CA THR B 524 37.39 36.50 4.51
C THR B 524 37.60 35.01 4.30
N PHE B 525 38.82 34.66 3.89
CA PHE B 525 39.19 33.27 3.62
C PHE B 525 38.85 32.36 4.80
N MET B 526 39.29 32.76 5.99
CA MET B 526 39.08 31.94 7.17
C MET B 526 37.62 31.83 7.61
N VAL B 527 36.90 32.94 7.63
CA VAL B 527 35.51 32.89 8.08
C VAL B 527 34.66 32.04 7.14
N PHE B 528 34.92 32.15 5.83
CA PHE B 528 34.11 31.39 4.88
C PHE B 528 34.50 29.91 4.80
N GLN B 529 35.79 29.62 4.92
CA GLN B 529 36.25 28.24 5.01
C GLN B 529 35.70 27.56 6.27
N ALA B 530 35.73 28.30 7.38
CA ALA B 530 35.22 27.79 8.65
C ALA B 530 33.72 27.52 8.61
N LEU B 531 32.96 28.45 8.04
CA LEU B 531 31.51 28.26 7.94
C LEU B 531 31.12 27.14 6.98
N ALA B 532 31.82 27.08 5.84
CA ALA B 532 31.63 25.99 4.89
C ALA B 532 31.87 24.65 5.57
N GLN B 533 32.98 24.56 6.29
CA GLN B 533 33.31 23.33 7.00
C GLN B 533 32.27 23.01 8.08
N TYR B 534 31.70 24.05 8.70
CA TYR B 534 30.63 23.84 9.67
C TYR B 534 29.45 23.16 9.01
N GLN B 535 29.06 23.69 7.87
CA GLN B 535 27.96 23.09 7.09
C GLN B 535 28.27 21.64 6.74
N LYS B 536 29.51 21.38 6.35
CA LYS B 536 29.93 20.04 5.94
C LYS B 536 29.87 19.04 7.08
N ASP B 537 30.35 19.45 8.25
CA ASP B 537 30.46 18.53 9.38
C ASP B 537 29.20 18.48 10.22
N ALA B 538 28.26 19.37 9.94
CA ALA B 538 27.02 19.45 10.70
C ALA B 538 26.17 18.21 10.51
N PRO B 539 25.64 17.66 11.62
CA PRO B 539 24.67 16.56 11.52
C PRO B 539 23.25 17.11 11.40
N ASP B 540 22.44 16.51 10.54
CA ASP B 540 21.07 16.95 10.36
C ASP B 540 20.14 16.35 11.40
N HIS B 541 20.49 15.15 11.83
CA HIS B 541 19.71 14.45 12.83
C HIS B 541 20.62 13.76 13.85
N GLN B 542 20.11 13.57 15.06
CA GLN B 542 20.84 12.85 16.08
C GLN B 542 20.98 11.39 15.67
N GLU B 543 22.03 10.74 16.13
CA GLU B 543 22.29 9.35 15.79
C GLU B 543 21.34 8.33 16.37
N LEU B 544 20.65 7.63 15.50
CA LEU B 544 19.78 6.56 15.97
C LEU B 544 20.28 5.18 15.53
N ASN B 545 20.99 4.51 16.43
CA ASN B 545 21.39 3.12 16.23
C ASN B 545 21.09 2.35 17.50
N LEU B 546 19.97 1.62 17.50
CA LEU B 546 19.58 0.86 18.67
C LEU B 546 19.53 -0.63 18.42
N ASP B 547 20.02 -1.40 19.39
CA ASP B 547 19.89 -2.84 19.38
C ASP B 547 19.02 -3.21 20.57
N VAL B 548 17.80 -3.63 20.29
CA VAL B 548 16.85 -3.95 21.34
C VAL B 548 16.48 -5.44 21.32
N SER B 549 16.75 -6.12 22.42
CA SER B 549 16.37 -7.53 22.54
C SER B 549 15.33 -7.69 23.65
N LEU B 550 14.46 -8.67 23.47
CA LEU B 550 13.49 -9.04 24.50
C LEU B 550 13.66 -10.51 24.79
N GLN B 551 13.80 -10.84 26.07
CA GLN B 551 13.94 -12.25 26.45
C GLN B 551 12.65 -12.79 27.04
N LEU B 552 12.09 -13.79 26.38
CA LEU B 552 10.83 -14.40 26.80
C LEU B 552 11.09 -15.75 27.43
N PRO B 553 10.52 -16.01 28.62
CA PRO B 553 10.66 -17.30 29.28
C PRO B 553 10.15 -18.47 28.42
N SER B 554 9.23 -18.20 27.49
CA SER B 554 8.70 -19.25 26.63
C SER B 554 9.69 -19.65 25.53
N ARG B 555 10.42 -18.68 25.00
CA ARG B 555 11.36 -18.94 23.91
C ARG B 555 12.81 -18.96 24.35
N SER B 556 13.54 -19.98 23.89
CA SER B 556 14.94 -20.13 24.24
C SER B 556 15.81 -19.02 23.65
N SER B 557 15.58 -18.68 22.39
CA SER B 557 16.37 -17.65 21.72
C SER B 557 15.68 -16.30 21.78
N LYS B 558 16.45 -15.27 22.16
CA LYS B 558 15.93 -13.91 22.23
C LYS B 558 15.65 -13.35 20.85
N ILE B 559 14.70 -12.42 20.78
CA ILE B 559 14.40 -11.74 19.53
C ILE B 559 15.12 -10.40 19.50
N THR B 560 15.86 -10.16 18.42
CA THR B 560 16.64 -8.93 18.32
C THR B 560 16.14 -8.00 17.21
N HIS B 561 15.87 -6.75 17.57
CA HIS B 561 15.44 -5.72 16.64
C HIS B 561 16.43 -4.56 16.60
N ARG B 562 16.92 -4.26 15.41
CA ARG B 562 17.83 -3.13 15.24
C ARG B 562 17.06 -1.94 14.67
N ILE B 563 16.98 -0.86 15.44
CA ILE B 563 16.28 0.34 15.02
C ILE B 563 17.27 1.38 14.51
N HIS B 564 17.13 1.73 13.23
CA HIS B 564 17.98 2.74 12.61
C HIS B 564 17.15 3.93 12.14
N TRP B 565 17.83 4.99 11.73
CA TRP B 565 17.18 6.27 11.47
C TRP B 565 16.21 6.24 10.28
N GLU B 566 16.54 5.48 9.26
CA GLU B 566 15.70 5.37 8.07
C GLU B 566 14.43 4.58 8.37
N SER B 567 14.55 3.59 9.24
CA SER B 567 13.44 2.71 9.58
C SER B 567 12.87 3.02 10.95
N ALA B 568 13.16 4.23 11.44
CA ALA B 568 12.76 4.66 12.78
C ALA B 568 11.25 4.64 12.99
N SER B 569 10.51 5.05 11.96
CA SER B 569 9.06 5.11 12.04
C SER B 569 8.45 3.71 12.14
N LEU B 570 9.08 2.76 11.45
CA LEU B 570 8.58 1.39 11.37
C LEU B 570 8.22 0.79 12.72
N LEU B 571 6.98 0.31 12.84
CA LEU B 571 6.48 -0.31 14.06
C LEU B 571 6.82 -1.80 14.10
N ARG B 572 7.57 -2.22 15.12
CA ARG B 572 7.89 -3.63 15.28
C ARG B 572 7.01 -4.26 16.36
N SER B 573 6.42 -5.41 16.06
CA SER B 573 5.53 -6.06 17.03
C SER B 573 5.91 -7.51 17.30
N GLU B 574 5.92 -7.87 18.58
CA GLU B 574 6.09 -9.27 18.98
C GLU B 574 4.91 -9.69 19.85
N GLU B 575 4.36 -10.87 19.60
CA GLU B 575 3.15 -11.30 20.28
C GLU B 575 3.35 -12.59 21.04
N THR B 576 2.90 -12.61 22.30
CA THR B 576 2.95 -13.82 23.10
C THR B 576 1.58 -14.18 23.67
N LYS B 577 1.20 -15.44 23.53
CA LYS B 577 -0.08 -15.93 24.04
C LYS B 577 -0.08 -16.01 25.57
N GLU B 578 1.09 -16.30 26.12
CA GLU B 578 1.25 -16.45 27.56
C GLU B 578 1.37 -15.08 28.24
N ASN B 579 0.65 -14.91 29.34
CA ASN B 579 0.75 -13.68 30.14
C ASN B 579 1.93 -13.78 31.10
N GLU B 580 3.14 -13.72 30.56
CA GLU B 580 4.35 -13.83 31.37
C GLU B 580 5.16 -12.54 31.35
N GLY B 581 5.79 -12.25 32.48
CA GLY B 581 6.67 -11.10 32.57
C GLY B 581 7.93 -11.34 31.78
N PHE B 582 8.47 -10.29 31.18
CA PHE B 582 9.69 -10.42 30.41
C PHE B 582 10.60 -9.22 30.62
N THR B 583 11.79 -9.27 30.02
CA THR B 583 12.74 -8.17 30.13
C THR B 583 13.20 -7.70 28.75
N VAL B 584 13.21 -6.38 28.58
CA VAL B 584 13.70 -5.75 27.37
C VAL B 584 14.99 -5.00 27.65
N THR B 585 15.98 -5.19 26.79
CA THR B 585 17.28 -4.53 26.92
C THR B 585 17.58 -3.74 25.66
N ALA B 586 17.93 -2.47 25.84
CA ALA B 586 18.28 -1.60 24.71
C ALA B 586 19.72 -1.09 24.79
N GLU B 587 20.40 -1.13 23.66
CA GLU B 587 21.79 -0.67 23.56
C GLU B 587 21.98 0.28 22.39
N GLY B 588 23.00 1.11 22.46
CA GLY B 588 23.33 2.01 21.36
C GLY B 588 22.85 3.43 21.56
N LYS B 589 22.94 4.23 20.50
CA LYS B 589 22.64 5.65 20.58
C LYS B 589 21.31 5.98 19.92
N GLY B 590 20.51 6.80 20.59
CA GLY B 590 19.24 7.24 20.04
C GLY B 590 18.13 7.22 21.07
N GLN B 591 16.91 7.46 20.60
CA GLN B 591 15.74 7.44 21.47
C GLN B 591 14.70 6.49 20.88
N GLY B 592 14.01 5.79 21.76
CA GLY B 592 13.04 4.79 21.35
C GLY B 592 11.82 4.79 22.25
N THR B 593 10.79 4.09 21.80
CA THR B 593 9.56 3.95 22.57
C THR B 593 9.13 2.48 22.60
N LEU B 594 8.91 1.99 23.81
CA LEU B 594 8.42 0.63 24.04
C LEU B 594 7.03 0.69 24.64
N SER B 595 6.11 -0.06 24.05
CA SER B 595 4.73 -0.12 24.56
C SER B 595 4.25 -1.56 24.63
N VAL B 596 3.81 -1.99 25.81
CA VAL B 596 3.30 -3.34 26.01
C VAL B 596 1.83 -3.30 26.38
N VAL B 597 1.00 -3.83 25.47
CA VAL B 597 -0.45 -3.82 25.61
C VAL B 597 -1.01 -5.23 25.46
N THR B 598 -1.83 -5.66 26.42
CA THR B 598 -2.40 -7.01 26.40
C THR B 598 -3.88 -7.00 26.08
N MET B 599 -4.26 -7.72 25.02
CA MET B 599 -5.65 -7.83 24.62
C MET B 599 -6.28 -9.13 25.14
N TYR B 600 -7.36 -8.96 25.89
CA TYR B 600 -8.06 -10.08 26.51
C TYR B 600 -9.57 -9.89 26.46
N HIS B 601 -10.30 -10.95 26.76
CA HIS B 601 -11.75 -10.89 26.90
C HIS B 601 -12.11 -10.76 28.37
N ALA B 602 -12.84 -9.71 28.73
CA ALA B 602 -13.17 -9.43 30.11
C ALA B 602 -14.65 -9.71 30.39
N LYS B 603 -14.92 -10.49 31.43
CA LYS B 603 -16.31 -10.69 31.86
C LYS B 603 -16.94 -9.34 32.12
N ALA B 604 -18.13 -9.15 31.57
CA ALA B 604 -18.77 -7.86 31.65
C ALA B 604 -20.12 -7.90 32.37
N LYS B 605 -20.26 -7.07 33.40
CA LYS B 605 -21.58 -6.74 33.97
C LYS B 605 -21.69 -5.23 34.08
N ASP B 606 -22.77 -4.63 33.56
CA ASP B 606 -23.91 -5.34 32.99
C ASP B 606 -23.67 -5.98 31.64
N GLN B 607 -24.54 -6.92 31.32
CA GLN B 607 -24.50 -7.66 30.07
C GLN B 607 -24.52 -6.77 28.83
N LEU B 608 -23.65 -7.10 27.88
CA LEU B 608 -23.58 -6.40 26.60
C LEU B 608 -24.95 -6.30 25.94
N THR B 609 -25.67 -7.41 25.92
CA THR B 609 -26.85 -7.57 25.07
C THR B 609 -28.03 -6.64 25.41
N CYS B 610 -28.69 -6.14 24.36
CA CYS B 610 -29.84 -5.26 24.50
C CYS B 610 -29.55 -3.97 25.27
N ASN B 611 -28.49 -3.28 24.86
CA ASN B 611 -28.10 -2.02 25.48
C ASN B 611 -28.83 -0.80 24.93
N LYS B 612 -29.41 -0.96 23.75
CA LYS B 612 -30.17 0.12 23.12
C LYS B 612 -31.67 -0.10 23.26
N PHE B 613 -32.06 -1.36 23.36
CA PHE B 613 -33.47 -1.71 23.46
C PHE B 613 -33.76 -2.65 24.61
N ASP B 614 -34.83 -2.38 25.32
CA ASP B 614 -35.43 -3.34 26.23
C ASP B 614 -36.48 -4.08 25.41
N LEU B 615 -36.50 -5.40 25.51
CA LEU B 615 -37.48 -6.19 24.79
C LEU B 615 -38.01 -7.30 25.68
N LYS B 616 -39.32 -7.29 25.90
CA LYS B 616 -39.99 -8.35 26.63
C LYS B 616 -41.00 -9.01 25.70
N VAL B 617 -40.89 -10.33 25.55
CA VAL B 617 -41.79 -11.09 24.68
C VAL B 617 -42.50 -12.18 25.49
N THR B 618 -43.81 -12.32 25.26
CA THR B 618 -44.64 -13.22 26.04
C THR B 618 -45.56 -14.06 25.15
N ILE B 619 -45.67 -15.35 25.46
CA ILE B 619 -46.62 -16.21 24.75
C ILE B 619 -47.55 -16.87 25.77
N LYS B 620 -48.85 -16.68 25.60
CA LYS B 620 -49.81 -17.15 26.59
C LYS B 620 -51.01 -17.83 25.98
N PRO B 621 -51.56 -18.84 26.65
CA PRO B 621 -52.79 -19.49 26.19
C PRO B 621 -53.93 -18.49 26.04
N ALA B 622 -54.63 -18.54 24.91
CA ALA B 622 -55.71 -17.61 24.64
C ALA B 622 -57.06 -18.23 25.01
N PRO B 623 -57.92 -17.45 25.70
CA PRO B 623 -59.23 -17.87 26.24
C PRO B 623 -60.06 -18.67 25.24
N LYS B 633 -57.91 -27.05 16.91
CA LYS B 633 -57.49 -25.68 16.65
C LYS B 633 -57.02 -24.99 17.92
N ASN B 634 -55.71 -24.81 18.03
CA ASN B 634 -55.10 -24.15 19.17
C ASN B 634 -54.63 -22.76 18.78
N THR B 635 -54.95 -21.76 19.62
CA THR B 635 -54.50 -20.39 19.39
C THR B 635 -53.86 -19.82 20.64
N MET B 636 -52.85 -18.98 20.46
CA MET B 636 -52.19 -18.34 21.59
C MET B 636 -52.06 -16.84 21.36
N ILE B 637 -51.71 -16.09 22.41
CA ILE B 637 -51.49 -14.65 22.30
C ILE B 637 -50.01 -14.31 22.49
N LEU B 638 -49.48 -13.59 21.51
CA LEU B 638 -48.09 -13.15 21.54
C LEU B 638 -48.05 -11.66 21.81
N GLU B 639 -47.38 -11.30 22.91
CA GLU B 639 -47.25 -9.90 23.33
C GLU B 639 -45.80 -9.44 23.25
N ILE B 640 -45.59 -8.30 22.63
CA ILE B 640 -44.25 -7.74 22.46
C ILE B 640 -44.20 -6.33 23.04
N CYS B 641 -43.30 -6.12 23.99
CA CYS B 641 -43.13 -4.83 24.66
C CYS B 641 -41.69 -4.34 24.55
N THR B 642 -41.48 -3.24 23.81
CA THR B 642 -40.14 -2.71 23.61
C THR B 642 -39.99 -1.29 24.13
N ARG B 643 -38.83 -0.98 24.71
CA ARG B 643 -38.53 0.39 25.13
C ARG B 643 -37.13 0.80 24.75
N TYR B 644 -37.01 1.92 24.02
CA TYR B 644 -35.71 2.44 23.65
C TYR B 644 -34.98 2.97 24.90
N ARG B 645 -33.67 2.77 24.95
CA ARG B 645 -32.91 3.11 26.14
C ARG B 645 -32.12 4.41 25.96
N GLY B 646 -32.43 5.15 24.90
CA GLY B 646 -31.75 6.39 24.63
C GLY B 646 -32.35 7.55 25.40
N ASP B 647 -31.83 8.75 25.17
CA ASP B 647 -32.33 9.94 25.86
C ASP B 647 -33.63 10.43 25.25
N GLN B 648 -33.79 10.22 23.95
CA GLN B 648 -35.01 10.57 23.24
C GLN B 648 -35.59 9.34 22.57
N ASP B 649 -36.81 9.47 22.06
CA ASP B 649 -37.47 8.38 21.34
C ASP B 649 -36.66 7.97 20.12
N ALA B 650 -36.67 6.67 19.82
CA ALA B 650 -35.95 6.16 18.67
C ALA B 650 -36.66 6.57 17.40
N THR B 651 -35.92 6.67 16.31
CA THR B 651 -36.53 6.94 15.01
C THR B 651 -37.26 5.68 14.53
N MET B 652 -37.57 5.64 13.24
CA MET B 652 -38.24 4.48 12.65
C MET B 652 -37.51 3.18 12.97
N SER B 653 -38.26 2.19 13.47
CA SER B 653 -37.67 0.94 13.91
C SER B 653 -38.35 -0.29 13.32
N ILE B 654 -37.77 -1.44 13.60
CA ILE B 654 -38.21 -2.71 13.03
C ILE B 654 -38.36 -3.79 14.09
N LEU B 655 -39.52 -4.46 14.06
CA LEU B 655 -39.74 -5.71 14.75
C LEU B 655 -39.74 -6.85 13.74
N ASP B 656 -38.71 -7.70 13.81
CA ASP B 656 -38.61 -8.90 12.98
C ASP B 656 -39.09 -10.09 13.81
N ILE B 657 -40.24 -10.64 13.43
CA ILE B 657 -40.87 -11.71 14.18
C ILE B 657 -40.87 -13.02 13.39
N SER B 658 -40.41 -14.10 14.02
CA SER B 658 -40.47 -15.42 13.40
C SER B 658 -41.31 -16.34 14.27
N MET B 659 -42.20 -17.07 13.62
CA MET B 659 -43.18 -17.90 14.29
C MET B 659 -42.61 -19.19 14.84
N MET B 660 -43.28 -19.73 15.86
CA MET B 660 -42.99 -21.07 16.34
C MET B 660 -43.40 -22.05 15.25
N THR B 661 -42.84 -23.24 15.27
CA THR B 661 -43.11 -24.24 14.24
C THR B 661 -44.60 -24.58 14.14
N GLY B 662 -45.18 -24.33 12.97
CA GLY B 662 -46.57 -24.65 12.72
C GLY B 662 -47.55 -23.59 13.22
N PHE B 663 -47.07 -22.36 13.37
CA PHE B 663 -47.92 -21.26 13.80
C PHE B 663 -47.94 -20.12 12.79
N ALA B 664 -49.10 -19.46 12.68
CA ALA B 664 -49.27 -18.32 11.79
C ALA B 664 -50.05 -17.23 12.50
N PRO B 665 -49.77 -15.95 12.17
CA PRO B 665 -50.46 -14.85 12.82
C PRO B 665 -51.92 -14.75 12.39
N ASP B 666 -52.79 -14.28 13.29
CA ASP B 666 -54.19 -14.05 12.95
C ASP B 666 -54.27 -12.94 11.91
N THR B 667 -54.97 -13.21 10.82
CA THR B 667 -55.04 -12.25 9.71
C THR B 667 -55.80 -10.97 10.07
N ASP B 668 -56.91 -11.12 10.79
CA ASP B 668 -57.71 -9.98 11.20
C ASP B 668 -56.95 -9.12 12.22
N ASP B 669 -56.28 -9.78 13.15
CA ASP B 669 -55.44 -9.10 14.14
C ASP B 669 -54.34 -8.30 13.44
N LEU B 670 -53.70 -8.93 12.47
CA LEU B 670 -52.67 -8.27 11.68
C LEU B 670 -53.20 -7.06 10.92
N LYS B 671 -54.37 -7.21 10.30
CA LYS B 671 -54.97 -6.10 9.57
C LYS B 671 -55.29 -4.92 10.48
N GLN B 672 -55.88 -5.20 11.63
CA GLN B 672 -56.20 -4.15 12.59
C GLN B 672 -54.93 -3.47 13.10
N LEU B 673 -53.87 -4.25 13.25
CA LEU B 673 -52.57 -3.69 13.61
C LEU B 673 -52.02 -2.77 12.51
N ALA B 674 -52.20 -3.20 11.27
CA ALA B 674 -51.73 -2.44 10.11
C ALA B 674 -52.47 -1.11 9.96
N ASN B 675 -53.77 -1.13 10.27
CA ASN B 675 -54.55 0.11 10.20
C ASN B 675 -54.26 1.05 11.37
N GLY B 676 -53.75 0.50 12.46
CA GLY B 676 -53.37 1.29 13.60
C GLY B 676 -52.32 2.31 13.22
N VAL B 677 -52.43 3.51 13.78
CA VAL B 677 -51.51 4.59 13.48
C VAL B 677 -50.16 4.35 14.16
N ASP B 678 -49.10 4.93 13.58
CA ASP B 678 -47.75 4.89 14.14
C ASP B 678 -47.07 3.53 14.00
N ARG B 679 -47.60 2.68 13.13
CA ARG B 679 -46.91 1.47 12.72
C ARG B 679 -47.37 1.06 11.33
N TYR B 680 -46.57 0.25 10.65
CA TYR B 680 -46.85 -0.13 9.27
C TYR B 680 -46.49 -1.58 8.99
N ILE B 681 -47.41 -2.29 8.34
CA ILE B 681 -47.16 -3.65 7.87
C ILE B 681 -47.44 -3.70 6.38
N SER B 682 -46.46 -4.21 5.61
CA SER B 682 -46.54 -4.19 4.16
C SER B 682 -47.77 -4.89 3.60
N LYS B 683 -48.21 -4.41 2.44
CA LYS B 683 -49.29 -5.04 1.70
C LYS B 683 -48.85 -6.43 1.29
N TYR B 684 -47.54 -6.60 1.15
CA TYR B 684 -46.92 -7.88 0.82
C TYR B 684 -47.18 -8.95 1.88
N GLU B 685 -47.03 -8.56 3.15
CA GLU B 685 -47.25 -9.49 4.26
C GLU B 685 -48.73 -9.87 4.37
N LEU B 686 -49.59 -8.86 4.31
CA LEU B 686 -51.03 -9.07 4.46
C LEU B 686 -51.60 -9.90 3.32
N ASP B 687 -51.05 -9.72 2.12
CA ASP B 687 -51.51 -10.46 0.95
C ASP B 687 -51.18 -11.94 1.04
N LYS B 688 -50.06 -12.24 1.68
CA LYS B 688 -49.57 -13.61 1.81
C LYS B 688 -50.58 -14.51 2.50
N ALA B 689 -50.66 -15.75 2.02
CA ALA B 689 -51.54 -16.74 2.60
C ALA B 689 -51.09 -17.09 4.00
N PHE B 690 -51.97 -17.77 4.74
CA PHE B 690 -51.69 -18.22 6.10
C PHE B 690 -50.37 -18.99 6.13
N SER B 691 -50.21 -19.87 5.15
CA SER B 691 -49.01 -20.68 5.00
C SER B 691 -48.41 -20.39 3.62
N ASP B 692 -47.09 -20.57 3.45
CA ASP B 692 -46.20 -21.12 4.46
C ASP B 692 -45.34 -20.08 5.17
N ARG B 693 -45.73 -18.81 5.12
CA ARG B 693 -44.87 -17.78 5.70
C ARG B 693 -44.95 -17.68 7.21
N ASN B 694 -43.81 -17.88 7.85
CA ASN B 694 -43.72 -17.90 9.31
C ASN B 694 -42.88 -16.73 9.83
N THR B 695 -42.67 -15.75 8.96
CA THR B 695 -41.96 -14.54 9.34
C THR B 695 -42.82 -13.32 9.03
N LEU B 696 -42.68 -12.31 9.87
CA LEU B 696 -43.51 -11.12 9.81
C LEU B 696 -42.69 -9.92 10.26
N ILE B 697 -42.72 -8.85 9.48
CA ILE B 697 -42.00 -7.64 9.86
C ILE B 697 -42.97 -6.50 10.14
N ILE B 698 -42.85 -5.91 11.32
CA ILE B 698 -43.68 -4.77 11.70
C ILE B 698 -42.81 -3.54 11.85
N TYR B 699 -43.09 -2.53 11.04
CA TYR B 699 -42.32 -1.28 11.05
C TYR B 699 -42.94 -0.28 12.01
N LEU B 700 -42.14 0.15 12.98
CA LEU B 700 -42.59 1.13 13.94
C LEU B 700 -42.10 2.52 13.54
N ASP B 701 -42.99 3.51 13.69
CA ASP B 701 -42.65 4.89 13.33
C ASP B 701 -41.71 5.48 14.38
N LYS B 702 -41.68 4.85 15.55
CA LYS B 702 -40.81 5.25 16.64
C LYS B 702 -40.90 4.23 17.76
N VAL B 703 -40.04 4.37 18.77
CA VAL B 703 -40.12 3.56 19.97
C VAL B 703 -39.88 4.47 21.18
N SER B 704 -40.85 4.51 22.09
CA SER B 704 -40.76 5.36 23.27
C SER B 704 -39.53 5.04 24.11
N HIS B 705 -38.97 6.05 24.78
CA HIS B 705 -37.80 5.83 25.62
C HIS B 705 -38.17 5.92 27.09
N SER B 706 -39.40 6.36 27.36
CA SER B 706 -39.83 6.62 28.73
C SER B 706 -40.77 5.53 29.27
N GLU B 707 -41.28 4.69 28.38
CA GLU B 707 -42.19 3.61 28.75
C GLU B 707 -42.21 2.52 27.69
N ASP B 708 -42.63 1.32 28.09
CA ASP B 708 -42.76 0.22 27.16
C ASP B 708 -43.84 0.48 26.12
N ASP B 709 -43.49 0.33 24.84
CA ASP B 709 -44.50 0.30 23.79
C ASP B 709 -44.89 -1.15 23.55
N CYS B 710 -46.17 -1.46 23.75
CA CYS B 710 -46.63 -2.84 23.68
C CYS B 710 -47.64 -3.09 22.57
N LEU B 711 -47.60 -4.31 22.05
CA LEU B 711 -48.62 -4.76 21.10
C LEU B 711 -48.83 -6.25 21.30
N ALA B 712 -49.92 -6.77 20.76
CA ALA B 712 -50.23 -8.19 20.91
C ALA B 712 -51.07 -8.69 19.74
N PHE B 713 -50.82 -9.92 19.30
CA PHE B 713 -51.71 -10.55 18.32
C PHE B 713 -51.84 -12.05 18.55
N LYS B 714 -52.93 -12.62 18.04
CA LYS B 714 -53.14 -14.05 18.15
C LYS B 714 -52.39 -14.82 17.07
N VAL B 715 -51.96 -16.02 17.43
CA VAL B 715 -51.28 -16.91 16.51
C VAL B 715 -51.97 -18.28 16.52
N HIS B 716 -52.26 -18.78 15.34
CA HIS B 716 -53.00 -20.02 15.19
C HIS B 716 -52.10 -21.18 14.80
N GLN B 717 -52.23 -22.29 15.51
CA GLN B 717 -51.48 -23.50 15.21
C GLN B 717 -52.15 -24.28 14.10
N TYR B 718 -51.69 -24.10 12.87
CA TYR B 718 -52.24 -24.81 11.72
C TYR B 718 -51.60 -26.19 11.56
N PHE B 719 -50.30 -26.27 11.88
CA PHE B 719 -49.56 -27.52 11.76
C PHE B 719 -49.08 -28.00 13.13
N ASN B 720 -49.35 -29.27 13.43
CA ASN B 720 -48.91 -29.90 14.67
C ASN B 720 -47.61 -30.68 14.48
N VAL B 721 -46.62 -30.40 15.33
CA VAL B 721 -45.34 -31.13 15.28
C VAL B 721 -44.99 -31.62 16.69
N GLU B 722 -44.22 -32.70 16.76
CA GLU B 722 -43.78 -33.23 18.05
C GLU B 722 -42.82 -32.26 18.73
N LEU B 723 -41.87 -31.75 17.96
CA LEU B 723 -40.92 -30.76 18.46
C LEU B 723 -41.19 -29.37 17.89
N ILE B 724 -41.44 -28.41 18.77
CA ILE B 724 -41.72 -27.04 18.36
C ILE B 724 -40.52 -26.13 18.59
N GLN B 725 -39.98 -25.58 17.51
CA GLN B 725 -38.89 -24.64 17.60
C GLN B 725 -39.40 -23.30 18.11
N PRO B 726 -38.72 -22.75 19.15
CA PRO B 726 -39.10 -21.45 19.71
C PRO B 726 -39.12 -20.35 18.66
N GLY B 727 -40.09 -19.46 18.76
CA GLY B 727 -40.15 -18.31 17.87
C GLY B 727 -39.24 -17.21 18.38
N ALA B 728 -39.00 -16.19 17.57
CA ALA B 728 -38.10 -15.12 17.98
C ALA B 728 -38.57 -13.72 17.57
N VAL B 729 -38.22 -12.72 18.38
CA VAL B 729 -38.55 -11.33 18.06
C VAL B 729 -37.28 -10.49 18.15
N LYS B 730 -37.03 -9.68 17.13
CA LYS B 730 -35.85 -8.83 17.09
C LYS B 730 -36.26 -7.37 16.91
N VAL B 731 -35.67 -6.48 17.70
CA VAL B 731 -35.98 -5.07 17.55
C VAL B 731 -34.72 -4.24 17.28
N TYR B 732 -34.81 -3.35 16.29
CA TYR B 732 -33.68 -2.46 16.00
C TYR B 732 -34.10 -1.20 15.24
N ALA B 733 -33.36 -0.12 15.43
CA ALA B 733 -33.59 1.08 14.63
C ALA B 733 -32.96 0.86 13.26
N TYR B 734 -33.55 1.48 12.24
CA TYR B 734 -33.19 1.18 10.86
C TYR B 734 -31.73 1.51 10.53
N TYR B 735 -31.21 2.57 11.14
CA TYR B 735 -29.89 3.07 10.79
C TYR B 735 -28.76 2.21 11.36
N ASN B 736 -29.06 1.45 12.41
CA ASN B 736 -28.05 0.62 13.05
C ASN B 736 -28.58 -0.78 13.33
N LEU B 737 -28.18 -1.75 12.52
CA LEU B 737 -28.62 -3.12 12.69
C LEU B 737 -27.90 -3.81 13.85
N GLU B 738 -26.68 -3.35 14.13
CA GLU B 738 -25.86 -3.93 15.18
C GLU B 738 -26.48 -3.78 16.57
N GLU B 739 -27.12 -2.63 16.79
CA GLU B 739 -27.69 -2.32 18.10
C GLU B 739 -29.11 -2.85 18.22
N SER B 740 -29.26 -4.17 18.23
CA SER B 740 -30.56 -4.82 18.27
C SER B 740 -30.80 -5.56 19.58
N CYS B 741 -32.03 -6.04 19.78
CA CYS B 741 -32.31 -6.97 20.87
C CYS B 741 -33.18 -8.13 20.40
N THR B 742 -32.78 -9.35 20.73
CA THR B 742 -33.53 -10.54 20.35
C THR B 742 -34.04 -11.33 21.56
N ARG B 743 -35.33 -11.66 21.52
CA ARG B 743 -35.96 -12.47 22.55
C ARG B 743 -36.59 -13.72 21.92
N PHE B 744 -36.65 -14.81 22.67
CA PHE B 744 -37.27 -16.02 22.17
C PHE B 744 -38.55 -16.34 22.94
N TYR B 745 -39.45 -17.09 22.33
CA TYR B 745 -40.69 -17.46 23.01
C TYR B 745 -41.15 -18.87 22.65
N HIS B 746 -41.67 -19.57 23.67
CA HIS B 746 -42.05 -20.97 23.53
C HIS B 746 -43.08 -21.27 24.63
N PRO B 747 -44.03 -22.17 24.35
CA PRO B 747 -45.07 -22.49 25.35
C PRO B 747 -44.53 -23.28 26.53
N GLU B 748 -43.71 -24.29 26.27
CA GLU B 748 -43.18 -25.13 27.33
C GLU B 748 -42.09 -24.42 28.12
N LYS B 749 -41.38 -23.52 27.45
CA LYS B 749 -40.28 -22.80 28.08
C LYS B 749 -40.48 -21.29 27.99
N GLU B 750 -40.59 -20.65 29.15
CA GLU B 750 -40.84 -19.22 29.25
C GLU B 750 -39.72 -18.38 28.64
N ASP B 751 -38.49 -18.87 28.80
CA ASP B 751 -37.31 -18.17 28.33
C ASP B 751 -37.13 -18.31 26.82
N GLY B 752 -37.74 -19.35 26.27
CA GLY B 752 -37.63 -19.64 24.85
C GLY B 752 -36.30 -20.29 24.52
N LYS B 753 -35.55 -20.61 25.57
CA LYS B 753 -34.21 -21.16 25.45
C LYS B 753 -34.21 -22.67 25.26
N LEU B 754 -33.49 -23.13 24.24
CA LEU B 754 -33.29 -24.56 24.03
C LEU B 754 -32.65 -25.18 25.26
N ASN B 755 -33.13 -26.35 25.65
CA ASN B 755 -32.60 -27.02 26.83
C ASN B 755 -31.14 -27.38 26.71
N LYS B 756 -30.33 -26.90 27.65
CA LYS B 756 -28.92 -27.24 27.69
C LYS B 756 -28.40 -27.21 29.13
N LEU B 757 -27.32 -27.95 29.38
CA LEU B 757 -26.66 -27.89 30.67
C LEU B 757 -25.32 -27.18 30.56
N CYS B 758 -24.94 -26.47 31.61
CA CYS B 758 -23.67 -25.76 31.61
C CYS B 758 -22.85 -26.07 32.85
N ARG B 759 -21.55 -26.24 32.64
CA ARG B 759 -20.59 -26.32 33.73
C ARG B 759 -19.50 -25.29 33.46
N ASP B 760 -19.37 -24.32 34.35
CA ASP B 760 -18.45 -23.20 34.17
C ASP B 760 -18.71 -22.47 32.85
N GLU B 761 -17.76 -22.54 31.92
CA GLU B 761 -17.87 -21.84 30.64
C GLU B 761 -18.28 -22.77 29.50
N LEU B 762 -18.48 -24.05 29.83
CA LEU B 762 -18.83 -25.04 28.82
C LEU B 762 -20.28 -25.47 28.92
N CYS B 763 -20.92 -25.63 27.77
CA CYS B 763 -22.31 -26.06 27.71
C CYS B 763 -22.50 -27.22 26.73
N ARG B 764 -23.39 -28.14 27.09
CA ARG B 764 -23.76 -29.23 26.19
C ARG B 764 -25.27 -29.31 26.06
N CYS B 765 -25.73 -29.81 24.91
CA CYS B 765 -27.15 -30.00 24.67
C CYS B 765 -27.70 -31.06 25.62
N ALA B 766 -28.87 -30.80 26.18
CA ALA B 766 -29.54 -31.76 27.05
C ALA B 766 -29.81 -33.06 26.29
N GLU B 767 -29.51 -34.17 26.94
CA GLU B 767 -29.70 -35.49 26.36
C GLU B 767 -30.18 -36.46 27.44
N GLU B 768 -30.84 -37.54 27.05
CA GLU B 768 -31.23 -38.56 28.01
C GLU B 768 -30.09 -39.54 28.21
N ASN B 769 -29.17 -39.17 29.11
CA ASN B 769 -27.98 -39.95 29.39
C ASN B 769 -27.76 -40.06 30.90
N CYS B 770 -28.75 -40.61 31.61
CA CYS B 770 -28.66 -40.74 33.06
C CYS B 770 -28.12 -42.10 33.48
N PHE B 771 -27.30 -42.11 34.52
CA PHE B 771 -26.78 -43.34 35.10
C PHE B 771 -27.93 -44.27 35.47
N ILE B 772 -27.76 -45.55 35.14
CA ILE B 772 -28.79 -46.55 35.42
C ILE B 772 -28.50 -47.28 36.72
N GLN B 773 -29.43 -47.18 37.66
CA GLN B 773 -29.31 -47.81 38.96
C GLN B 773 -29.73 -49.27 38.91
N LYS B 774 -28.84 -50.15 39.36
CA LYS B 774 -29.03 -51.61 39.33
C LYS B 774 -27.95 -52.27 40.19
N SER B 775 -28.26 -53.42 40.82
CA SER B 775 -29.54 -54.09 40.72
C SER B 775 -29.86 -54.85 41.99
N ASP B 776 -31.15 -55.01 42.28
CA ASP B 776 -31.59 -55.86 43.39
C ASP B 776 -31.10 -57.31 43.24
N ASP B 777 -31.15 -57.86 42.03
CA ASP B 777 -30.82 -59.26 41.84
C ASP B 777 -29.35 -59.61 42.00
N LYS B 778 -28.48 -58.61 41.84
CA LYS B 778 -27.01 -58.74 41.87
C LYS B 778 -26.43 -59.31 40.57
N VAL B 779 -25.12 -59.15 40.37
CA VAL B 779 -24.49 -59.52 39.10
C VAL B 779 -23.22 -60.35 39.21
N THR B 780 -22.91 -61.07 38.13
CA THR B 780 -21.79 -62.01 38.06
C THR B 780 -20.46 -61.36 37.65
N LEU B 781 -19.36 -62.07 37.91
CA LEU B 781 -18.04 -61.62 37.53
C LEU B 781 -17.88 -61.60 36.00
N GLU B 782 -18.43 -62.62 35.35
CA GLU B 782 -18.33 -62.76 33.91
C GLU B 782 -19.01 -61.62 33.15
N GLU B 783 -20.09 -61.08 33.68
CA GLU B 783 -20.73 -59.92 33.05
C GLU B 783 -19.82 -58.70 33.11
N ARG B 784 -19.12 -58.53 34.24
CA ARG B 784 -18.20 -57.42 34.38
C ARG B 784 -17.09 -57.58 33.36
N LEU B 785 -16.55 -58.80 33.28
CA LEU B 785 -15.50 -59.14 32.33
C LEU B 785 -15.91 -58.89 30.88
N ASP B 786 -17.15 -59.24 30.55
CA ASP B 786 -17.67 -59.09 29.20
C ASP B 786 -17.89 -57.63 28.82
N LYS B 787 -18.50 -56.88 29.73
CA LYS B 787 -18.78 -55.47 29.50
C LYS B 787 -17.53 -54.61 29.43
N ALA B 788 -16.63 -54.80 30.39
CA ALA B 788 -15.41 -53.98 30.47
C ALA B 788 -14.42 -54.24 29.33
N CYS B 789 -14.43 -55.45 28.79
CA CYS B 789 -13.50 -55.80 27.72
C CYS B 789 -14.03 -55.39 26.35
N GLU B 790 -15.23 -54.81 26.34
CA GLU B 790 -15.81 -54.28 25.11
C GLU B 790 -14.94 -53.15 24.58
N PRO B 791 -14.89 -53.01 23.25
CA PRO B 791 -14.01 -52.00 22.62
C PRO B 791 -14.42 -50.56 22.93
N GLY B 792 -15.72 -50.34 23.14
CA GLY B 792 -16.23 -49.02 23.40
C GLY B 792 -15.72 -48.44 24.71
N VAL B 793 -15.46 -49.31 25.67
CA VAL B 793 -15.00 -48.88 26.99
C VAL B 793 -13.56 -48.37 26.92
N ASP B 794 -13.36 -47.14 27.38
CA ASP B 794 -12.07 -46.48 27.27
C ASP B 794 -11.27 -46.62 28.56
N TYR B 795 -11.97 -46.59 29.70
CA TYR B 795 -11.31 -46.62 31.00
C TYR B 795 -12.02 -47.52 32.01
N VAL B 796 -11.21 -48.14 32.88
CA VAL B 796 -11.68 -48.90 34.04
C VAL B 796 -10.81 -48.54 35.24
N TYR B 797 -11.41 -47.95 36.28
CA TYR B 797 -10.66 -47.49 37.45
C TYR B 797 -11.20 -48.05 38.76
N LYS B 798 -10.31 -48.10 39.76
CA LYS B 798 -10.71 -48.19 41.16
C LYS B 798 -10.28 -46.89 41.82
N THR B 799 -11.19 -46.26 42.56
CA THR B 799 -10.91 -44.95 43.10
C THR B 799 -11.67 -44.67 44.40
N ARG B 800 -11.28 -43.60 45.11
CA ARG B 800 -11.97 -43.22 46.33
C ARG B 800 -12.51 -41.79 46.22
N LEU B 801 -13.72 -41.59 46.72
CA LEU B 801 -14.36 -40.28 46.67
C LEU B 801 -13.72 -39.35 47.68
N VAL B 802 -13.02 -38.32 47.19
CA VAL B 802 -12.34 -37.38 48.06
C VAL B 802 -13.30 -36.31 48.56
N LYS B 803 -14.06 -35.72 47.63
CA LYS B 803 -14.97 -34.62 47.97
C LYS B 803 -16.16 -34.54 47.02
N VAL B 804 -17.34 -34.23 47.58
CA VAL B 804 -18.55 -34.00 46.78
C VAL B 804 -18.89 -32.51 46.71
N GLN B 805 -19.00 -31.98 45.50
CA GLN B 805 -19.28 -30.56 45.31
C GLN B 805 -20.56 -30.35 44.49
N LEU B 806 -21.10 -29.13 44.57
CA LEU B 806 -22.34 -28.79 43.88
C LEU B 806 -22.13 -27.74 42.81
N SER B 807 -22.72 -27.99 41.64
CA SER B 807 -22.72 -27.03 40.55
C SER B 807 -24.17 -26.70 40.23
N ASN B 808 -24.38 -25.71 39.37
CA ASN B 808 -25.75 -25.29 39.03
C ASN B 808 -26.56 -26.37 38.30
N ASP B 809 -25.92 -27.05 37.35
CA ASP B 809 -26.59 -28.10 36.59
C ASP B 809 -26.10 -29.49 36.96
N PHE B 810 -24.98 -29.57 37.67
CA PHE B 810 -24.34 -30.85 37.92
C PHE B 810 -23.96 -31.10 39.39
N ASP B 811 -23.86 -32.38 39.73
CA ASP B 811 -23.21 -32.82 40.96
C ASP B 811 -21.81 -33.26 40.59
N GLU B 812 -20.83 -32.84 41.38
CA GLU B 812 -19.43 -33.15 41.10
C GLU B 812 -18.85 -34.07 42.17
N TYR B 813 -18.04 -35.03 41.73
CA TYR B 813 -17.44 -36.00 42.63
C TYR B 813 -15.94 -36.10 42.31
N ILE B 814 -15.11 -35.66 43.25
CA ILE B 814 -13.67 -35.69 43.08
C ILE B 814 -13.12 -37.05 43.47
N MET B 815 -12.56 -37.75 42.49
CA MET B 815 -12.10 -39.11 42.67
C MET B 815 -10.58 -39.20 42.51
N ALA B 816 -9.91 -39.64 43.55
CA ALA B 816 -8.49 -39.95 43.46
C ALA B 816 -8.33 -41.39 42.98
N ILE B 817 -7.79 -41.55 41.78
CA ILE B 817 -7.62 -42.88 41.20
C ILE B 817 -6.57 -43.68 41.96
N GLU B 818 -7.02 -44.70 42.67
CA GLU B 818 -6.12 -45.55 43.43
C GLU B 818 -5.50 -46.64 42.55
N GLN B 819 -6.27 -47.13 41.58
CA GLN B 819 -5.74 -48.13 40.66
C GLN B 819 -6.34 -48.04 39.26
N THR B 820 -5.47 -48.00 38.25
CA THR B 820 -5.94 -47.99 36.87
C THR B 820 -5.98 -49.41 36.32
N ILE B 821 -7.14 -50.04 36.43
CA ILE B 821 -7.32 -51.40 35.92
C ILE B 821 -7.12 -51.41 34.41
N LYS B 822 -7.81 -50.49 33.73
CA LYS B 822 -7.58 -50.25 32.30
C LYS B 822 -7.46 -48.75 32.06
N SER B 823 -6.44 -48.35 31.29
CA SER B 823 -6.18 -46.92 31.04
C SER B 823 -6.73 -46.45 29.70
N GLY B 824 -7.27 -45.23 29.68
CA GLY B 824 -7.85 -44.66 28.48
C GLY B 824 -6.95 -43.67 27.77
N SER B 825 -7.54 -42.83 26.94
CA SER B 825 -6.79 -41.77 26.26
C SER B 825 -6.27 -40.84 27.33
N ASP B 826 -7.10 -40.59 28.33
CA ASP B 826 -6.66 -39.87 29.50
C ASP B 826 -5.73 -40.75 30.33
N GLU B 827 -4.67 -40.15 30.86
CA GLU B 827 -3.71 -40.88 31.68
C GLU B 827 -3.79 -40.35 33.10
N VAL B 828 -4.33 -41.16 34.01
CA VAL B 828 -4.51 -40.72 35.39
C VAL B 828 -3.32 -41.13 36.24
N GLN B 829 -2.41 -41.90 35.65
CA GLN B 829 -1.20 -42.33 36.33
C GLN B 829 -1.53 -43.01 37.65
N VAL B 830 -0.92 -42.56 38.73
CA VAL B 830 -1.24 -43.08 40.05
C VAL B 830 -1.53 -41.97 41.06
N GLY B 831 -2.68 -42.06 41.72
CA GLY B 831 -3.02 -41.14 42.79
C GLY B 831 -3.42 -39.74 42.34
N GLN B 832 -3.62 -39.54 41.04
CA GLN B 832 -4.10 -38.27 40.55
C GLN B 832 -5.60 -38.15 40.78
N GLN B 833 -6.15 -36.96 40.53
CA GLN B 833 -7.56 -36.70 40.76
C GLN B 833 -8.33 -36.39 39.47
N ARG B 834 -9.54 -36.93 39.36
CA ARG B 834 -10.43 -36.68 38.23
C ARG B 834 -11.83 -36.37 38.73
N THR B 835 -12.52 -35.47 38.05
CA THR B 835 -13.86 -35.09 38.46
C THR B 835 -14.93 -35.81 37.65
N PHE B 836 -15.80 -36.54 38.35
CA PHE B 836 -16.91 -37.24 37.73
C PHE B 836 -18.20 -36.48 38.01
N ILE B 837 -18.94 -36.12 36.96
CA ILE B 837 -20.14 -35.29 37.14
C ILE B 837 -21.42 -36.00 36.72
N SER B 838 -22.54 -35.55 37.30
CA SER B 838 -23.85 -36.14 36.97
C SER B 838 -24.96 -35.08 37.00
N PRO B 839 -25.82 -35.09 35.97
CA PRO B 839 -26.95 -34.15 35.89
C PRO B 839 -27.88 -34.28 37.10
N ILE B 840 -28.41 -33.16 37.57
CA ILE B 840 -29.27 -33.13 38.76
C ILE B 840 -30.49 -34.04 38.65
N LYS B 841 -31.04 -34.17 37.44
CA LYS B 841 -32.19 -35.05 37.20
C LYS B 841 -31.87 -36.52 37.44
N CYS B 842 -30.57 -36.83 37.55
CA CYS B 842 -30.12 -38.21 37.72
C CYS B 842 -29.65 -38.50 39.15
N ARG B 843 -30.10 -37.69 40.11
CA ARG B 843 -29.66 -37.82 41.50
C ARG B 843 -30.14 -39.10 42.17
N GLU B 844 -31.40 -39.47 41.92
CA GLU B 844 -32.03 -40.61 42.57
C GLU B 844 -31.32 -41.92 42.27
N ALA B 845 -30.77 -42.05 41.07
CA ALA B 845 -30.09 -43.27 40.67
C ALA B 845 -28.69 -43.39 41.29
N LEU B 846 -28.03 -42.25 41.49
CA LEU B 846 -26.69 -42.24 42.08
C LEU B 846 -26.71 -42.30 43.60
N LYS B 847 -25.80 -43.09 44.15
CA LYS B 847 -25.65 -43.22 45.61
C LYS B 847 -24.16 -43.19 45.98
N LEU B 848 -23.63 -41.98 46.15
CA LEU B 848 -22.20 -41.81 46.39
C LEU B 848 -21.90 -41.20 47.77
N GLU B 849 -20.88 -41.75 48.43
CA GLU B 849 -20.46 -41.25 49.73
C GLU B 849 -18.96 -41.00 49.74
N GLU B 850 -18.54 -39.90 50.36
CA GLU B 850 -17.13 -39.55 50.43
C GLU B 850 -16.34 -40.60 51.22
N LYS B 851 -15.04 -40.68 50.93
CA LYS B 851 -14.12 -41.60 51.63
C LYS B 851 -14.38 -43.08 51.36
N LYS B 852 -15.25 -43.38 50.40
CA LYS B 852 -15.56 -44.76 50.06
C LYS B 852 -14.99 -45.12 48.70
N HIS B 853 -14.65 -46.39 48.52
CA HIS B 853 -14.07 -46.85 47.27
C HIS B 853 -15.11 -47.30 46.25
N TYR B 854 -14.74 -47.24 44.99
CA TYR B 854 -15.64 -47.53 43.88
C TYR B 854 -14.88 -48.07 42.67
N LEU B 855 -15.50 -49.02 41.99
CA LEU B 855 -15.01 -49.49 40.70
C LEU B 855 -15.85 -48.84 39.62
N MET B 856 -15.21 -48.09 38.74
CA MET B 856 -15.93 -47.38 37.69
C MET B 856 -15.38 -47.75 36.32
N TRP B 857 -16.20 -47.62 35.28
CA TRP B 857 -15.69 -47.74 33.92
C TRP B 857 -16.60 -47.05 32.91
N GLY B 858 -16.09 -46.73 31.72
CA GLY B 858 -16.94 -46.06 30.76
C GLY B 858 -16.39 -45.70 29.40
N LEU B 859 -17.22 -44.98 28.64
CA LEU B 859 -16.91 -44.63 27.26
C LEU B 859 -16.12 -43.34 27.14
N SER B 860 -15.35 -43.23 26.06
CA SER B 860 -14.60 -42.03 25.74
C SER B 860 -15.53 -40.90 25.32
N SER B 861 -16.75 -41.26 24.92
CA SER B 861 -17.73 -40.27 24.48
C SER B 861 -18.26 -39.47 25.67
N ASP B 862 -18.00 -39.98 26.87
CA ASP B 862 -18.46 -39.34 28.10
C ASP B 862 -17.46 -38.32 28.63
N PHE B 863 -16.39 -38.10 27.89
CA PHE B 863 -15.41 -37.08 28.23
C PHE B 863 -15.97 -35.70 27.91
N TRP B 864 -15.58 -34.70 28.70
CA TRP B 864 -16.07 -33.34 28.49
C TRP B 864 -14.99 -32.30 28.78
N GLY B 865 -14.57 -31.59 27.73
CA GLY B 865 -13.52 -30.59 27.86
C GLY B 865 -12.15 -31.21 27.80
N GLU B 866 -11.13 -30.40 28.08
CA GLU B 866 -9.75 -30.84 28.08
C GLU B 866 -9.08 -30.37 29.35
N LYS B 867 -8.09 -31.13 29.83
CA LYS B 867 -7.31 -30.78 31.02
C LYS B 867 -6.62 -29.41 30.88
N PRO B 868 -6.67 -28.57 31.94
CA PRO B 868 -7.15 -28.82 33.31
C PRO B 868 -8.67 -28.92 33.36
N ASN B 869 -9.26 -29.00 34.55
CA ASN B 869 -10.72 -29.14 34.71
C ASN B 869 -11.45 -29.99 33.67
N LEU B 870 -10.86 -31.14 33.33
CA LEU B 870 -11.52 -32.11 32.48
C LEU B 870 -12.47 -32.95 33.33
N SER B 871 -13.66 -33.20 32.79
CA SER B 871 -14.69 -33.94 33.51
C SER B 871 -14.97 -35.30 32.86
N TYR B 872 -15.33 -36.26 33.70
CA TYR B 872 -15.87 -37.53 33.26
C TYR B 872 -17.36 -37.46 33.52
N ILE B 873 -18.18 -37.71 32.49
CA ILE B 873 -19.62 -37.68 32.67
C ILE B 873 -20.16 -39.06 33.03
N ILE B 874 -20.88 -39.13 34.15
CA ILE B 874 -21.56 -40.35 34.54
C ILE B 874 -22.86 -40.45 33.76
N GLY B 875 -22.81 -41.12 32.61
CA GLY B 875 -23.99 -41.31 31.79
C GLY B 875 -24.62 -42.67 32.01
N LYS B 876 -25.42 -43.11 31.05
CA LYS B 876 -26.12 -44.39 31.15
C LYS B 876 -25.17 -45.59 31.02
N ASP B 877 -24.14 -45.44 30.19
CA ASP B 877 -23.24 -46.57 29.92
C ASP B 877 -22.08 -46.64 30.90
N THR B 878 -21.98 -45.66 31.79
CA THR B 878 -20.91 -45.66 32.77
C THR B 878 -21.26 -46.53 33.96
N TRP B 879 -20.35 -47.45 34.28
CA TRP B 879 -20.54 -48.38 35.38
C TRP B 879 -19.92 -47.82 36.66
N VAL B 880 -20.67 -47.89 37.76
CA VAL B 880 -20.21 -47.46 39.06
C VAL B 880 -20.65 -48.47 40.11
N GLU B 881 -19.69 -49.09 40.80
CA GLU B 881 -20.02 -50.06 41.85
C GLU B 881 -19.27 -49.78 43.16
N HIS B 882 -20.00 -49.82 44.28
CA HIS B 882 -19.40 -49.65 45.60
C HIS B 882 -18.33 -50.72 45.88
N TRP B 883 -17.17 -50.29 46.33
CA TRP B 883 -16.12 -51.21 46.73
C TRP B 883 -15.99 -51.26 48.26
N PRO B 884 -16.32 -52.42 48.85
CA PRO B 884 -16.25 -52.60 50.30
C PRO B 884 -14.80 -52.48 50.80
N GLU B 885 -14.61 -51.90 51.98
CA GLU B 885 -13.28 -51.78 52.55
C GLU B 885 -12.74 -53.16 52.91
N GLU B 886 -11.43 -53.26 53.06
CA GLU B 886 -10.76 -54.52 53.37
C GLU B 886 -11.40 -55.20 54.58
N ASP B 887 -11.54 -54.46 55.67
CA ASP B 887 -12.19 -54.98 56.87
C ASP B 887 -13.58 -55.49 56.53
N GLU B 888 -14.34 -54.66 55.83
CA GLU B 888 -15.68 -55.02 55.38
C GLU B 888 -15.64 -56.14 54.36
N CYS B 889 -14.62 -56.15 53.51
CA CYS B 889 -14.51 -57.14 52.46
C CYS B 889 -14.43 -58.53 53.06
N GLN B 890 -13.66 -58.65 54.14
CA GLN B 890 -13.43 -59.95 54.76
C GLN B 890 -14.67 -60.58 55.40
N ASP B 891 -15.60 -59.76 55.89
CA ASP B 891 -16.83 -60.28 56.50
C ASP B 891 -17.80 -60.82 55.47
N GLU B 892 -18.80 -61.54 55.96
CA GLU B 892 -19.91 -62.01 55.14
C GLU B 892 -20.78 -60.83 54.72
N GLU B 893 -21.67 -61.07 53.78
CA GLU B 893 -22.47 -60.01 53.15
C GLU B 893 -21.68 -58.82 52.58
N ASN B 894 -20.77 -59.06 51.63
CA ASN B 894 -20.48 -60.40 51.09
C ASN B 894 -19.01 -60.61 50.76
N GLN B 895 -18.48 -61.78 51.09
CA GLN B 895 -17.13 -62.15 50.67
C GLN B 895 -17.10 -62.34 49.16
N LYS B 896 -18.24 -62.74 48.61
CA LYS B 896 -18.39 -63.03 47.19
C LYS B 896 -18.06 -61.83 46.30
N GLN B 897 -18.62 -60.68 46.64
CA GLN B 897 -18.42 -59.47 45.85
C GLN B 897 -16.96 -59.06 45.83
N CYS B 898 -16.31 -59.16 46.98
CA CYS B 898 -14.91 -58.75 47.10
C CYS B 898 -13.98 -59.71 46.38
N GLN B 899 -14.26 -61.01 46.48
CA GLN B 899 -13.49 -62.00 45.76
C GLN B 899 -13.67 -61.83 44.25
N ASP B 900 -14.89 -61.49 43.84
CA ASP B 900 -15.20 -61.25 42.44
C ASP B 900 -14.49 -60.00 41.91
N LEU B 901 -14.42 -58.95 42.72
CA LEU B 901 -13.68 -57.75 42.35
C LEU B 901 -12.19 -58.06 42.22
N GLY B 902 -11.68 -58.88 43.13
CA GLY B 902 -10.30 -59.34 43.07
C GLY B 902 -9.99 -60.10 41.78
N ALA B 903 -10.86 -61.05 41.44
CA ALA B 903 -10.71 -61.82 40.21
C ALA B 903 -10.83 -60.93 38.96
N PHE B 904 -11.76 -59.98 39.01
CA PHE B 904 -11.96 -59.02 37.91
C PHE B 904 -10.67 -58.26 37.69
N THR B 905 -10.15 -57.68 38.76
CA THR B 905 -8.88 -56.98 38.75
C THR B 905 -7.82 -57.87 38.11
N GLU B 906 -7.52 -58.99 38.77
CA GLU B 906 -6.48 -59.93 38.33
C GLU B 906 -6.54 -60.25 36.84
N SER B 907 -7.71 -60.69 36.39
CA SER B 907 -7.91 -61.03 34.99
C SER B 907 -7.61 -59.86 34.09
N MET B 908 -8.13 -58.69 34.47
CA MET B 908 -8.00 -57.49 33.66
C MET B 908 -6.59 -56.94 33.51
N VAL B 909 -5.85 -56.80 34.61
CA VAL B 909 -4.47 -56.31 34.49
C VAL B 909 -3.52 -57.37 33.92
N VAL B 910 -3.65 -58.61 34.40
CA VAL B 910 -2.74 -59.67 33.98
C VAL B 910 -2.93 -60.12 32.52
N PHE B 911 -4.17 -60.24 32.08
CA PHE B 911 -4.43 -60.73 30.72
C PHE B 911 -5.11 -59.71 29.80
N GLY B 912 -5.93 -58.82 30.36
CA GLY B 912 -6.58 -57.78 29.59
C GLY B 912 -7.68 -58.29 28.67
N CYS B 913 -7.70 -57.76 27.44
CA CYS B 913 -8.71 -58.15 26.46
C CYS B 913 -8.03 -58.71 25.23
N PRO B 914 -8.65 -59.72 24.60
CA PRO B 914 -8.07 -60.33 23.40
C PRO B 914 -8.71 -59.85 22.11
N ASN B 915 -7.91 -59.82 21.04
CA ASN B 915 -8.41 -59.50 19.72
C ASN B 915 -9.37 -60.58 19.20
N SER C 1 -38.74 -68.91 -18.96
CA SER C 1 -39.52 -68.23 -19.99
C SER C 1 -38.65 -67.42 -20.95
N CYS C 2 -39.24 -66.38 -21.53
CA CYS C 2 -38.67 -65.68 -22.69
C CYS C 2 -37.46 -64.78 -22.44
N CYS C 3 -37.47 -64.02 -21.35
CA CYS C 3 -36.41 -63.02 -21.06
C CYS C 3 -34.98 -63.53 -21.23
N THR C 4 -34.36 -63.87 -20.09
CA THR C 4 -33.07 -64.55 -19.98
C THR C 4 -32.58 -64.39 -18.56
N ILE C 5 -31.29 -64.59 -18.35
CA ILE C 5 -30.66 -64.24 -17.08
C ILE C 5 -29.70 -63.09 -17.33
N PRO C 6 -29.87 -61.98 -16.59
CA PRO C 6 -29.03 -60.81 -16.88
C PRO C 6 -27.79 -60.75 -16.00
N SER C 7 -26.68 -60.33 -16.59
CA SER C 7 -25.50 -60.01 -15.81
C SER C 7 -25.70 -58.60 -15.29
N ARG C 8 -25.01 -58.26 -14.20
CA ARG C 8 -25.14 -56.92 -13.62
C ARG C 8 -24.77 -55.86 -14.64
N PRO C 9 -25.60 -54.79 -14.74
CA PRO C 9 -25.22 -53.65 -15.57
C PRO C 9 -24.01 -53.00 -14.92
N ILE C 10 -23.23 -52.27 -15.70
CA ILE C 10 -22.03 -51.68 -15.14
C ILE C 10 -22.38 -50.59 -14.14
N ASN C 11 -21.60 -50.52 -13.06
CA ASN C 11 -21.82 -49.60 -11.95
C ASN C 11 -23.06 -49.93 -11.11
N MET C 12 -23.63 -51.11 -11.32
CA MET C 12 -24.80 -51.53 -10.55
C MET C 12 -24.61 -52.92 -9.96
N LYS C 13 -25.38 -53.20 -8.91
CA LYS C 13 -25.47 -54.53 -8.37
C LYS C 13 -26.94 -54.86 -8.24
N PHE C 14 -27.26 -56.12 -7.94
CA PHE C 14 -28.64 -56.51 -7.75
C PHE C 14 -29.13 -56.03 -6.39
N LYS C 15 -30.34 -55.47 -6.36
CA LYS C 15 -30.97 -55.04 -5.12
C LYS C 15 -31.08 -56.21 -4.15
N ASN C 16 -31.62 -57.32 -4.65
CA ASN C 16 -31.68 -58.55 -3.89
C ASN C 16 -30.50 -59.44 -4.27
N SER C 17 -29.60 -59.66 -3.31
CA SER C 17 -28.46 -60.54 -3.53
C SER C 17 -28.97 -61.94 -3.83
N VAL C 18 -30.10 -62.28 -3.22
CA VAL C 18 -30.72 -63.59 -3.37
C VAL C 18 -31.15 -63.88 -4.80
N GLU C 19 -31.41 -62.81 -5.57
CA GLU C 19 -31.92 -62.92 -6.93
C GLU C 19 -31.20 -63.97 -7.78
N THR C 20 -29.88 -63.79 -7.93
CA THR C 20 -29.07 -64.73 -8.70
C THR C 20 -29.17 -66.16 -8.18
N ASP C 21 -29.20 -66.29 -6.85
CA ASP C 21 -29.37 -67.60 -6.21
C ASP C 21 -30.73 -68.20 -6.53
N ALA C 22 -31.74 -67.36 -6.64
CA ALA C 22 -33.12 -67.82 -6.84
C ALA C 22 -33.26 -68.56 -8.16
N ASN C 23 -32.57 -68.07 -9.19
CA ASN C 23 -32.62 -68.63 -10.52
C ASN C 23 -34.04 -68.76 -11.05
N ALA C 24 -34.86 -67.77 -10.72
CA ALA C 24 -36.26 -67.76 -11.12
C ALA C 24 -36.37 -67.58 -12.63
N ASN C 25 -37.34 -68.28 -13.22
CA ASN C 25 -37.67 -68.09 -14.62
C ASN C 25 -38.41 -66.78 -14.80
N TYR C 26 -37.96 -65.97 -15.75
CA TYR C 26 -38.51 -64.64 -15.92
C TYR C 26 -39.51 -64.54 -17.07
N ASN C 27 -40.72 -64.09 -16.73
CA ASN C 27 -41.79 -63.88 -17.71
C ASN C 27 -41.73 -62.46 -18.26
N ILE C 28 -42.45 -62.22 -19.36
CA ILE C 28 -42.57 -60.89 -19.92
C ILE C 28 -43.21 -59.96 -18.90
N GLY C 29 -42.58 -58.81 -18.66
CA GLY C 29 -43.11 -57.84 -17.71
C GLY C 29 -42.49 -57.97 -16.34
N ASP C 30 -41.75 -59.06 -16.10
CA ASP C 30 -41.02 -59.21 -14.86
C ASP C 30 -39.95 -58.13 -14.74
N THR C 31 -39.68 -57.70 -13.51
CA THR C 31 -38.67 -56.68 -13.28
C THR C 31 -37.57 -57.17 -12.33
N ILE C 32 -36.37 -56.61 -12.51
CA ILE C 32 -35.27 -56.85 -11.59
C ILE C 32 -34.76 -55.49 -11.12
N GLU C 33 -34.64 -55.32 -9.82
CA GLU C 33 -34.18 -54.05 -9.28
C GLU C 33 -32.68 -54.04 -9.04
N TYR C 34 -32.06 -52.91 -9.39
CA TYR C 34 -30.63 -52.72 -9.14
C TYR C 34 -30.40 -51.65 -8.09
N LEU C 35 -29.17 -51.62 -7.57
CA LEU C 35 -28.69 -50.55 -6.72
C LEU C 35 -27.42 -50.01 -7.35
N CYS C 36 -27.18 -48.71 -7.18
CA CYS C 36 -25.95 -48.11 -7.69
C CYS C 36 -24.78 -48.52 -6.81
N LEU C 37 -23.67 -48.87 -7.44
CA LEU C 37 -22.45 -49.23 -6.73
C LEU C 37 -21.90 -48.01 -6.00
N PRO C 38 -21.04 -48.22 -4.99
CA PRO C 38 -20.47 -47.10 -4.24
C PRO C 38 -19.76 -46.11 -5.15
N GLY C 39 -19.98 -44.82 -4.92
CA GLY C 39 -19.38 -43.78 -5.75
C GLY C 39 -20.32 -43.35 -6.86
N TYR C 40 -21.51 -43.96 -6.87
CA TYR C 40 -22.51 -43.65 -7.88
C TYR C 40 -23.87 -43.34 -7.28
N ARG C 41 -24.74 -42.75 -8.09
CA ARG C 41 -26.10 -42.45 -7.69
C ARG C 41 -27.01 -42.50 -8.90
N LYS C 42 -28.32 -42.61 -8.68
CA LYS C 42 -29.26 -42.70 -9.79
C LYS C 42 -29.43 -41.38 -10.53
N GLN C 43 -29.57 -41.49 -11.84
CA GLN C 43 -29.68 -40.33 -12.72
C GLN C 43 -31.06 -39.68 -12.64
N LYS C 44 -32.09 -40.50 -12.44
CA LYS C 44 -33.45 -40.00 -12.47
C LYS C 44 -34.23 -40.34 -11.21
N MET C 45 -35.40 -39.72 -11.12
CA MET C 45 -36.32 -39.93 -10.01
CA MET C 45 -36.31 -39.94 -9.99
C MET C 45 -36.77 -41.40 -9.98
N GLY C 46 -36.96 -41.94 -8.77
CA GLY C 46 -37.46 -43.29 -8.63
C GLY C 46 -36.42 -44.40 -8.64
N PRO C 47 -36.88 -45.65 -8.72
CA PRO C 47 -36.01 -46.84 -8.65
C PRO C 47 -35.22 -47.05 -9.93
N ILE C 48 -34.13 -47.79 -9.83
CA ILE C 48 -33.36 -48.21 -10.99
C ILE C 48 -33.63 -49.69 -11.24
N TYR C 49 -34.13 -50.03 -12.42
CA TYR C 49 -34.62 -51.39 -12.63
C TYR C 49 -34.67 -51.78 -14.10
N ALA C 50 -34.74 -53.08 -14.36
CA ALA C 50 -34.88 -53.57 -15.73
C ALA C 50 -36.16 -54.37 -15.86
N LYS C 51 -36.76 -54.31 -17.04
CA LYS C 51 -38.01 -55.02 -17.31
C LYS C 51 -37.76 -56.02 -18.42
N CYS C 52 -38.26 -57.24 -18.27
CA CYS C 52 -38.16 -58.18 -19.36
C CYS C 52 -39.19 -57.88 -20.44
N THR C 53 -38.69 -57.68 -21.65
CA THR C 53 -39.54 -57.52 -22.80
C THR C 53 -39.29 -58.74 -23.68
N GLY C 54 -40.14 -58.98 -24.67
CA GLY C 54 -39.98 -60.11 -25.56
C GLY C 54 -38.61 -60.13 -26.21
N THR C 55 -38.11 -58.94 -26.52
CA THR C 55 -36.80 -58.79 -27.12
C THR C 55 -35.78 -58.34 -26.09
N GLY C 56 -35.45 -59.23 -25.16
CA GLY C 56 -34.41 -58.97 -24.17
C GLY C 56 -34.85 -58.15 -22.98
N TRP C 57 -33.87 -57.74 -22.17
CA TRP C 57 -34.12 -56.86 -21.03
C TRP C 57 -34.07 -55.41 -21.45
N THR C 58 -34.82 -54.56 -20.76
CA THR C 58 -34.81 -53.13 -21.02
C THR C 58 -34.53 -52.34 -19.74
N LEU C 59 -33.55 -51.43 -19.78
CA LEU C 59 -33.14 -50.70 -18.58
C LEU C 59 -33.86 -49.36 -18.37
N PHE C 60 -34.45 -49.20 -17.18
CA PHE C 60 -35.05 -47.95 -16.74
C PHE C 60 -34.21 -47.35 -15.60
N ASN C 61 -33.94 -46.04 -15.75
CA ASN C 61 -33.00 -45.29 -14.92
C ASN C 61 -31.56 -45.69 -15.22
N GLN C 62 -30.62 -45.01 -14.59
CA GLN C 62 -29.20 -45.29 -14.80
C GLN C 62 -28.45 -44.83 -13.56
N CYS C 63 -27.19 -45.25 -13.45
CA CYS C 63 -26.33 -44.78 -12.37
C CYS C 63 -25.16 -43.99 -12.94
N ILE C 64 -24.95 -42.80 -12.40
CA ILE C 64 -23.87 -41.95 -12.82
C ILE C 64 -23.04 -41.55 -11.61
N LYS C 65 -21.76 -41.24 -11.85
CA LYS C 65 -20.81 -40.89 -10.79
C LYS C 65 -21.29 -39.80 -9.84
N ARG C 66 -21.05 -40.01 -8.55
CA ARG C 66 -21.27 -38.97 -7.57
C ARG C 66 -20.21 -37.89 -7.72
N ARG C 67 -20.43 -36.77 -7.05
CA ARG C 67 -19.64 -35.58 -7.26
C ARG C 67 -19.00 -35.12 -5.96
N CYS C 68 -17.75 -34.69 -6.04
CA CYS C 68 -17.04 -34.18 -4.88
C CYS C 68 -17.38 -32.71 -4.65
N PRO C 69 -17.10 -32.19 -3.45
CA PRO C 69 -17.26 -30.75 -3.20
C PRO C 69 -16.40 -29.94 -4.15
N SER C 70 -16.77 -28.69 -4.37
CA SER C 70 -15.97 -27.79 -5.19
C SER C 70 -14.69 -27.48 -4.42
N PRO C 71 -13.53 -27.61 -5.09
CA PRO C 71 -12.23 -27.46 -4.45
C PRO C 71 -11.94 -26.03 -4.00
N ARG C 72 -11.33 -25.89 -2.82
CA ARG C 72 -10.88 -24.58 -2.38
C ARG C 72 -9.58 -24.28 -3.10
N ASP C 73 -9.34 -23.01 -3.40
CA ASP C 73 -8.05 -22.59 -3.93
C ASP C 73 -7.02 -22.70 -2.82
N ILE C 74 -5.75 -22.72 -3.20
CA ILE C 74 -4.68 -22.66 -2.21
C ILE C 74 -3.90 -21.35 -2.28
N ASP C 75 -3.55 -20.82 -1.12
CA ASP C 75 -2.76 -19.59 -1.03
C ASP C 75 -1.40 -19.78 -1.69
N ASN C 76 -1.01 -18.83 -2.52
CA ASN C 76 0.28 -18.86 -3.23
C ASN C 76 0.47 -20.11 -4.10
N GLY C 77 -0.64 -20.71 -4.51
CA GLY C 77 -0.59 -21.86 -5.38
C GLY C 77 -1.69 -21.87 -6.42
N HIS C 78 -1.52 -22.69 -7.46
CA HIS C 78 -2.54 -22.81 -8.48
CA HIS C 78 -2.52 -22.82 -8.51
C HIS C 78 -3.13 -24.21 -8.51
N LEU C 79 -4.40 -24.29 -8.91
CA LEU C 79 -5.13 -25.55 -8.94
C LEU C 79 -5.49 -25.98 -10.35
N ASP C 80 -5.07 -27.18 -10.75
CA ASP C 80 -5.48 -27.72 -12.05
C ASP C 80 -6.54 -28.78 -11.85
N ILE C 81 -7.79 -28.43 -12.14
CA ILE C 81 -8.92 -29.32 -11.90
C ILE C 81 -9.28 -30.12 -13.15
N GLY C 82 -9.12 -31.44 -13.04
CA GLY C 82 -9.47 -32.34 -14.12
C GLY C 82 -10.97 -32.49 -14.20
N GLY C 83 -11.61 -32.55 -13.04
CA GLY C 83 -13.06 -32.67 -12.95
C GLY C 83 -13.46 -32.70 -11.50
N VAL C 84 -14.73 -32.96 -11.22
CA VAL C 84 -15.21 -33.03 -9.85
C VAL C 84 -16.01 -34.30 -9.60
N ASP C 85 -16.20 -35.10 -10.64
CA ASP C 85 -16.89 -36.37 -10.50
C ASP C 85 -15.96 -37.46 -9.93
N PHE C 86 -16.53 -38.63 -9.70
CA PHE C 86 -15.82 -39.76 -9.11
C PHE C 86 -14.55 -40.14 -9.87
N GLY C 87 -13.42 -40.14 -9.17
CA GLY C 87 -12.15 -40.55 -9.73
C GLY C 87 -11.41 -39.46 -10.48
N SER C 88 -11.97 -38.25 -10.46
CA SER C 88 -11.29 -37.11 -11.06
C SER C 88 -10.12 -36.66 -10.19
N SER C 89 -9.20 -35.91 -10.77
CA SER C 89 -8.01 -35.48 -10.05
C SER C 89 -7.74 -33.99 -10.18
N ILE C 90 -7.18 -33.43 -9.12
CA ILE C 90 -6.69 -32.06 -9.15
C ILE C 90 -5.20 -32.07 -8.84
N THR C 91 -4.42 -31.38 -9.67
CA THR C 91 -2.98 -31.30 -9.42
C THR C 91 -2.59 -29.90 -8.99
N TYR C 92 -1.76 -29.84 -7.95
CA TYR C 92 -1.45 -28.57 -7.31
C TYR C 92 -0.07 -28.06 -7.72
N SER C 93 -0.01 -26.77 -8.04
CA SER C 93 1.26 -26.12 -8.32
C SER C 93 1.48 -24.99 -7.32
N CYS C 94 2.72 -24.54 -7.19
CA CYS C 94 3.04 -23.43 -6.31
C CYS C 94 3.66 -22.30 -7.10
N ASN C 95 3.20 -21.08 -6.84
CA ASN C 95 3.78 -19.89 -7.43
C ASN C 95 5.28 -19.79 -7.16
N SER C 96 5.98 -19.03 -8.01
CA SER C 96 7.43 -18.86 -7.87
C SER C 96 7.77 -18.23 -6.52
N GLY C 97 8.87 -18.68 -5.92
CA GLY C 97 9.26 -18.23 -4.60
C GLY C 97 8.54 -19.00 -3.51
N TYR C 98 7.84 -20.06 -3.91
CA TYR C 98 7.11 -20.93 -3.00
C TYR C 98 7.32 -22.40 -3.37
N TYR C 99 7.38 -23.25 -2.35
CA TYR C 99 7.49 -24.69 -2.56
C TYR C 99 6.30 -25.43 -1.94
N LEU C 100 5.97 -26.58 -2.51
CA LEU C 100 4.80 -27.34 -2.08
C LEU C 100 5.16 -28.33 -0.98
N ILE C 101 4.34 -28.37 0.06
CA ILE C 101 4.49 -29.40 1.10
C ILE C 101 3.19 -30.20 1.18
N GLY C 102 3.31 -31.49 1.42
CA GLY C 102 2.15 -32.38 1.36
C GLY C 102 2.01 -32.95 -0.04
N GLU C 103 0.80 -33.39 -0.38
CA GLU C 103 0.59 -34.14 -1.60
C GLU C 103 0.30 -33.23 -2.79
N TYR C 104 0.90 -33.52 -3.94
CA TYR C 104 0.77 -32.66 -5.10
C TYR C 104 -0.42 -33.04 -5.99
N LYS C 105 -1.03 -34.19 -5.70
CA LYS C 105 -2.18 -34.65 -6.48
C LYS C 105 -3.28 -35.20 -5.57
N SER C 106 -4.53 -34.83 -5.86
CA SER C 106 -5.66 -35.27 -5.05
C SER C 106 -6.76 -35.85 -5.93
N TYR C 107 -7.53 -36.80 -5.39
CA TYR C 107 -8.56 -37.48 -6.16
C TYR C 107 -9.90 -37.47 -5.44
N CYS C 108 -10.99 -37.49 -6.22
CA CYS C 108 -12.33 -37.52 -5.66
C CYS C 108 -12.76 -38.97 -5.43
N LYS C 109 -12.78 -39.39 -4.18
CA LYS C 109 -13.12 -40.77 -3.87
C LYS C 109 -14.16 -40.93 -2.77
N LEU C 110 -14.53 -42.17 -2.52
CA LEU C 110 -15.48 -42.49 -1.46
C LEU C 110 -14.72 -42.53 -0.13
N GLY C 111 -15.23 -41.81 0.86
CA GLY C 111 -14.62 -41.84 2.18
C GLY C 111 -15.54 -42.54 3.18
N SER C 112 -14.99 -42.91 4.33
CA SER C 112 -15.80 -43.48 5.41
C SER C 112 -16.94 -42.51 5.74
N THR C 113 -18.01 -43.05 6.33
CA THR C 113 -19.31 -42.36 6.48
C THR C 113 -20.02 -42.23 5.13
N GLY C 114 -19.47 -42.89 4.12
CA GLY C 114 -20.09 -42.94 2.80
C GLY C 114 -20.31 -41.59 2.13
N SER C 115 -19.34 -40.70 2.28
CA SER C 115 -19.40 -39.38 1.66
C SER C 115 -18.24 -39.16 0.70
N MET C 116 -18.51 -38.54 -0.44
CA MET C 116 -17.47 -38.23 -1.42
C MET C 116 -16.54 -37.15 -0.87
N VAL C 117 -15.25 -37.44 -0.90
CA VAL C 117 -14.24 -36.57 -0.32
C VAL C 117 -13.02 -36.45 -1.24
N TRP C 118 -12.23 -35.41 -1.04
CA TRP C 118 -10.97 -35.23 -1.74
C TRP C 118 -9.83 -35.84 -0.94
N ASN C 119 -9.12 -36.79 -1.53
CA ASN C 119 -8.03 -37.46 -0.85
C ASN C 119 -6.81 -37.65 -1.75
N PRO C 120 -5.61 -37.32 -1.22
CA PRO C 120 -5.41 -36.83 0.14
C PRO C 120 -5.83 -35.39 0.34
N LYS C 121 -5.69 -34.88 1.56
CA LYS C 121 -6.03 -33.49 1.85
C LYS C 121 -5.13 -32.56 1.06
N ALA C 122 -5.64 -31.36 0.77
CA ALA C 122 -4.92 -30.38 -0.04
C ALA C 122 -3.59 -29.97 0.58
N PRO C 123 -2.55 -29.80 -0.26
CA PRO C 123 -1.21 -29.38 0.18
C PRO C 123 -1.17 -27.91 0.56
N ILE C 124 -0.06 -27.48 1.17
CA ILE C 124 0.13 -26.10 1.57
C ILE C 124 1.37 -25.54 0.87
N CYS C 125 1.28 -24.30 0.36
CA CYS C 125 2.44 -23.63 -0.22
C CYS C 125 3.21 -22.83 0.83
N GLU C 126 4.53 -22.99 0.86
CA GLU C 126 5.38 -22.33 1.85
C GLU C 126 6.47 -21.51 1.16
N SER C 127 6.77 -20.34 1.69
CA SER C 127 7.77 -19.46 1.10
C SER C 127 9.19 -20.03 1.20
N VAL C 128 9.91 -20.02 0.08
CA VAL C 128 11.30 -20.44 0.08
C VAL C 128 12.13 -19.39 0.79
N LYS C 129 12.76 -19.76 1.90
CA LYS C 129 13.55 -18.80 2.65
C LYS C 129 14.97 -18.64 2.10
N CYS C 130 15.50 -17.43 2.27
CA CYS C 130 16.87 -17.15 1.87
C CYS C 130 17.74 -17.11 3.13
N GLN C 131 17.50 -16.12 3.98
CA GLN C 131 18.12 -16.06 5.30
C GLN C 131 19.65 -15.88 5.19
N LEU C 132 20.32 -15.71 6.33
CA LEU C 132 21.77 -15.59 6.39
C LEU C 132 22.37 -14.59 5.38
N PRO C 133 21.97 -13.30 5.48
CA PRO C 133 22.57 -12.31 4.58
C PRO C 133 24.07 -12.21 4.83
N PRO C 134 24.88 -12.51 3.79
CA PRO C 134 26.34 -12.63 3.93
C PRO C 134 27.01 -11.36 4.43
N SER C 135 27.99 -11.55 5.31
CA SER C 135 28.79 -10.45 5.83
C SER C 135 29.91 -10.12 4.85
N ILE C 136 30.35 -8.87 4.88
CA ILE C 136 31.33 -8.39 3.93
C ILE C 136 32.52 -7.75 4.65
N SER C 137 33.72 -8.11 4.20
CA SER C 137 34.95 -7.69 4.88
C SER C 137 35.12 -6.18 4.82
N ASN C 138 35.08 -5.56 6.00
CA ASN C 138 35.18 -4.10 6.15
C ASN C 138 33.97 -3.34 5.62
N GLY C 139 32.80 -3.96 5.68
CA GLY C 139 31.57 -3.30 5.26
C GLY C 139 30.35 -3.89 5.92
N ARG C 140 29.33 -3.06 6.11
CA ARG C 140 28.05 -3.53 6.65
C ARG C 140 26.91 -3.27 5.67
N HIS C 141 26.12 -4.31 5.41
CA HIS C 141 25.01 -4.18 4.47
C HIS C 141 23.82 -3.42 5.06
N ASN C 142 23.47 -3.78 6.30
CA ASN C 142 22.16 -3.57 6.92
C ASN C 142 21.35 -4.85 6.73
N GLY C 143 20.09 -4.83 7.12
CA GLY C 143 19.23 -5.97 6.93
C GLY C 143 18.23 -6.09 8.05
N TYR C 144 18.67 -6.70 9.15
CA TYR C 144 17.89 -6.77 10.37
C TYR C 144 16.57 -7.52 10.23
N ASN C 145 16.32 -8.08 9.05
CA ASN C 145 15.14 -8.92 8.83
C ASN C 145 15.55 -10.36 8.52
N ASP C 146 14.76 -11.30 9.01
CA ASP C 146 14.88 -12.70 8.67
C ASP C 146 13.49 -13.31 8.86
N PHE C 147 13.08 -14.18 7.95
CA PHE C 147 13.87 -14.61 6.79
C PHE C 147 13.51 -13.88 5.49
N TYR C 148 14.50 -13.63 4.65
CA TYR C 148 14.24 -12.99 3.37
C TYR C 148 13.70 -13.99 2.35
N THR C 149 12.86 -13.50 1.44
CA THR C 149 12.24 -14.37 0.45
C THR C 149 12.60 -13.91 -0.97
N ASP C 150 12.14 -14.65 -1.97
CA ASP C 150 12.41 -14.34 -3.37
C ASP C 150 12.05 -12.90 -3.71
N GLY C 151 13.03 -12.16 -4.24
CA GLY C 151 12.80 -10.78 -4.61
C GLY C 151 13.34 -9.80 -3.60
N SER C 152 13.64 -10.28 -2.39
CA SER C 152 14.17 -9.42 -1.33
C SER C 152 15.55 -8.88 -1.68
N VAL C 153 15.77 -7.59 -1.40
CA VAL C 153 17.02 -6.95 -1.75
C VAL C 153 17.71 -6.38 -0.51
N VAL C 154 19.01 -6.62 -0.40
CA VAL C 154 19.80 -6.02 0.67
C VAL C 154 20.95 -5.21 0.08
N THR C 155 21.06 -3.94 0.48
CA THR C 155 22.06 -3.04 -0.11
C THR C 155 23.30 -2.88 0.76
N TYR C 156 24.47 -3.16 0.20
CA TYR C 156 25.73 -3.08 0.95
C TYR C 156 26.35 -1.68 0.93
N SER C 157 27.05 -1.34 1.99
CA SER C 157 27.77 -0.06 2.08
C SER C 157 29.01 -0.19 2.95
N CYS C 158 30.15 0.22 2.42
CA CYS C 158 31.39 0.23 3.16
C CYS C 158 31.55 1.56 3.87
N ASN C 159 31.82 1.51 5.18
CA ASN C 159 32.06 2.73 5.93
C ASN C 159 33.50 3.17 5.84
N SER C 160 33.78 4.39 6.31
CA SER C 160 35.13 4.97 6.31
C SER C 160 35.70 5.20 4.91
N GLY C 161 36.97 4.86 4.74
CA GLY C 161 37.69 5.16 3.50
C GLY C 161 37.67 4.05 2.48
N TYR C 162 37.06 2.91 2.84
CA TYR C 162 36.98 1.77 1.94
C TYR C 162 36.09 2.05 0.73
N SER C 163 36.48 1.48 -0.40
CA SER C 163 35.72 1.63 -1.64
C SER C 163 34.99 0.36 -2.00
N LEU C 164 33.71 0.49 -2.31
CA LEU C 164 32.88 -0.65 -2.65
C LEU C 164 33.17 -1.13 -4.07
N ILE C 165 33.59 -2.38 -4.22
CA ILE C 165 33.76 -2.99 -5.53
C ILE C 165 32.51 -3.80 -5.86
N GLY C 166 32.03 -3.69 -7.10
CA GLY C 166 30.88 -4.46 -7.53
C GLY C 166 29.56 -3.93 -7.02
N ASN C 167 28.49 -4.68 -7.32
CA ASN C 167 27.13 -4.25 -6.99
C ASN C 167 26.81 -4.24 -5.50
N SER C 168 26.28 -3.12 -5.02
CA SER C 168 25.94 -2.96 -3.61
C SER C 168 24.67 -3.71 -3.23
N GLY C 169 23.94 -4.19 -4.23
CA GLY C 169 22.66 -4.82 -3.99
C GLY C 169 22.66 -6.30 -4.23
N VAL C 170 22.22 -7.06 -3.24
CA VAL C 170 22.08 -8.50 -3.39
C VAL C 170 20.61 -8.92 -3.38
N LEU C 171 20.27 -9.79 -4.31
CA LEU C 171 18.91 -10.28 -4.49
C LEU C 171 18.83 -11.70 -3.95
N CYS C 172 17.80 -11.97 -3.16
CA CYS C 172 17.54 -13.33 -2.71
C CYS C 172 16.66 -14.07 -3.70
N SER C 173 17.18 -15.16 -4.26
CA SER C 173 16.44 -15.97 -5.21
C SER C 173 16.74 -17.45 -5.04
N GLY C 174 15.68 -18.26 -4.95
CA GLY C 174 15.83 -19.70 -4.80
C GLY C 174 16.53 -20.07 -3.52
N GLY C 175 16.31 -19.28 -2.48
CA GLY C 175 16.92 -19.50 -1.18
C GLY C 175 18.38 -19.10 -1.17
N GLU C 176 18.86 -18.57 -2.29
CA GLU C 176 20.26 -18.26 -2.48
C GLU C 176 20.49 -16.80 -2.79
N TRP C 177 21.44 -16.19 -2.09
CA TRP C 177 21.80 -14.79 -2.29
C TRP C 177 22.67 -14.63 -3.52
N SER C 178 22.60 -13.47 -4.16
CA SER C 178 23.50 -13.17 -5.24
C SER C 178 24.84 -12.80 -4.64
N ASN C 179 25.83 -12.55 -5.50
CA ASN C 179 27.19 -12.29 -5.05
C ASN C 179 27.38 -10.93 -4.39
N PRO C 180 27.86 -10.94 -3.13
CA PRO C 180 28.17 -9.72 -2.39
C PRO C 180 29.31 -8.93 -3.03
N PRO C 181 29.29 -7.60 -2.86
CA PRO C 181 30.37 -6.72 -3.31
C PRO C 181 31.53 -6.79 -2.32
N THR C 182 32.77 -6.58 -2.74
CA THR C 182 33.84 -6.47 -1.74
C THR C 182 34.29 -5.01 -1.61
N CYS C 183 34.51 -4.57 -0.38
CA CYS C 183 34.92 -3.20 -0.15
C CYS C 183 36.37 -3.18 0.29
N GLN C 184 37.23 -2.61 -0.55
CA GLN C 184 38.65 -2.54 -0.23
C GLN C 184 39.19 -1.14 -0.40
N ILE C 185 40.25 -0.83 0.35
CA ILE C 185 40.94 0.43 0.25
C ILE C 185 41.71 0.48 -1.07
N VAL C 186 41.52 1.57 -1.81
CA VAL C 186 42.22 1.76 -3.07
C VAL C 186 42.65 3.20 -3.23
N LYS C 187 43.89 3.38 -3.70
CA LYS C 187 44.46 4.71 -3.90
C LYS C 187 45.00 4.80 -5.32
N CYS C 188 45.13 6.01 -5.84
CA CYS C 188 45.59 6.15 -7.21
C CYS C 188 46.64 7.23 -7.43
N PRO C 189 47.84 6.80 -7.85
CA PRO C 189 49.01 7.67 -8.03
C PRO C 189 48.72 8.74 -9.07
N HIS C 190 48.76 10.01 -8.66
CA HIS C 190 48.39 11.16 -9.49
C HIS C 190 48.93 11.07 -10.92
N PRO C 191 48.04 11.30 -11.90
CA PRO C 191 48.38 11.18 -13.32
C PRO C 191 49.41 12.20 -13.76
N THR C 192 50.42 11.77 -14.50
CA THR C 192 51.43 12.70 -15.02
C THR C 192 51.52 12.64 -16.53
N ILE C 193 51.57 13.81 -17.16
CA ILE C 193 51.54 13.92 -18.62
C ILE C 193 52.51 14.98 -19.12
N LEU C 194 53.41 14.59 -20.02
CA LEU C 194 54.34 15.53 -20.62
C LEU C 194 53.65 16.32 -21.72
N ASN C 195 53.48 17.62 -21.47
CA ASN C 195 52.89 18.58 -22.41
C ASN C 195 51.35 18.63 -22.41
N GLY C 196 50.74 17.96 -21.43
CA GLY C 196 49.30 17.99 -21.27
C GLY C 196 48.88 18.78 -20.04
N TYR C 197 47.79 19.52 -20.17
CA TYR C 197 47.31 20.36 -19.07
C TYR C 197 46.38 19.61 -18.12
N LEU C 198 45.64 18.64 -18.69
CA LEU C 198 44.48 17.95 -18.08
C LEU C 198 43.20 18.73 -18.40
N SER C 199 42.09 18.01 -18.60
CA SER C 199 40.83 18.65 -18.94
C SER C 199 39.86 18.65 -17.77
N SER C 200 39.62 17.49 -17.18
CA SER C 200 38.65 17.37 -16.11
C SER C 200 38.96 16.22 -15.16
N GLY C 201 38.19 16.14 -14.09
CA GLY C 201 38.38 15.12 -13.08
C GLY C 201 39.62 15.36 -12.24
N PHE C 202 40.05 16.62 -12.16
CA PHE C 202 41.26 16.95 -11.42
C PHE C 202 41.01 17.03 -9.91
N LYS C 203 40.66 15.90 -9.30
CA LYS C 203 40.46 15.85 -7.86
C LYS C 203 41.79 15.66 -7.14
N ARG C 204 41.90 16.23 -5.94
CA ARG C 204 43.10 16.10 -5.13
C ARG C 204 43.38 14.62 -4.83
N SER C 205 42.33 13.88 -4.53
CA SER C 205 42.45 12.47 -4.21
C SER C 205 41.79 11.61 -5.28
N TYR C 206 42.43 10.49 -5.61
CA TYR C 206 41.87 9.53 -6.55
C TYR C 206 41.72 8.18 -5.87
N SER C 207 40.49 7.79 -5.60
CA SER C 207 40.23 6.48 -5.04
C SER C 207 39.71 5.55 -6.12
N TYR C 208 38.39 5.53 -6.29
CA TYR C 208 37.83 4.50 -7.14
C TYR C 208 37.06 5.02 -8.36
N ASN C 209 37.40 4.45 -9.53
CA ASN C 209 36.72 4.64 -10.80
C ASN C 209 36.50 6.10 -11.21
N ASP C 210 37.42 6.94 -10.81
CA ASP C 210 37.48 8.33 -11.25
C ASP C 210 37.88 8.38 -12.70
N ASN C 211 37.62 9.50 -13.34
CA ASN C 211 37.90 9.64 -14.76
C ASN C 211 38.49 11.01 -15.09
N VAL C 212 39.31 11.05 -16.12
CA VAL C 212 39.97 12.28 -16.54
C VAL C 212 40.15 12.36 -18.05
N ASP C 213 40.31 13.58 -18.56
CA ASP C 213 40.55 13.82 -19.98
C ASP C 213 41.70 14.81 -20.12
N PHE C 214 42.40 14.78 -21.25
CA PHE C 214 43.59 15.61 -21.41
C PHE C 214 43.49 16.64 -22.53
N THR C 215 43.80 17.89 -22.22
CA THR C 215 43.98 18.91 -23.23
C THR C 215 45.44 19.33 -23.19
N CYS C 216 46.03 19.53 -24.36
CA CYS C 216 47.47 19.73 -24.45
C CYS C 216 47.91 20.65 -25.57
N LYS C 217 48.92 21.47 -25.30
CA LYS C 217 49.54 22.29 -26.34
C LYS C 217 50.25 21.40 -27.34
N TYR C 218 50.33 21.84 -28.59
CA TYR C 218 50.81 21.00 -29.69
C TYR C 218 52.23 20.48 -29.50
N GLY C 219 52.51 19.32 -30.10
CA GLY C 219 53.79 18.67 -29.97
C GLY C 219 53.77 17.62 -28.88
N TYR C 220 52.56 17.34 -28.44
CA TYR C 220 52.33 16.39 -27.35
C TYR C 220 52.54 14.94 -27.82
N LYS C 221 53.01 14.09 -26.90
CA LYS C 221 53.31 12.70 -27.23
C LYS C 221 52.07 11.79 -27.24
N LEU C 222 52.33 10.48 -27.22
CA LEU C 222 51.32 9.40 -27.26
C LEU C 222 50.13 9.53 -28.22
N SER C 223 49.32 8.48 -28.25
CA SER C 223 48.21 8.33 -29.19
C SER C 223 47.44 7.06 -28.83
N GLY C 224 46.13 7.09 -29.02
CA GLY C 224 45.45 8.26 -29.56
C GLY C 224 44.14 8.57 -28.83
N SER C 225 43.76 9.84 -28.80
CA SER C 225 42.51 10.30 -28.21
C SER C 225 42.42 10.17 -26.68
N SER C 226 43.49 9.69 -26.06
CA SER C 226 43.66 9.69 -24.60
C SER C 226 42.47 9.25 -23.73
N SER C 227 41.98 10.16 -22.91
CA SER C 227 41.09 9.85 -21.77
C SER C 227 41.77 8.91 -20.77
N SER C 228 41.14 8.70 -19.62
CA SER C 228 41.71 7.76 -18.66
C SER C 228 40.70 7.14 -17.71
N THR C 229 41.19 6.14 -16.99
CA THR C 229 40.41 5.42 -16.01
C THR C 229 41.26 5.16 -14.77
N CYS C 230 40.60 4.93 -13.64
CA CYS C 230 41.28 4.46 -12.44
C CYS C 230 40.72 3.09 -12.11
N SER C 231 41.60 2.12 -11.93
CA SER C 231 41.17 0.74 -11.73
C SER C 231 41.66 0.18 -10.40
N PRO C 232 40.96 -0.82 -9.85
CA PRO C 232 41.36 -1.48 -8.59
C PRO C 232 42.78 -2.02 -8.67
N GLY C 233 43.42 -2.15 -7.51
CA GLY C 233 44.81 -2.54 -7.46
C GLY C 233 45.70 -1.38 -7.84
N ASN C 234 45.11 -0.19 -7.90
CA ASN C 234 45.81 1.05 -8.24
C ASN C 234 46.45 1.02 -9.63
N THR C 235 46.01 0.09 -10.47
CA THR C 235 46.53 -0.03 -11.83
C THR C 235 45.66 0.79 -12.78
N TRP C 236 46.27 1.34 -13.83
CA TRP C 236 45.55 2.19 -14.77
C TRP C 236 45.76 1.66 -16.19
N GLN C 237 44.78 0.91 -16.69
CA GLN C 237 44.96 0.10 -17.91
C GLN C 237 44.79 0.77 -19.29
N PRO C 238 44.54 2.09 -19.36
CA PRO C 238 44.52 2.50 -20.76
C PRO C 238 45.28 3.80 -21.12
N GLU C 239 45.91 3.76 -22.30
CA GLU C 239 46.36 4.93 -23.08
C GLU C 239 46.61 6.25 -22.34
N LEU C 240 47.69 6.30 -21.55
CA LEU C 240 48.06 7.46 -20.74
C LEU C 240 47.83 8.80 -21.42
C1 NAG D . 17.00 11.53 -33.33
C2 NAG D . 17.18 10.00 -33.29
C3 NAG D . 16.75 9.27 -34.56
C4 NAG D . 15.49 9.85 -35.20
C5 NAG D . 15.53 11.37 -35.16
C6 NAG D . 14.24 11.96 -35.72
C7 NAG D . 18.95 8.93 -32.04
C8 NAG D . 20.42 8.86 -31.75
N2 NAG D . 18.57 9.73 -33.04
O3 NAG D . 16.53 7.92 -34.21
O4 NAG D . 15.39 9.42 -36.54
O5 NAG D . 15.71 11.81 -33.82
O6 NAG D . 14.47 13.05 -36.59
O7 NAG D . 18.15 8.29 -31.37
C1 NAG D . 14.51 8.27 -36.64
C2 NAG D . 13.36 8.55 -37.60
C3 NAG D . 12.42 7.36 -37.74
C4 NAG D . 13.15 6.01 -37.82
C5 NAG D . 14.34 5.97 -36.86
C6 NAG D . 15.16 4.70 -37.03
C7 NAG D . 11.67 9.69 -36.26
C8 NAG D . 10.31 10.17 -36.63
N2 NAG D . 12.60 9.73 -37.20
O3 NAG D . 11.66 7.56 -38.92
O4 NAG D . 12.28 4.98 -37.41
O5 NAG D . 15.16 7.10 -37.04
O6 NAG D . 16.16 4.66 -36.04
O7 NAG D . 11.89 9.30 -35.11
C1 BMA D . 11.86 4.02 -38.43
C2 BMA D . 11.18 4.61 -39.68
C3 BMA D . 10.51 3.46 -40.42
C4 BMA D . 11.55 2.36 -40.73
C5 BMA D . 12.31 1.93 -39.46
C6 BMA D . 13.46 0.98 -39.75
O2 BMA D . 12.12 5.16 -40.59
O3 BMA D . 9.89 3.89 -41.62
O4 BMA D . 10.89 1.23 -41.29
O5 BMA D . 12.86 3.11 -38.81
O6 BMA D . 14.00 0.56 -38.51
C1 FUC D . 15.29 14.03 -35.92
C2 FUC D . 15.52 15.27 -36.79
C3 FUC D . 16.56 16.21 -36.15
C4 FUC D . 16.65 16.03 -34.61
C5 FUC D . 15.28 15.57 -34.04
C6 FUC D . 15.30 15.28 -32.54
O2 FUC D . 14.31 15.97 -37.07
O3 FUC D . 17.85 15.89 -36.67
O4 FUC D . 17.69 15.12 -34.32
O5 FUC D . 14.78 14.36 -34.66
C1 NAG E . -7.53 0.14 22.31
C2 NAG E . -7.32 0.97 21.04
C3 NAG E . -7.92 2.37 21.13
C4 NAG E . -9.30 2.33 21.78
C5 NAG E . -9.20 1.53 23.07
C6 NAG E . -10.51 1.53 23.85
C7 NAG E . -5.46 1.24 19.46
C8 NAG E . -4.03 0.85 19.20
N2 NAG E . -5.90 1.08 20.72
O3 NAG E . -8.01 2.93 19.84
O4 NAG E . -9.79 3.62 22.02
O5 NAG E . -8.87 0.23 22.70
O6 NAG E . -11.42 0.69 23.18
O7 NAG E . -6.16 1.69 18.55
C1 NAG E . -10.90 3.86 21.14
C2 NAG E . -11.32 5.32 21.17
C3 NAG E . -12.53 5.54 20.28
C4 NAG E . -12.28 4.95 18.89
C5 NAG E . -11.77 3.51 18.99
C6 NAG E . -11.44 2.97 17.60
C7 NAG E . -10.75 6.33 23.29
C8 NAG E . -11.26 6.89 24.59
N2 NAG E . -11.64 5.70 22.53
O3 NAG E . -12.78 6.92 20.15
O4 NAG E . -13.49 4.96 18.16
O5 NAG E . -10.63 3.46 19.80
O6 NAG E . -10.95 1.65 17.73
O7 NAG E . -9.57 6.47 22.98
CL CL F . 15.29 23.31 -42.86
C1 GOL G . -45.13 4.83 5.43
O1 GOL G . -45.53 6.09 4.95
C2 GOL G . -45.11 3.83 4.29
O2 GOL G . -44.58 2.61 4.74
C3 GOL G . -46.52 3.62 3.77
O3 GOL G . -46.50 3.56 2.36
C1 GOL H . -30.82 31.96 -26.56
O1 GOL H . -31.88 31.05 -26.32
C2 GOL H . -29.91 32.02 -25.35
O2 GOL H . -30.67 32.14 -24.16
C3 GOL H . -29.01 33.23 -25.46
O3 GOL H . -29.01 33.95 -24.25
C1 GOL I . -41.93 22.07 -1.21
O1 GOL I . -41.17 23.04 -0.54
C2 GOL I . -41.13 21.57 -2.41
O2 GOL I . -40.83 22.65 -3.27
C3 GOL I . -41.90 20.49 -3.16
O3 GOL I . -41.29 19.24 -2.91
C1 GOL J . -17.90 -2.00 11.79
O1 GOL J . -18.34 -3.06 10.97
C2 GOL J . -16.37 -1.98 11.79
O2 GOL J . -15.89 -3.18 12.36
C3 GOL J . -15.85 -0.79 12.59
O3 GOL J . -15.55 0.28 11.71
C1 GOL K . -26.99 -8.60 -12.95
O1 GOL K . -26.59 -8.96 -14.25
C2 GOL K . -26.27 -7.33 -12.54
O2 GOL K . -26.54 -7.04 -11.18
C3 GOL K . -24.77 -7.51 -12.72
O3 GOL K . -24.23 -6.37 -13.33
C1 GOL L . -19.75 -29.26 -15.73
O1 GOL L . -19.72 -27.96 -16.26
C2 GOL L . -18.60 -29.43 -14.75
O2 GOL L . -18.83 -28.65 -13.60
C3 GOL L . -18.47 -30.89 -14.34
O3 GOL L . -17.11 -31.25 -14.32
C1 GOL M . -4.83 1.99 -7.86
O1 GOL M . -5.66 1.14 -7.09
C2 GOL M . -5.25 3.43 -7.65
O2 GOL M . -4.63 4.26 -8.61
C3 GOL M . -4.85 3.89 -6.25
O3 GOL M . -6.01 4.10 -5.48
C1 GOL N . -3.77 7.60 -1.31
O1 GOL N . -4.52 7.57 -0.11
C2 GOL N . -4.09 6.37 -2.14
O2 GOL N . -3.32 6.41 -3.32
C3 GOL N . -5.57 6.38 -2.52
O3 GOL N . -5.77 5.71 -3.74
C1 GOL O . -37.61 -11.47 0.13
O1 GOL O . -38.16 -11.07 1.37
C2 GOL O . -37.59 -10.29 -0.82
O2 GOL O . -38.86 -9.66 -0.81
C3 GOL O . -37.28 -10.78 -2.23
O3 GOL O . -37.76 -9.85 -3.17
C1 GOL P . -43.71 4.57 -3.31
O1 GOL P . -43.62 5.95 -3.04
C2 GOL P . -42.55 4.17 -4.22
O2 GOL P . -42.58 2.77 -4.45
C3 GOL P . -42.71 4.89 -5.56
O3 GOL P . -42.80 3.93 -6.59
NA NA Q . -5.87 12.66 -23.39
I IOD R . 12.25 5.86 -19.99
I IOD S . -39.68 27.08 -0.10
I IOD T . -8.65 5.13 -20.86
C1 GOL U . -38.51 -15.26 -11.65
O1 GOL U . -39.25 -15.49 -12.82
C2 GOL U . -38.39 -13.77 -11.39
O2 GOL U . -38.39 -13.11 -12.64
C3 GOL U . -39.59 -13.30 -10.59
O3 GOL U . -39.17 -12.66 -9.42
C1 GOL V . -34.23 -34.19 1.26
O1 GOL V . -33.87 -35.51 0.89
C2 GOL V . -33.54 -33.82 2.57
O2 GOL V . -34.53 -33.54 3.53
C3 GOL V . -32.69 -32.58 2.35
O3 GOL V . -31.86 -32.39 3.48
C1 GOL W . 49.16 14.31 10.40
O1 GOL W . 49.61 14.68 11.67
C2 GOL W . 48.10 15.29 9.92
O2 GOL W . 48.38 16.60 10.36
C3 GOL W . 48.06 15.28 8.40
O3 GOL W . 48.09 16.61 7.93
C1 GOL X . -11.70 -18.24 23.62
O1 GOL X . -12.06 -19.53 24.04
C2 GOL X . -10.55 -18.30 22.62
O2 GOL X . -10.87 -19.19 21.58
C3 GOL X . -10.30 -16.90 22.05
O3 GOL X . -10.74 -16.85 20.71
C1 GOL Y . 62.19 44.15 -6.18
O1 GOL Y . 61.73 44.89 -7.29
C2 GOL Y . 62.35 45.05 -4.95
O2 GOL Y . 63.06 44.36 -3.96
C3 GOL Y . 60.98 45.44 -4.43
O3 GOL Y . 60.96 45.26 -3.04
C1 GOL Z . -31.19 -24.43 35.72
O1 GOL Z . -32.24 -23.50 35.82
C2 GOL Z . -29.93 -23.83 36.34
O2 GOL Z . -29.53 -22.71 35.59
C3 GOL Z . -30.24 -23.39 37.77
O3 GOL Z . -29.16 -23.71 38.61
C1 GOL AA . 58.74 31.15 21.67
O1 GOL AA . 58.03 29.99 21.32
C2 GOL AA . 58.57 32.19 20.56
O2 GOL AA . 59.30 33.36 20.90
C3 GOL AA . 57.09 32.55 20.41
O3 GOL AA . 56.68 32.28 19.09
C1 GOL BA . 28.42 43.53 2.04
O1 GOL BA . 29.50 43.69 1.16
C2 GOL BA . 27.57 42.36 1.56
O2 GOL BA . 27.28 42.52 0.20
C3 GOL BA . 26.28 42.30 2.37
O3 GOL BA . 26.15 43.49 3.13
C1 GOL CA . -53.18 -28.98 14.54
O1 GOL CA . -53.45 -29.30 13.20
C2 GOL CA . -54.41 -28.34 15.17
O2 GOL CA . -54.71 -27.14 14.50
C3 GOL CA . -54.14 -28.03 16.64
O3 GOL CA . -54.43 -26.68 16.89
C1 GOL DA . -28.51 2.90 27.66
O1 GOL DA . -27.71 3.42 26.63
C2 GOL DA . -28.44 3.83 28.86
O2 GOL DA . -27.10 3.92 29.30
C3 GOL DA . -29.30 3.26 29.99
O3 GOL DA . -28.58 3.36 31.20
C1 GOL EA . -27.43 -35.85 30.48
O1 GOL EA . -28.66 -36.50 30.70
C2 GOL EA . -27.70 -34.49 29.85
O2 GOL EA . -28.64 -33.78 30.62
C3 GOL EA . -26.41 -33.69 29.71
O3 GOL EA . -25.31 -34.56 29.81
C1 GOL FA . 33.54 45.50 0.23
O1 GOL FA . 34.01 45.10 1.49
C2 GOL FA . 34.34 44.82 -0.88
O2 GOL FA . 35.70 45.16 -0.76
C3 GOL FA . 33.81 45.28 -2.23
O3 GOL FA . 34.87 45.45 -3.14
CL CL GA . -10.45 -22.78 -12.12
NA NA HA . -26.62 -17.95 1.87
I IOD IA . 24.22 23.92 -5.90
I IOD JA . -31.12 -40.39 -4.41
I IOD KA . 55.11 36.90 8.54
I IOD LA . 61.62 16.16 -1.15
CL CL MA . 58.08 19.13 -6.70
C1 GOL NA . -5.92 -33.69 -14.06
O1 GOL NA . -5.48 -32.70 -13.15
C2 GOL NA . -5.47 -33.32 -15.47
O2 GOL NA . -4.09 -33.03 -15.44
C3 GOL NA . -6.24 -32.09 -15.93
O3 GOL NA . -5.42 -31.30 -16.76
C1 GOL OA . -30.89 -54.68 -18.46
O1 GOL OA . -30.26 -55.22 -17.31
C2 GOL OA . -29.82 -54.24 -19.46
O2 GOL OA . -30.42 -53.84 -20.67
C3 GOL OA . -29.03 -53.08 -18.88
O3 GOL OA . -28.08 -52.65 -19.83
CL CL PA . -13.67 -32.68 0.86
CL CL QA . -29.38 -46.74 -5.72
#